data_9GA3
#
_entry.id   9GA3
#
_cell.length_a   1.00
_cell.length_b   1.00
_cell.length_c   1.00
_cell.angle_alpha   90.00
_cell.angle_beta   90.00
_cell.angle_gamma   90.00
#
_symmetry.space_group_name_H-M   'P 1'
#
loop_
_entity.id
_entity.type
_entity.pdbx_description
1 polymer 'UvrABC system protein A'
2 polymer DNA
3 polymer 'UvrABC system protein B'
4 non-polymer 'ZINC ION'
5 non-polymer "ADENOSINE-5'-DIPHOSPHATE"
#
loop_
_entity_poly.entity_id
_entity_poly.type
_entity_poly.pdbx_seq_one_letter_code
_entity_poly.pdbx_strand_id
1 'polypeptide(L)'
;MGHHHHHHHHHHSSGHIEGRHMADRLIVKGAREHNLRSVDLDLPRDALIVFTGLSGSGKSSLAFDTIFAEGQRRYVESLS
AYARQFLGQMDKPDVDFIEGLSPAVSIDQKSTNRNPRSTVGTITEVYDYLRLLYARAGTPHCPTCGERVARQTPQQIVDQ
VLAMPEGTRFLVLAPVVRTRKGEFADLFDKLNAQGYSRVRVDGVVHPLTDPPKLKKQEKHDIEVVVDRLTVKAAAKRRLT
DSVETALNLADGIVVLEFVDHELGAPHREQRFSEKLACPNGHALAVDDLEPRSFSFNSPYGACPECSGLGIRKEVDPELV
VPDPDRTLAQGAVAPWSNGHTAEYFTRMMAGLGEALGFDVDTPWRKLPAKARKAILEGADEQVHVRYRNRYGRTRSYYAD
FEGVLAFLQRKMSQTESEQMKERYEGFMRDVPCPVCAGTRLKPEILAVTLAGESKGEHGAKSIAEVCELSIADCADFLNA
LTLGPREQAIAGQVLKEIRSRLGFLLDVGLEYLSLSRAAATLSGGEAQRIRLATQIGSGLVGVLYVLDEPSIGLHQRDNR
RLIETLTRLRDLGNTLIVVEHDEDTIEHADWIVDIGPGAGEHGGRIVHSGPYDELLRNKDSITGAYLSGRESIEIPAIRR
SVDPRRQLTVVGAREHNLRGIDVSFPLGVLTSVTGVSGSGKSTLVNDILAAVLANRLNGARQVPGRHTRVTGLDYLDKLV
RVDQSPIGRTPRSNPATYTGVFDKIRTLFAATTEAKVRGYQPGRFSFNVKGGRCEACTGDGTIKIEMNFLPDVYVPCEVC
QGARYNRETLEVHYKGKTVSEVLDMSIEEAAEFFEPIAGVHRYLRTLVDVGLGYVRLGQPAPTLSGGEAQRVKLASELQK
RSTGRTVYILDEPTTGLHFDDIRKLLNVINGLVDKGNTVIVIEHNLDVIKTSDWIIDLGPEGGAGGGTVVAQGTPEDVAA
VPASYTGKFLAEVVGGGASAATSRSNRRRNVSA
;
A,B
2 'polydeoxyribonucleotide'
;(DT)(DA)(DG)(DT)(DC)(DA)(DC)(DA)(DT)(DC)(DA)(DG)(DT)(DG)(DA)(DT)(DC)(DA)(DG)(DT)
(DG)(DG)(DT)(DT)(DC)(DC)(DG)(DG)(DA)(DA)(DC)(DC)(DA)(DC)(DT)(DG)(DA)(DT)(DC)(DA)
(DC)(DT)
;
C,D
3 'polypeptide(L)'
;MGHHHHHHHHHHSSGHIEGRHMVRAGGHFEVVSPHAPAGDQPAAIDELERRINAGERDVVLLGATGTGKSATTAWLIERL
QRPTLVMAPNKTLAAQLANELREMLPHNAVEYFVSYYDYYQPEAYIAQTDTYIEKDSSINDDVERLRHSATSALLSRRDV
VVVASVSCIYGLGTPQSYLDRSVELKVGEEVPRDGLLRLLVDVQYTRNDMSFTRGSFRVRGDTVEIIPSYEELAVRIEFF
GDEIEALYYLHPLTGEVIRQVDSLRIFPATHYVAGPERMAHAVSAIEEELAERLAELESQGKLLEAQRLRMRTNYDIEMM
RQVGFCSGIENYSRHIDGRGPGTPPATLLDYFPEDFLLVIDESHVTVPQIGGMYEGDISRKRNLVEYGFRLPSACDNRPL
TWEEFADRIGQTVYLSATPGPYELSQTGGEFVEQVIRPTGLVDPKVVVKPTKGQIDDLIGEIRTRADADQRVLVTTLTKK
MAEDLTDYLLEMGIRVRYLHSEVDTLRRVELLRQLRLGDYDVLVGINLLREGLDLPEVSLVAILDADKEGFLRSSRSLIQ
TIGRAARNVSGEVHMYADKITDSMREAIDETERRRAKQIAYNEANGIDPQPLRKKIADILDQVYREADDTAVVEVGGSGR
NASRGRRAQGEPGRAVSAGVFEGRDTSAMPRAELADLIKDLTAQMMAAARDLQFELAARFRDEIADLKRELRGMDAAGLK
;
E
#
# COMPACT_ATOMS: atom_id res chain seq x y z
N MET A 22 24.25 -41.18 -9.05
CA MET A 22 23.10 -40.65 -8.25
C MET A 22 23.18 -39.13 -8.21
N ALA A 23 22.24 -38.48 -8.89
CA ALA A 23 22.20 -37.02 -8.93
C ALA A 23 22.08 -36.48 -7.51
N ASP A 24 23.12 -35.81 -7.04
CA ASP A 24 23.16 -35.23 -5.71
C ASP A 24 23.60 -33.77 -5.78
N ARG A 25 23.07 -33.03 -6.75
CA ARG A 25 23.36 -31.61 -6.89
C ARG A 25 22.12 -30.92 -7.43
N LEU A 26 21.89 -29.70 -6.93
CA LEU A 26 20.72 -28.92 -7.30
C LEU A 26 21.14 -27.75 -8.20
N ILE A 27 20.50 -27.65 -9.35
CA ILE A 27 20.85 -26.66 -10.36
C ILE A 27 19.66 -25.74 -10.61
N VAL A 28 19.95 -24.45 -10.77
CA VAL A 28 18.97 -23.45 -11.17
C VAL A 28 19.40 -22.90 -12.52
N LYS A 29 18.44 -22.63 -13.38
CA LYS A 29 18.72 -22.26 -14.77
C LYS A 29 17.83 -21.09 -15.16
N GLY A 30 18.43 -19.91 -15.29
CA GLY A 30 17.79 -18.78 -15.94
C GLY A 30 16.95 -17.89 -15.05
N ALA A 31 17.45 -17.51 -13.89
CA ALA A 31 16.68 -16.63 -13.02
C ALA A 31 16.78 -15.19 -13.51
N ARG A 32 15.61 -14.61 -13.85
CA ARG A 32 15.55 -13.25 -14.37
C ARG A 32 14.60 -12.43 -13.52
N GLU A 33 15.11 -11.42 -12.84
CA GLU A 33 14.28 -10.43 -12.16
C GLU A 33 15.16 -9.24 -11.82
N HIS A 34 14.74 -8.05 -12.22
CA HIS A 34 15.44 -6.81 -11.90
C HIS A 34 16.92 -7.01 -12.26
N ASN A 35 17.88 -6.51 -11.47
CA ASN A 35 19.28 -6.64 -11.83
C ASN A 35 19.71 -8.08 -12.06
N LEU A 36 19.10 -9.03 -11.36
CA LEU A 36 19.40 -10.44 -11.63
C LEU A 36 18.88 -10.81 -13.01
N ARG A 37 19.69 -11.53 -13.78
CA ARG A 37 19.30 -11.83 -15.16
C ARG A 37 19.89 -13.17 -15.57
N SER A 38 19.01 -14.14 -15.83
CA SER A 38 19.37 -15.44 -16.38
C SER A 38 20.46 -16.10 -15.54
N VAL A 39 20.23 -16.15 -14.24
CA VAL A 39 21.18 -16.75 -13.31
C VAL A 39 21.11 -18.26 -13.45
N ASP A 40 22.27 -18.87 -13.72
CA ASP A 40 22.44 -20.32 -13.80
C ASP A 40 23.48 -20.71 -12.76
N LEU A 41 23.27 -21.80 -12.04
CA LEU A 41 24.29 -22.27 -11.10
C LEU A 41 23.88 -23.60 -10.49
N ASP A 42 24.88 -24.41 -10.16
CA ASP A 42 24.70 -25.67 -9.45
C ASP A 42 25.31 -25.59 -8.05
N LEU A 43 24.67 -26.29 -7.11
CA LEU A 43 25.12 -26.40 -5.74
C LEU A 43 25.17 -27.87 -5.36
N PRO A 44 26.06 -28.26 -4.44
CA PRO A 44 26.06 -29.66 -3.98
C PRO A 44 24.93 -29.90 -2.98
N ARG A 45 24.12 -30.92 -3.26
CA ARG A 45 23.08 -31.31 -2.32
C ARG A 45 23.69 -32.03 -1.13
N ASP A 46 22.88 -32.18 -0.08
CA ASP A 46 23.34 -32.76 1.19
C ASP A 46 24.59 -32.02 1.67
N ALA A 47 24.58 -30.70 1.55
CA ALA A 47 25.69 -29.86 1.93
C ALA A 47 25.13 -28.56 2.50
N LEU A 48 26.00 -27.57 2.69
CA LEU A 48 25.60 -26.29 3.28
C LEU A 48 26.10 -25.17 2.38
N ILE A 49 25.24 -24.18 2.17
CA ILE A 49 25.45 -23.10 1.19
C ILE A 49 25.31 -21.77 1.90
N VAL A 50 26.22 -20.84 1.61
CA VAL A 50 26.18 -19.48 2.12
C VAL A 50 26.07 -18.52 0.94
N PHE A 51 25.49 -17.35 1.18
CA PHE A 51 25.35 -16.31 0.17
C PHE A 51 25.98 -15.02 0.66
N THR A 52 26.43 -14.21 -0.29
CA THR A 52 27.01 -12.90 0.01
C THR A 52 26.70 -11.94 -1.13
N GLY A 53 27.02 -10.67 -0.91
CA GLY A 53 26.76 -9.65 -1.91
C GLY A 53 26.54 -8.26 -1.31
N LEU A 54 25.46 -7.60 -1.72
CA LEU A 54 25.15 -6.25 -1.28
C LEU A 54 23.64 -6.08 -1.17
N SER A 55 23.22 -5.01 -0.50
CA SER A 55 21.80 -4.73 -0.36
C SER A 55 21.21 -4.40 -1.72
N GLY A 56 20.04 -4.97 -2.01
CA GLY A 56 19.43 -4.83 -3.31
C GLY A 56 20.22 -5.46 -4.43
N SER A 57 21.36 -6.09 -4.14
CA SER A 57 22.21 -6.69 -5.15
C SER A 57 21.61 -7.96 -5.74
N GLY A 58 20.55 -8.49 -5.13
CA GLY A 58 19.91 -9.70 -5.60
C GLY A 58 20.37 -10.96 -4.92
N LYS A 59 21.32 -10.89 -3.99
CA LYS A 59 21.69 -12.09 -3.24
C LYS A 59 20.49 -12.62 -2.45
N SER A 60 19.79 -11.74 -1.74
CA SER A 60 18.62 -12.15 -0.98
C SER A 60 17.49 -12.55 -1.92
N SER A 61 17.27 -11.75 -2.97
CA SER A 61 16.22 -12.06 -3.92
C SER A 61 16.43 -13.44 -4.54
N LEU A 62 17.69 -13.82 -4.74
CA LEU A 62 17.98 -15.13 -5.30
C LEU A 62 17.77 -16.22 -4.24
N ALA A 63 18.37 -16.02 -3.07
CA ALA A 63 18.33 -17.06 -2.05
C ALA A 63 16.89 -17.38 -1.64
N PHE A 64 16.06 -16.35 -1.47
CA PHE A 64 14.69 -16.53 -0.98
C PHE A 64 13.66 -16.16 -2.03
N ASP A 65 13.74 -14.96 -2.59
CA ASP A 65 12.68 -14.46 -3.45
C ASP A 65 12.53 -15.26 -4.73
N THR A 66 13.55 -16.04 -5.11
CA THR A 66 13.48 -16.85 -6.33
C THR A 66 13.66 -18.32 -6.03
N ILE A 67 14.67 -18.70 -5.23
CA ILE A 67 14.90 -20.11 -4.96
C ILE A 67 13.74 -20.69 -4.17
N PHE A 68 13.50 -20.16 -2.97
CA PHE A 68 12.39 -20.68 -2.18
C PHE A 68 11.06 -20.30 -2.82
N ALA A 69 11.00 -19.20 -3.55
CA ALA A 69 9.78 -18.91 -4.29
C ALA A 69 9.42 -20.06 -5.21
N GLU A 70 10.39 -20.52 -6.00
CA GLU A 70 10.15 -21.62 -6.92
C GLU A 70 9.93 -22.92 -6.17
N GLY A 71 10.62 -23.11 -5.04
CA GLY A 71 10.42 -24.32 -4.27
C GLY A 71 9.02 -24.41 -3.68
N GLN A 72 8.50 -23.30 -3.18
CA GLN A 72 7.16 -23.28 -2.64
C GLN A 72 6.13 -23.39 -3.75
N ARG A 73 6.43 -22.79 -4.91
CA ARG A 73 5.60 -23.04 -6.09
C ARG A 73 5.56 -24.53 -6.40
N ARG A 74 6.72 -25.18 -6.31
CA ARG A 74 6.80 -26.61 -6.58
C ARG A 74 5.97 -27.40 -5.58
N TYR A 75 6.01 -27.03 -4.30
CA TYR A 75 5.28 -27.81 -3.32
C TYR A 75 3.80 -27.47 -3.30
N VAL A 76 3.40 -26.34 -3.87
CA VAL A 76 1.96 -26.08 -4.00
C VAL A 76 1.42 -26.79 -5.23
N GLU A 77 2.20 -26.85 -6.31
CA GLU A 77 1.87 -27.77 -7.39
C GLU A 77 2.10 -29.22 -6.99
N SER A 78 2.74 -29.47 -5.84
CA SER A 78 2.75 -30.79 -5.23
C SER A 78 2.07 -30.79 -3.87
N LEU A 79 1.14 -29.86 -3.64
CA LEU A 79 0.33 -29.85 -2.43
C LEU A 79 -0.70 -30.98 -2.55
N SER A 80 -0.28 -32.17 -2.13
CA SER A 80 -1.13 -33.35 -2.24
C SER A 80 -2.46 -33.17 -1.53
N ALA A 81 -2.52 -32.28 -0.54
CA ALA A 81 -3.76 -31.92 0.12
C ALA A 81 -4.25 -30.58 -0.42
N TYR A 82 -5.39 -30.13 0.11
CA TYR A 82 -5.99 -28.87 -0.30
C TYR A 82 -6.24 -28.90 -1.81
N ALA A 83 -6.51 -27.75 -2.42
CA ALA A 83 -6.71 -27.64 -3.86
C ALA A 83 -5.39 -27.54 -4.62
N ARG A 84 -4.29 -27.99 -4.02
CA ARG A 84 -3.00 -28.05 -4.70
C ARG A 84 -2.47 -26.65 -4.96
N ASP A 91 3.04 -18.40 -8.36
CA ASP A 91 3.34 -17.36 -9.33
C ASP A 91 4.19 -17.91 -10.47
N LYS A 92 4.76 -17.00 -11.27
CA LYS A 92 5.63 -17.39 -12.37
C LYS A 92 7.08 -17.20 -11.95
N PRO A 93 7.76 -18.25 -11.47
CA PRO A 93 9.22 -18.15 -11.32
C PRO A 93 9.85 -17.94 -12.68
N ASP A 94 10.67 -16.89 -12.79
CA ASP A 94 11.26 -16.52 -14.06
C ASP A 94 12.53 -17.30 -14.31
N VAL A 95 12.43 -18.63 -14.25
CA VAL A 95 13.58 -19.51 -14.40
C VAL A 95 13.31 -20.49 -15.53
N ASP A 96 14.33 -20.69 -16.37
CA ASP A 96 14.25 -21.71 -17.39
C ASP A 96 13.96 -23.08 -16.80
N PHE A 97 14.75 -23.50 -15.81
CA PHE A 97 14.63 -24.86 -15.30
C PHE A 97 15.24 -24.97 -13.90
N ILE A 98 14.91 -26.07 -13.24
CA ILE A 98 15.54 -26.44 -11.98
C ILE A 98 15.75 -27.95 -11.99
N GLU A 99 16.79 -28.40 -11.30
CA GLU A 99 17.14 -29.81 -11.23
C GLU A 99 17.64 -30.16 -9.84
N GLY A 100 17.51 -31.43 -9.47
CA GLY A 100 17.96 -31.89 -8.17
C GLY A 100 17.23 -31.19 -7.04
N LEU A 101 15.91 -31.13 -7.15
CA LEU A 101 15.11 -30.29 -6.28
C LEU A 101 14.73 -31.02 -5.00
N SER A 102 14.51 -30.26 -3.94
CA SER A 102 14.00 -30.77 -2.69
C SER A 102 12.97 -29.78 -2.15
N PRO A 103 12.04 -30.23 -1.30
CA PRO A 103 11.09 -29.29 -0.70
C PRO A 103 11.82 -28.19 0.06
N ALA A 104 11.41 -26.96 -0.20
CA ALA A 104 12.09 -25.79 0.36
C ALA A 104 11.45 -25.38 1.67
N VAL A 105 12.28 -24.94 2.61
CA VAL A 105 11.84 -24.47 3.92
C VAL A 105 12.33 -23.04 4.08
N SER A 106 11.42 -22.14 4.49
CA SER A 106 11.80 -20.74 4.69
C SER A 106 12.16 -20.50 6.14
N ILE A 107 13.37 -19.97 6.37
CA ILE A 107 13.79 -19.56 7.69
C ILE A 107 14.41 -18.18 7.57
N ASP A 108 13.69 -17.17 8.04
CA ASP A 108 14.13 -15.79 7.95
C ASP A 108 13.49 -14.98 9.08
N GLN A 109 14.13 -13.85 9.40
CA GLN A 109 13.59 -12.96 10.41
C GLN A 109 12.17 -12.52 10.07
N LYS A 110 11.85 -12.38 8.79
CA LYS A 110 10.50 -12.01 8.38
C LYS A 110 9.48 -13.10 8.64
N SER A 111 9.83 -14.37 8.39
CA SER A 111 8.87 -15.47 8.46
C SER A 111 8.53 -15.76 9.92
N THR A 112 7.55 -14.99 10.41
CA THR A 112 7.07 -15.13 11.78
C THR A 112 5.68 -14.52 11.86
N ASN A 113 4.98 -14.81 12.97
CA ASN A 113 3.61 -14.36 13.17
C ASN A 113 3.46 -13.74 14.54
N ARG A 114 2.29 -13.16 14.79
CA ARG A 114 1.98 -12.46 16.03
C ARG A 114 0.88 -13.14 16.82
N ASN A 115 0.95 -14.47 16.95
CA ASN A 115 -0.02 -15.22 17.73
C ASN A 115 0.63 -15.64 19.04
N PRO A 116 0.39 -14.96 20.16
CA PRO A 116 1.08 -15.33 21.41
C PRO A 116 0.42 -16.45 22.18
N ARG A 117 -0.89 -16.66 22.00
CA ARG A 117 -1.64 -17.71 22.74
C ARG A 117 -0.81 -19.01 22.72
N SER A 118 -0.30 -19.46 21.57
CA SER A 118 0.57 -20.63 21.50
C SER A 118 1.92 -20.20 22.07
N THR A 119 2.13 -20.44 23.36
CA THR A 119 3.38 -20.07 23.98
C THR A 119 4.54 -20.78 23.28
N VAL A 120 5.76 -20.38 23.64
CA VAL A 120 6.93 -20.97 22.98
C VAL A 120 6.93 -22.48 23.14
N GLY A 121 6.63 -22.95 24.35
CA GLY A 121 6.64 -24.40 24.58
C GLY A 121 5.69 -25.14 23.67
N THR A 122 4.47 -24.61 23.50
CA THR A 122 3.51 -25.23 22.60
C THR A 122 3.99 -25.15 21.15
N ILE A 123 4.54 -24.00 20.76
CA ILE A 123 4.94 -23.81 19.37
C ILE A 123 6.05 -24.78 19.00
N THR A 124 7.04 -24.93 19.88
CA THR A 124 8.14 -25.85 19.64
C THR A 124 7.76 -27.30 19.92
N GLU A 125 6.57 -27.53 20.47
CA GLU A 125 6.07 -28.88 20.73
C GLU A 125 6.80 -29.55 21.88
N VAL A 126 7.87 -28.90 22.39
CA VAL A 126 8.50 -29.38 23.61
C VAL A 126 7.44 -29.77 24.62
N TYR A 127 6.38 -28.97 24.71
CA TYR A 127 5.31 -29.18 25.67
C TYR A 127 4.69 -30.56 25.52
N ASP A 128 4.44 -30.98 24.27
CA ASP A 128 3.76 -32.26 24.05
C ASP A 128 4.60 -33.43 24.53
N TYR A 129 5.90 -33.41 24.27
CA TYR A 129 6.73 -34.50 24.75
C TYR A 129 6.90 -34.46 26.27
N LEU A 130 6.93 -33.28 26.89
CA LEU A 130 6.87 -33.27 28.34
C LEU A 130 5.56 -33.86 28.84
N ARG A 131 4.47 -33.60 28.12
CA ARG A 131 3.18 -34.18 28.50
C ARG A 131 3.22 -35.70 28.39
N LEU A 132 3.85 -36.23 27.34
CA LEU A 132 4.00 -37.67 27.22
C LEU A 132 4.86 -38.23 28.35
N LEU A 133 5.94 -37.52 28.70
CA LEU A 133 6.76 -37.92 29.83
C LEU A 133 5.91 -38.02 31.11
N TYR A 134 5.10 -36.99 31.35
CA TYR A 134 4.30 -36.98 32.57
C TYR A 134 3.21 -38.04 32.51
N ALA A 135 2.74 -38.38 31.30
CA ALA A 135 1.84 -39.51 31.13
C ALA A 135 2.51 -40.80 31.57
N ARG A 136 3.77 -40.98 31.16
CA ARG A 136 4.54 -42.13 31.60
C ARG A 136 4.97 -42.01 33.06
N ALA A 137 4.72 -40.86 33.69
CA ALA A 137 5.07 -40.61 35.09
C ALA A 137 3.85 -40.68 36.00
N GLY A 138 2.95 -41.64 35.77
CA GLY A 138 1.74 -41.75 36.56
C GLY A 138 1.96 -41.69 38.06
N THR A 139 1.51 -40.60 38.69
CA THR A 139 1.69 -40.39 40.12
C THR A 139 0.54 -39.55 40.64
N PRO A 140 -0.60 -40.18 40.97
CA PRO A 140 -1.79 -39.41 41.34
C PRO A 140 -1.69 -38.74 42.71
N HIS A 141 -0.57 -38.93 43.41
CA HIS A 141 -0.37 -38.31 44.71
C HIS A 141 -1.40 -38.84 45.70
N CYS A 142 -1.22 -38.53 46.99
CA CYS A 142 -2.13 -39.06 48.01
C CYS A 142 -3.57 -38.63 47.76
N PRO A 143 -3.88 -37.34 47.52
CA PRO A 143 -5.28 -36.97 47.27
C PRO A 143 -5.70 -37.24 45.83
N ASP A 287 -1.18 -43.20 36.95
CA ASP A 287 -2.63 -43.17 37.03
C ASP A 287 -3.18 -41.79 36.69
N ASP A 288 -4.23 -41.75 35.88
CA ASP A 288 -4.86 -40.50 35.45
C ASP A 288 -3.89 -39.60 34.70
N LEU A 289 -2.79 -40.16 34.20
CA LEU A 289 -1.73 -39.39 33.57
C LEU A 289 -1.58 -39.84 32.12
N GLU A 290 -2.14 -39.06 31.21
CA GLU A 290 -1.93 -39.18 29.78
C GLU A 290 -1.55 -37.81 29.23
N PRO A 291 -0.86 -37.76 28.08
CA PRO A 291 -0.41 -36.44 27.59
C PRO A 291 -1.55 -35.47 27.37
N ARG A 292 -2.74 -35.98 27.04
CA ARG A 292 -3.91 -35.12 26.90
C ARG A 292 -4.25 -34.44 28.21
N SER A 293 -4.20 -35.17 29.33
CA SER A 293 -4.59 -34.61 30.62
C SER A 293 -3.64 -33.50 31.06
N PHE A 294 -2.45 -33.42 30.50
CA PHE A 294 -1.50 -32.36 30.84
C PHE A 294 -1.57 -31.16 29.90
N SER A 295 -2.32 -31.26 28.81
CA SER A 295 -2.29 -30.24 27.76
C SER A 295 -3.31 -29.16 28.09
N PHE A 296 -2.85 -28.09 28.74
CA PHE A 296 -3.67 -26.90 28.94
C PHE A 296 -4.16 -26.30 27.64
N ASN A 297 -3.53 -26.65 26.51
CA ASN A 297 -4.00 -26.16 25.22
C ASN A 297 -5.47 -26.48 25.01
N SER A 298 -5.92 -27.60 25.57
CA SER A 298 -7.31 -28.04 25.48
C SER A 298 -7.75 -28.52 26.85
N PRO A 299 -9.06 -28.50 27.15
CA PRO A 299 -9.49 -28.47 28.55
C PRO A 299 -9.52 -29.80 29.30
N TYR A 300 -8.89 -30.86 28.81
CA TYR A 300 -8.77 -32.06 29.64
C TYR A 300 -8.00 -31.74 30.91
N GLY A 301 -6.90 -30.99 30.80
CA GLY A 301 -6.13 -30.58 31.94
C GLY A 301 -6.28 -29.09 32.22
N ALA A 302 -6.45 -28.31 31.16
CA ALA A 302 -6.48 -26.86 31.28
C ALA A 302 -7.38 -26.43 32.43
N CYS A 303 -6.97 -25.35 33.10
CA CYS A 303 -7.70 -24.82 34.24
C CYS A 303 -9.18 -24.68 33.89
N PRO A 304 -10.10 -25.01 34.80
CA PRO A 304 -11.52 -24.96 34.42
C PRO A 304 -12.00 -23.56 34.07
N GLU A 305 -11.47 -22.54 34.76
CA GLU A 305 -11.91 -21.17 34.54
C GLU A 305 -11.38 -20.61 33.22
N CYS A 306 -10.06 -20.52 33.08
CA CYS A 306 -9.48 -19.92 31.89
C CYS A 306 -9.41 -20.91 30.73
N SER A 307 -9.66 -22.19 30.97
CA SER A 307 -9.53 -23.22 29.94
C SER A 307 -8.16 -23.17 29.27
N GLY A 308 -7.13 -22.89 30.06
CA GLY A 308 -5.78 -22.78 29.53
C GLY A 308 -5.52 -21.54 28.72
N LEU A 309 -6.27 -20.45 28.94
CA LEU A 309 -6.08 -19.21 28.21
C LEU A 309 -5.17 -18.30 29.03
N GLY A 310 -4.12 -17.79 28.40
CA GLY A 310 -3.12 -17.05 29.14
C GLY A 310 -3.68 -15.86 29.89
N ILE A 311 -4.66 -15.18 29.30
CA ILE A 311 -5.22 -13.95 29.85
C ILE A 311 -6.73 -13.98 29.71
N ARG A 312 -7.43 -13.61 30.77
CA ARG A 312 -8.89 -13.50 30.70
C ARG A 312 -9.26 -12.39 29.75
N LYS A 313 -10.23 -12.65 28.85
CA LYS A 313 -10.67 -11.63 27.87
C LYS A 313 -11.72 -10.77 28.57
N GLU A 314 -11.25 -9.73 29.28
CA GLU A 314 -12.18 -8.78 29.93
C GLU A 314 -12.37 -7.60 28.96
N VAL A 315 -13.07 -6.55 29.36
CA VAL A 315 -13.29 -5.35 28.50
C VAL A 315 -12.95 -4.09 29.32
N ASP A 316 -12.19 -3.14 28.75
CA ASP A 316 -11.77 -1.93 29.46
C ASP A 316 -12.84 -0.85 29.31
N PRO A 317 -13.51 -0.43 30.38
CA PRO A 317 -14.51 0.63 30.24
C PRO A 317 -13.94 1.91 29.67
N GLU A 318 -12.71 2.26 30.04
CA GLU A 318 -12.11 3.51 29.54
C GLU A 318 -11.86 3.44 28.05
N LEU A 319 -11.28 2.33 27.56
CA LEU A 319 -11.04 2.21 26.13
C LEU A 319 -12.35 2.16 25.36
N VAL A 320 -13.36 1.44 25.88
CA VAL A 320 -14.63 1.38 25.19
C VAL A 320 -15.29 2.75 25.15
N VAL A 321 -15.13 3.53 26.21
CA VAL A 321 -15.72 4.86 26.33
C VAL A 321 -14.61 5.84 26.72
N PRO A 322 -13.86 6.36 25.75
CA PRO A 322 -12.78 7.29 26.11
C PRO A 322 -13.28 8.61 26.67
N ASP A 323 -14.34 9.18 26.10
CA ASP A 323 -14.86 10.48 26.52
C ASP A 323 -16.28 10.30 27.08
N PRO A 324 -16.44 10.23 28.40
CA PRO A 324 -17.80 10.06 28.96
C PRO A 324 -18.70 11.27 28.77
N ASP A 325 -18.13 12.47 28.59
CA ASP A 325 -18.96 13.68 28.51
C ASP A 325 -19.93 13.61 27.34
N ARG A 326 -19.57 12.91 26.27
CA ARG A 326 -20.44 12.80 25.11
C ARG A 326 -21.67 11.94 25.42
N THR A 327 -22.78 12.29 24.79
CA THR A 327 -24.02 11.56 25.00
C THR A 327 -23.90 10.11 24.53
N LEU A 328 -24.59 9.22 25.22
CA LEU A 328 -24.61 7.81 24.82
C LEU A 328 -25.17 7.66 23.41
N ALA A 329 -26.12 8.51 23.04
CA ALA A 329 -26.69 8.44 21.70
C ALA A 329 -25.64 8.76 20.64
N GLN A 330 -24.76 9.73 20.92
CA GLN A 330 -23.71 10.06 19.96
C GLN A 330 -22.81 8.86 19.70
N GLY A 331 -22.44 8.14 20.76
CA GLY A 331 -21.73 6.88 20.62
C GLY A 331 -20.23 7.00 20.75
N ALA A 332 -19.63 6.07 21.49
CA ALA A 332 -18.20 6.04 21.74
C ALA A 332 -17.48 4.88 21.08
N VAL A 333 -18.16 3.76 20.84
CA VAL A 333 -17.54 2.59 20.25
C VAL A 333 -17.58 2.73 18.72
N ALA A 334 -16.53 2.22 18.06
CA ALA A 334 -16.42 2.41 16.63
C ALA A 334 -17.63 1.91 15.85
N PRO A 335 -18.16 0.70 16.10
CA PRO A 335 -19.31 0.24 15.32
C PRO A 335 -20.53 1.13 15.43
N TRP A 336 -20.51 2.12 16.33
CA TRP A 336 -21.64 3.02 16.50
C TRP A 336 -21.54 4.27 15.65
N SER A 337 -20.47 4.42 14.85
CA SER A 337 -20.14 5.71 14.24
C SER A 337 -20.30 5.75 12.74
N ASN A 338 -19.71 4.81 12.00
CA ASN A 338 -19.52 4.95 10.56
C ASN A 338 -20.56 4.16 9.78
N GLY A 339 -21.36 4.86 8.98
CA GLY A 339 -22.12 4.27 7.90
C GLY A 339 -23.49 3.77 8.33
N HIS A 340 -24.23 3.29 7.32
CA HIS A 340 -25.50 2.61 7.58
C HIS A 340 -25.33 1.44 8.54
N THR A 341 -24.17 0.78 8.51
CA THR A 341 -23.88 -0.22 9.52
C THR A 341 -23.88 0.39 10.91
N ALA A 342 -23.29 1.58 11.06
CA ALA A 342 -23.31 2.25 12.35
C ALA A 342 -24.72 2.66 12.74
N GLU A 343 -25.56 3.03 11.77
CA GLU A 343 -26.94 3.37 12.15
C GLU A 343 -27.68 2.12 12.62
N TYR A 344 -27.41 0.97 12.00
CA TYR A 344 -27.99 -0.28 12.48
C TYR A 344 -27.54 -0.57 13.91
N PHE A 345 -26.24 -0.40 14.18
CA PHE A 345 -25.73 -0.65 15.53
C PHE A 345 -26.35 0.30 16.55
N THR A 346 -26.50 1.58 16.17
CA THR A 346 -27.13 2.54 17.06
C THR A 346 -28.60 2.21 17.31
N ARG A 347 -29.30 1.71 16.28
CA ARG A 347 -30.67 1.27 16.48
C ARG A 347 -30.74 0.10 17.45
N MET A 348 -29.80 -0.84 17.34
CA MET A 348 -29.78 -1.96 18.28
C MET A 348 -29.47 -1.48 19.69
N MET A 349 -28.59 -0.49 19.82
CA MET A 349 -28.29 0.09 21.13
C MET A 349 -29.52 0.78 21.71
N ALA A 350 -30.28 1.50 20.89
CA ALA A 350 -31.53 2.09 21.36
C ALA A 350 -32.51 1.01 21.81
N GLY A 351 -32.57 -0.09 21.07
CA GLY A 351 -33.38 -1.22 21.52
C GLY A 351 -32.94 -1.74 22.87
N LEU A 352 -31.63 -1.90 23.05
CA LEU A 352 -31.11 -2.34 24.35
C LEU A 352 -31.50 -1.36 25.45
N GLY A 353 -31.42 -0.06 25.16
CA GLY A 353 -31.83 0.93 26.15
C GLY A 353 -33.30 0.80 26.53
N GLU A 354 -34.18 0.79 25.53
CA GLU A 354 -35.61 0.69 25.83
C GLU A 354 -35.97 -0.63 26.49
N ALA A 355 -35.17 -1.68 26.29
CA ALA A 355 -35.44 -2.96 26.93
C ALA A 355 -34.95 -2.99 28.38
N LEU A 356 -33.64 -2.81 28.58
CA LEU A 356 -33.07 -2.91 29.91
C LEU A 356 -33.59 -1.79 30.81
N GLY A 357 -33.54 -0.54 30.35
CA GLY A 357 -33.99 0.58 31.15
C GLY A 357 -32.93 1.64 31.37
N PHE A 358 -31.95 1.71 30.48
CA PHE A 358 -30.95 2.76 30.50
C PHE A 358 -31.23 3.76 29.39
N ASP A 359 -31.18 5.05 29.74
CA ASP A 359 -31.46 6.08 28.76
C ASP A 359 -30.42 6.05 27.65
N VAL A 360 -30.88 6.25 26.41
CA VAL A 360 -30.00 6.14 25.25
C VAL A 360 -29.20 7.40 24.99
N ASP A 361 -29.65 8.56 25.49
CA ASP A 361 -29.01 9.83 25.19
C ASP A 361 -28.25 10.42 26.38
N THR A 362 -28.24 9.76 27.53
CA THR A 362 -27.53 10.29 28.68
C THR A 362 -26.04 10.04 28.53
N PRO A 363 -25.19 11.07 28.63
CA PRO A 363 -23.74 10.83 28.56
C PRO A 363 -23.29 9.91 29.67
N TRP A 364 -22.23 9.14 29.38
CA TRP A 364 -21.68 8.23 30.38
C TRP A 364 -21.34 8.97 31.66
N ARG A 365 -20.85 10.20 31.55
CA ARG A 365 -20.55 10.98 32.75
C ARG A 365 -21.81 11.21 33.58
N LYS A 366 -22.92 11.52 32.92
CA LYS A 366 -24.18 11.73 33.63
C LYS A 366 -24.95 10.44 33.85
N LEU A 367 -24.47 9.32 33.33
CA LEU A 367 -25.17 8.05 33.48
C LEU A 367 -24.77 7.40 34.81
N PRO A 368 -25.67 6.60 35.40
CA PRO A 368 -25.27 5.78 36.54
C PRO A 368 -24.19 4.79 36.14
N ALA A 369 -23.32 4.45 37.10
CA ALA A 369 -22.28 3.46 36.84
C ALA A 369 -22.88 2.12 36.45
N LYS A 370 -23.93 1.71 37.17
CA LYS A 370 -24.62 0.48 36.80
C LYS A 370 -25.28 0.60 35.44
N ALA A 371 -25.76 1.80 35.09
CA ALA A 371 -26.32 2.00 33.74
C ALA A 371 -25.24 1.80 32.68
N ARG A 372 -24.04 2.34 32.91
CA ARG A 372 -22.95 2.15 31.96
C ARG A 372 -22.57 0.68 31.86
N LYS A 373 -22.51 -0.02 32.99
CA LYS A 373 -22.20 -1.44 32.96
C LYS A 373 -23.26 -2.23 32.20
N ALA A 374 -24.53 -1.89 32.40
CA ALA A 374 -25.59 -2.54 31.66
C ALA A 374 -25.50 -2.23 30.17
N ILE A 375 -25.09 -1.02 29.82
CA ILE A 375 -24.88 -0.66 28.42
C ILE A 375 -23.79 -1.55 27.82
N LEU A 376 -22.67 -1.68 28.54
CA LEU A 376 -21.55 -2.45 28.03
C LEU A 376 -21.81 -3.95 28.04
N GLU A 377 -22.78 -4.41 28.84
CA GLU A 377 -23.17 -5.81 28.85
C GLU A 377 -24.42 -6.10 28.03
N GLY A 378 -25.02 -5.08 27.42
CA GLY A 378 -26.22 -5.28 26.64
C GLY A 378 -27.38 -5.75 27.49
N ALA A 379 -28.28 -6.50 26.85
CA ALA A 379 -29.45 -7.04 27.52
C ALA A 379 -29.94 -8.25 26.73
N ASP A 380 -30.91 -8.97 27.28
CA ASP A 380 -31.47 -10.15 26.66
C ASP A 380 -32.58 -9.75 25.70
N GLU A 381 -33.21 -10.74 25.06
CA GLU A 381 -34.32 -10.50 24.15
C GLU A 381 -33.81 -9.85 22.87
N GLN A 382 -34.61 -9.90 21.81
CA GLN A 382 -34.30 -9.25 20.55
C GLN A 382 -34.97 -7.89 20.47
N VAL A 383 -34.18 -6.84 20.27
CA VAL A 383 -34.66 -5.46 20.28
C VAL A 383 -34.22 -4.79 18.99
N HIS A 384 -35.15 -4.12 18.34
CA HIS A 384 -34.85 -3.39 17.10
C HIS A 384 -34.27 -2.02 17.42
N TYR A 398 -35.06 -6.23 14.02
CA TYR A 398 -34.81 -6.71 15.38
C TYR A 398 -33.42 -7.32 15.49
N ALA A 399 -32.81 -7.20 16.66
CA ALA A 399 -31.48 -7.76 16.88
C ALA A 399 -31.20 -7.77 18.38
N ASP A 400 -30.80 -8.95 18.87
CA ASP A 400 -30.43 -9.13 20.26
C ASP A 400 -28.95 -8.88 20.43
N PHE A 401 -28.59 -8.01 21.36
CA PHE A 401 -27.21 -7.68 21.64
C PHE A 401 -26.95 -7.79 23.14
N GLU A 402 -25.76 -8.27 23.49
CA GLU A 402 -25.37 -8.48 24.88
C GLU A 402 -24.09 -7.72 25.21
N GLY A 403 -24.00 -6.48 24.74
CA GLY A 403 -22.83 -5.66 24.99
C GLY A 403 -21.69 -6.03 24.08
N VAL A 404 -20.63 -5.22 24.12
CA VAL A 404 -19.43 -5.48 23.30
C VAL A 404 -18.54 -6.37 24.14
N LEU A 405 -18.89 -7.65 24.19
CA LEU A 405 -18.03 -8.68 24.77
C LEU A 405 -17.81 -9.79 23.75
N ALA A 406 -18.89 -10.25 23.13
CA ALA A 406 -18.85 -11.35 22.17
C ALA A 406 -18.93 -10.88 20.72
N PHE A 407 -19.52 -9.71 20.46
CA PHE A 407 -19.52 -9.19 19.11
C PHE A 407 -18.10 -8.92 18.64
N LEU A 408 -17.23 -8.47 19.54
CA LEU A 408 -15.82 -8.33 19.20
C LEU A 408 -15.22 -9.67 18.81
N GLN A 409 -15.57 -10.73 19.54
CA GLN A 409 -15.06 -12.05 19.20
C GLN A 409 -15.60 -12.53 17.86
N ARG A 410 -16.82 -12.14 17.52
CA ARG A 410 -17.40 -12.50 16.23
C ARG A 410 -16.86 -11.65 15.08
N LYS A 411 -16.28 -10.50 15.40
CA LYS A 411 -15.85 -9.58 14.33
C LYS A 411 -14.70 -10.17 13.52
N MET A 412 -13.78 -10.89 14.17
CA MET A 412 -12.68 -11.49 13.41
C MET A 412 -13.21 -12.56 12.46
N SER A 413 -14.16 -13.38 12.91
CA SER A 413 -14.74 -14.38 12.02
C SER A 413 -15.50 -13.72 10.87
N GLN A 414 -16.25 -12.65 11.16
CA GLN A 414 -17.03 -12.00 10.11
C GLN A 414 -16.10 -11.33 9.08
N THR A 415 -15.07 -10.65 9.55
CA THR A 415 -14.20 -9.88 8.67
C THR A 415 -13.28 -10.82 7.89
N GLU A 416 -12.80 -10.32 6.74
CA GLU A 416 -11.93 -11.09 5.86
C GLU A 416 -10.46 -10.79 6.10
N SER A 417 -10.05 -9.54 5.96
CA SER A 417 -8.64 -9.17 6.09
C SER A 417 -8.18 -9.28 7.53
N GLU A 418 -6.91 -9.68 7.71
CA GLU A 418 -6.33 -9.79 9.04
C GLU A 418 -6.27 -8.44 9.75
N GLN A 419 -6.22 -7.34 9.00
CA GLN A 419 -6.12 -6.03 9.62
C GLN A 419 -7.31 -5.74 10.52
N MET A 420 -8.51 -6.04 10.04
CA MET A 420 -9.71 -5.76 10.83
C MET A 420 -9.72 -6.56 12.12
N LYS A 421 -9.38 -7.85 12.03
CA LYS A 421 -9.41 -8.69 13.23
C LYS A 421 -8.33 -8.26 14.22
N GLU A 422 -7.15 -7.86 13.73
CA GLU A 422 -6.15 -7.33 14.65
C GLU A 422 -6.64 -6.06 15.31
N ARG A 423 -7.26 -5.17 14.53
CA ARG A 423 -7.83 -3.94 15.11
C ARG A 423 -8.78 -4.27 16.25
N TYR A 424 -9.68 -5.21 16.02
CA TYR A 424 -10.71 -5.53 17.01
C TYR A 424 -10.19 -6.43 18.14
N GLU A 425 -9.03 -7.06 17.96
CA GLU A 425 -8.38 -7.82 19.03
C GLU A 425 -7.47 -6.96 19.89
N GLY A 426 -7.08 -5.78 19.41
CA GLY A 426 -6.12 -4.97 20.16
C GLY A 426 -6.58 -4.60 21.55
N PHE A 427 -7.87 -4.25 21.70
CA PHE A 427 -8.36 -3.61 22.91
C PHE A 427 -9.18 -4.57 23.79
N MET A 428 -8.76 -5.82 23.91
CA MET A 428 -9.40 -6.78 24.81
C MET A 428 -8.54 -6.90 26.06
N ARG A 429 -9.12 -6.55 27.21
CA ARG A 429 -8.36 -6.56 28.46
C ARG A 429 -7.78 -7.93 28.74
N ASP A 430 -6.51 -7.94 29.12
CA ASP A 430 -5.74 -9.16 29.41
C ASP A 430 -5.51 -9.23 30.91
N VAL A 431 -6.36 -9.98 31.60
CA VAL A 431 -6.28 -10.14 33.05
C VAL A 431 -6.11 -11.62 33.38
N PRO A 432 -4.89 -12.11 33.59
CA PRO A 432 -4.71 -13.56 33.81
C PRO A 432 -5.59 -14.06 34.93
N CYS A 433 -6.20 -15.22 34.71
CA CYS A 433 -7.16 -15.76 35.68
C CYS A 433 -6.45 -16.06 36.99
N PRO A 434 -6.95 -15.57 38.13
CA PRO A 434 -6.26 -15.85 39.42
C PRO A 434 -6.36 -17.29 39.88
N VAL A 435 -7.32 -18.08 39.39
CA VAL A 435 -7.52 -19.41 39.94
C VAL A 435 -6.27 -20.27 39.79
N CYS A 436 -5.56 -20.15 38.66
CA CYS A 436 -4.24 -20.73 38.53
C CYS A 436 -3.15 -19.71 38.23
N ALA A 437 -3.49 -18.42 38.19
CA ALA A 437 -2.51 -17.33 38.19
C ALA A 437 -1.39 -17.57 37.19
N GLY A 438 -1.73 -17.60 35.90
CA GLY A 438 -0.77 -17.75 34.84
C GLY A 438 -0.26 -19.16 34.63
N THR A 439 -0.22 -19.99 35.67
CA THR A 439 0.18 -21.38 35.54
C THR A 439 -1.02 -22.13 34.98
N ARG A 440 -1.15 -22.07 33.66
CA ARG A 440 -2.40 -22.41 32.99
C ARG A 440 -2.61 -23.92 33.05
N LEU A 441 -3.33 -24.37 34.08
CA LEU A 441 -3.82 -25.74 34.20
C LEU A 441 -4.61 -25.80 35.50
N LYS A 442 -5.48 -26.79 35.60
CA LYS A 442 -6.29 -26.99 36.80
C LYS A 442 -5.36 -27.00 38.01
N PRO A 443 -5.43 -25.97 38.88
CA PRO A 443 -4.49 -25.93 40.00
C PRO A 443 -4.58 -27.14 40.90
N GLU A 444 -5.77 -27.70 41.08
CA GLU A 444 -5.92 -28.88 41.90
C GLU A 444 -5.40 -30.13 41.19
N ILE A 445 -5.67 -30.25 39.89
CA ILE A 445 -5.26 -31.45 39.18
C ILE A 445 -3.74 -31.52 39.08
N LEU A 446 -3.11 -30.38 38.80
CA LEU A 446 -1.65 -30.38 38.66
C LEU A 446 -1.01 -30.77 39.99
N ALA A 447 -1.63 -30.38 41.09
CA ALA A 447 -1.11 -30.72 42.41
C ALA A 447 -1.40 -32.17 42.78
N VAL A 448 -2.50 -32.74 42.29
CA VAL A 448 -2.87 -34.09 42.71
C VAL A 448 -2.35 -35.13 41.73
N THR A 449 -2.83 -35.09 40.48
CA THR A 449 -2.58 -36.18 39.55
C THR A 449 -1.10 -36.37 39.27
N LEU A 450 -0.28 -35.32 39.44
CA LEU A 450 1.11 -35.38 39.00
C LEU A 450 2.08 -34.73 39.97
N ALA A 451 1.72 -34.57 41.25
CA ALA A 451 2.66 -34.03 42.21
C ALA A 451 3.87 -34.95 42.39
N GLY A 452 3.72 -36.23 42.07
CA GLY A 452 4.80 -37.18 42.24
C GLY A 452 6.05 -36.87 41.44
N GLU A 453 5.95 -36.01 40.43
CA GLU A 453 7.12 -35.60 39.68
C GLU A 453 8.15 -34.98 40.62
N SER A 454 9.28 -35.65 40.81
CA SER A 454 10.37 -35.09 41.60
C SER A 454 11.36 -34.37 40.69
N LYS A 455 10.83 -33.50 39.85
CA LYS A 455 11.61 -32.83 38.80
C LYS A 455 12.27 -31.60 39.40
N GLY A 456 13.56 -31.71 39.72
CA GLY A 456 14.30 -30.62 40.33
C GLY A 456 15.11 -31.07 41.53
N GLU A 457 15.02 -30.32 42.63
CA GLU A 457 15.68 -30.69 43.88
C GLU A 457 14.82 -31.67 44.67
N HIS A 458 14.43 -32.74 43.97
CA HIS A 458 13.50 -33.74 44.51
C HIS A 458 12.23 -33.09 45.05
N GLY A 459 11.90 -31.91 44.53
CA GLY A 459 10.71 -31.21 44.97
C GLY A 459 9.45 -31.70 44.28
N ALA A 460 8.31 -31.34 44.87
CA ALA A 460 7.01 -31.72 44.30
C ALA A 460 6.71 -30.86 43.08
N LYS A 461 7.28 -31.22 41.93
CA LYS A 461 7.13 -30.43 40.73
C LYS A 461 5.72 -30.53 40.16
N SER A 462 4.86 -29.58 40.52
CA SER A 462 3.55 -29.48 39.89
C SER A 462 3.71 -28.92 38.48
N ILE A 463 2.74 -29.22 37.62
CA ILE A 463 2.86 -28.82 36.22
C ILE A 463 2.50 -27.36 36.02
N ALA A 464 1.78 -26.75 36.96
CA ALA A 464 1.74 -25.29 37.00
C ALA A 464 3.15 -24.73 37.06
N GLU A 465 3.95 -25.24 37.99
CA GLU A 465 5.35 -24.83 38.06
C GLU A 465 6.07 -25.17 36.76
N VAL A 466 5.84 -26.38 36.22
CA VAL A 466 6.51 -26.75 34.98
C VAL A 466 6.24 -25.72 33.89
N CYS A 467 4.97 -25.33 33.74
CA CYS A 467 4.62 -24.32 32.74
C CYS A 467 5.37 -23.02 33.01
N GLU A 468 5.32 -22.53 34.25
CA GLU A 468 6.01 -21.29 34.57
C GLU A 468 7.52 -21.39 34.38
N LEU A 469 8.08 -22.59 34.42
CA LEU A 469 9.52 -22.75 34.36
C LEU A 469 10.04 -22.21 33.03
N SER A 470 11.10 -21.40 33.10
CA SER A 470 11.68 -20.91 31.88
C SER A 470 12.20 -22.09 31.06
N ILE A 471 12.61 -21.83 29.83
CA ILE A 471 13.22 -22.89 29.04
C ILE A 471 14.41 -23.47 29.79
N ALA A 472 15.31 -22.60 30.25
CA ALA A 472 16.53 -23.07 30.91
C ALA A 472 16.21 -23.85 32.17
N ASP A 473 15.41 -23.28 33.07
CA ASP A 473 15.15 -23.94 34.34
C ASP A 473 14.37 -25.23 34.12
N CYS A 474 13.35 -25.19 33.28
CA CYS A 474 12.56 -26.39 33.03
C CYS A 474 13.44 -27.49 32.49
N ALA A 475 14.35 -27.17 31.57
CA ALA A 475 15.30 -28.17 31.09
C ALA A 475 16.18 -28.68 32.22
N ASP A 476 16.64 -27.77 33.09
CA ASP A 476 17.52 -28.19 34.18
C ASP A 476 16.85 -29.23 35.06
N PHE A 477 15.63 -28.94 35.54
CA PHE A 477 14.97 -29.93 36.38
C PHE A 477 14.45 -31.13 35.60
N LEU A 478 14.21 -30.99 34.29
CA LEU A 478 13.87 -32.17 33.52
C LEU A 478 15.07 -33.10 33.37
N ASN A 479 16.28 -32.55 33.43
CA ASN A 479 17.47 -33.39 33.35
C ASN A 479 17.51 -34.40 34.49
N ALA A 480 17.24 -33.96 35.72
CA ALA A 480 17.29 -34.82 36.90
C ALA A 480 15.90 -34.93 37.48
N LEU A 481 15.39 -36.17 37.57
CA LEU A 481 14.09 -36.42 38.15
C LEU A 481 13.91 -37.92 38.32
N THR A 482 13.41 -38.32 39.50
CA THR A 482 13.11 -39.72 39.79
C THR A 482 11.62 -39.88 39.98
N LEU A 483 11.03 -40.78 39.20
CA LEU A 483 9.59 -41.03 39.27
C LEU A 483 9.26 -42.50 39.54
N GLY A 484 10.24 -43.29 39.97
CA GLY A 484 10.03 -44.69 40.21
C GLY A 484 10.56 -45.55 39.08
N PRO A 485 10.81 -46.83 39.35
CA PRO A 485 11.37 -47.70 38.30
C PRO A 485 10.46 -47.83 37.09
N ARG A 486 9.19 -48.18 37.31
CA ARG A 486 8.26 -48.30 36.19
C ARG A 486 8.22 -47.02 35.37
N GLU A 487 8.04 -45.88 36.04
CA GLU A 487 7.82 -44.62 35.35
C GLU A 487 9.06 -44.19 34.59
N GLN A 488 10.24 -44.30 35.22
CA GLN A 488 11.46 -43.94 34.52
C GLN A 488 11.71 -44.87 33.33
N ALA A 489 11.40 -46.16 33.49
CA ALA A 489 11.57 -47.10 32.38
C ALA A 489 10.67 -46.73 31.21
N ILE A 490 9.41 -46.38 31.48
CA ILE A 490 8.47 -46.09 30.40
C ILE A 490 8.52 -44.64 29.94
N ALA A 491 9.34 -43.80 30.57
CA ALA A 491 9.49 -42.40 30.16
C ALA A 491 10.89 -42.04 29.69
N GLY A 492 11.85 -42.96 29.79
CA GLY A 492 13.24 -42.60 29.50
C GLY A 492 13.43 -42.05 28.10
N GLN A 493 12.83 -42.69 27.10
CA GLN A 493 13.04 -42.27 25.71
C GLN A 493 12.59 -40.83 25.50
N VAL A 494 11.43 -40.47 26.05
CA VAL A 494 10.94 -39.11 25.88
C VAL A 494 11.88 -38.13 26.56
N LEU A 495 12.48 -38.52 27.69
CA LEU A 495 13.45 -37.64 28.35
C LEU A 495 14.66 -37.40 27.45
N LYS A 496 15.15 -38.44 26.79
CA LYS A 496 16.26 -38.27 25.86
C LYS A 496 15.86 -37.35 24.70
N GLU A 497 14.64 -37.53 24.19
CA GLU A 497 14.16 -36.64 23.13
C GLU A 497 14.12 -35.20 23.61
N ILE A 498 13.64 -34.98 24.83
CA ILE A 498 13.63 -33.64 25.42
C ILE A 498 15.04 -33.09 25.48
N ARG A 499 15.98 -33.88 25.97
CA ARG A 499 17.34 -33.41 26.11
C ARG A 499 17.93 -33.02 24.75
N SER A 500 17.69 -33.84 23.73
CA SER A 500 18.23 -33.54 22.40
C SER A 500 17.63 -32.25 21.85
N ARG A 501 16.30 -32.13 21.90
CA ARG A 501 15.67 -30.96 21.29
C ARG A 501 16.00 -29.68 22.06
N LEU A 502 16.08 -29.77 23.39
CA LEU A 502 16.45 -28.59 24.17
C LEU A 502 17.94 -28.29 24.03
N GLY A 503 18.75 -29.29 23.71
CA GLY A 503 20.12 -29.00 23.32
C GLY A 503 20.18 -28.22 22.01
N PHE A 504 19.31 -28.59 21.06
CA PHE A 504 19.19 -27.80 19.84
C PHE A 504 18.78 -26.38 20.17
N LEU A 505 17.80 -26.22 21.06
CA LEU A 505 17.37 -24.88 21.45
C LEU A 505 18.49 -24.11 22.13
N LEU A 506 19.30 -24.80 22.94
CA LEU A 506 20.43 -24.16 23.60
C LEU A 506 21.46 -23.70 22.57
N ASP A 507 21.74 -24.53 21.57
CA ASP A 507 22.63 -24.10 20.50
C ASP A 507 22.02 -22.92 19.75
N VAL A 508 20.70 -22.86 19.70
CA VAL A 508 20.01 -21.66 19.23
C VAL A 508 20.31 -20.48 20.15
N GLY A 509 20.44 -20.74 21.44
CA GLY A 509 20.77 -19.72 22.41
C GLY A 509 19.60 -19.16 23.17
N LEU A 510 18.38 -19.55 22.82
CA LEU A 510 17.19 -19.06 23.53
C LEU A 510 16.81 -19.99 24.67
N GLU A 511 17.79 -20.29 25.52
CA GLU A 511 17.52 -21.05 26.73
C GLU A 511 17.09 -20.13 27.87
N TYR A 512 17.66 -18.93 27.93
CA TYR A 512 17.23 -17.93 28.91
C TYR A 512 15.78 -17.49 28.69
N LEU A 513 15.29 -17.54 27.46
CA LEU A 513 13.86 -17.32 27.24
C LEU A 513 13.07 -18.33 28.06
N SER A 514 11.91 -17.91 28.53
CA SER A 514 11.08 -18.73 29.40
C SER A 514 9.97 -19.40 28.61
N LEU A 515 9.62 -20.62 29.03
CA LEU A 515 8.55 -21.35 28.36
C LEU A 515 7.25 -20.56 28.40
N SER A 516 6.96 -19.91 29.52
CA SER A 516 5.74 -19.12 29.64
C SER A 516 5.71 -17.93 28.70
N ARG A 517 6.86 -17.51 28.18
CA ARG A 517 6.90 -16.40 27.25
C ARG A 517 6.00 -16.69 26.04
N ALA A 518 5.28 -15.68 25.60
CA ALA A 518 4.49 -15.76 24.37
C ALA A 518 5.24 -15.04 23.25
N ALA A 519 4.60 -14.94 22.09
CA ALA A 519 5.20 -14.29 20.93
C ALA A 519 4.70 -12.87 20.70
N ALA A 520 4.00 -12.29 21.67
CA ALA A 520 3.46 -10.95 21.50
C ALA A 520 4.58 -9.94 21.29
N THR A 521 5.64 -10.03 22.09
CA THR A 521 6.80 -9.16 21.99
C THR A 521 7.97 -9.83 21.29
N LEU A 522 7.73 -10.96 20.62
CA LEU A 522 8.80 -11.73 20.01
C LEU A 522 9.53 -10.88 18.97
N SER A 523 10.84 -11.07 18.88
CA SER A 523 11.67 -10.33 17.95
C SER A 523 11.91 -11.16 16.69
N GLY A 524 12.37 -10.48 15.63
CA GLY A 524 12.61 -11.16 14.38
C GLY A 524 13.69 -12.22 14.49
N GLY A 525 14.82 -11.86 15.09
CA GLY A 525 15.87 -12.85 15.30
C GLY A 525 15.43 -13.98 16.21
N GLU A 526 14.63 -13.65 17.22
CA GLU A 526 14.11 -14.69 18.11
C GLU A 526 13.22 -15.66 17.36
N ALA A 527 12.35 -15.15 16.48
CA ALA A 527 11.48 -16.02 15.70
C ALA A 527 12.30 -16.87 14.73
N GLN A 528 13.31 -16.26 14.11
CA GLN A 528 14.21 -17.02 13.26
C GLN A 528 14.83 -18.18 14.02
N ARG A 529 15.35 -17.90 15.22
CA ARG A 529 15.92 -18.95 16.06
C ARG A 529 14.88 -20.00 16.42
N ILE A 530 13.65 -19.56 16.71
CA ILE A 530 12.59 -20.49 17.07
C ILE A 530 12.35 -21.48 15.94
N ARG A 531 12.19 -20.97 14.72
CA ARG A 531 11.94 -21.83 13.58
C ARG A 531 13.13 -22.73 13.32
N LEU A 532 14.34 -22.21 13.47
CA LEU A 532 15.54 -23.01 13.26
C LEU A 532 15.55 -24.19 14.22
N ALA A 533 15.35 -23.92 15.51
CA ALA A 533 15.35 -25.00 16.50
C ALA A 533 14.24 -26.00 16.23
N THR A 534 13.04 -25.51 15.91
CA THR A 534 11.92 -26.42 15.72
C THR A 534 12.16 -27.33 14.52
N GLN A 535 12.65 -26.78 13.42
CA GLN A 535 12.82 -27.56 12.21
C GLN A 535 14.14 -28.31 12.16
N ILE A 536 15.04 -28.09 13.12
CA ILE A 536 16.16 -29.01 13.27
C ILE A 536 15.79 -30.14 14.22
N GLY A 537 14.93 -29.86 15.21
CA GLY A 537 14.40 -30.93 16.03
C GLY A 537 13.51 -31.87 15.27
N SER A 538 12.72 -31.35 14.33
CA SER A 538 11.89 -32.20 13.49
C SER A 538 12.75 -33.26 12.79
N GLY A 539 13.98 -32.91 12.44
CA GLY A 539 14.93 -33.87 11.93
C GLY A 539 14.57 -34.53 10.62
N LEU A 540 14.11 -33.75 9.64
CA LEU A 540 13.88 -34.29 8.30
C LEU A 540 15.18 -34.27 7.51
N VAL A 541 15.61 -35.43 7.05
CA VAL A 541 16.81 -35.54 6.22
C VAL A 541 16.41 -35.34 4.77
N GLY A 542 17.34 -34.81 3.99
CA GLY A 542 17.11 -34.60 2.57
C GLY A 542 16.02 -33.60 2.26
N VAL A 543 16.03 -32.45 2.92
CA VAL A 543 15.06 -31.39 2.70
C VAL A 543 15.79 -30.05 2.65
N LEU A 544 15.36 -29.19 1.73
CA LEU A 544 16.05 -27.92 1.51
C LEU A 544 15.62 -26.87 2.52
N TYR A 545 16.56 -26.02 2.91
CA TYR A 545 16.31 -24.90 3.80
C TYR A 545 17.00 -23.66 3.24
N VAL A 546 16.23 -22.61 3.01
CA VAL A 546 16.78 -21.28 2.78
C VAL A 546 16.75 -20.55 4.11
N LEU A 547 17.85 -19.87 4.43
CA LEU A 547 18.04 -19.26 5.74
C LEU A 547 18.57 -17.85 5.57
N ASP A 548 18.33 -17.02 6.59
CA ASP A 548 18.68 -15.61 6.58
C ASP A 548 19.71 -15.33 7.68
N GLU A 549 20.02 -14.06 7.88
CA GLU A 549 21.04 -13.68 8.86
C GLU A 549 20.71 -14.24 10.24
N PRO A 550 21.46 -15.22 10.75
CA PRO A 550 21.18 -15.71 12.11
C PRO A 550 21.66 -14.74 13.19
N SER A 551 22.65 -13.90 12.84
CA SER A 551 23.25 -13.01 13.81
C SER A 551 22.29 -11.96 14.35
N ILE A 552 21.17 -11.71 13.67
CA ILE A 552 20.24 -10.68 14.13
C ILE A 552 19.79 -11.00 15.55
N GLY A 553 20.09 -10.09 16.47
CA GLY A 553 19.71 -10.28 17.86
C GLY A 553 20.35 -11.51 18.47
N LEU A 554 21.59 -11.79 18.07
CA LEU A 554 22.33 -12.94 18.55
C LEU A 554 23.78 -12.54 18.78
N HIS A 555 24.33 -12.95 19.92
CA HIS A 555 25.74 -12.71 20.17
C HIS A 555 26.57 -13.53 19.20
N GLN A 556 27.86 -13.18 19.09
CA GLN A 556 28.69 -13.79 18.07
C GLN A 556 29.08 -15.20 18.45
N ARG A 557 29.40 -15.43 19.73
CA ARG A 557 29.61 -16.78 20.21
C ARG A 557 28.34 -17.61 20.07
N ASP A 558 27.19 -16.99 20.35
CA ASP A 558 25.92 -17.69 20.18
C ASP A 558 25.72 -18.11 18.73
N ASN A 559 26.03 -17.22 17.80
CA ASN A 559 25.90 -17.57 16.39
C ASN A 559 26.97 -18.56 15.97
N ARG A 560 28.10 -18.60 16.66
CA ARG A 560 29.12 -19.61 16.42
C ARG A 560 28.56 -21.00 16.73
N ARG A 561 28.01 -21.15 17.93
CA ARG A 561 27.41 -22.43 18.30
C ARG A 561 26.20 -22.71 17.39
N LEU A 562 25.52 -21.67 16.94
CA LEU A 562 24.44 -21.86 15.98
C LEU A 562 24.95 -22.40 14.66
N ILE A 563 26.10 -21.91 14.20
CA ILE A 563 26.70 -22.42 12.97
C ILE A 563 27.06 -23.88 13.14
N GLU A 564 27.54 -24.25 14.33
CA GLU A 564 27.73 -25.67 14.61
C GLU A 564 26.42 -26.43 14.51
N THR A 565 25.35 -25.84 15.03
CA THR A 565 24.03 -26.47 14.94
C THR A 565 23.65 -26.72 13.49
N LEU A 566 23.85 -25.72 12.64
CA LEU A 566 23.48 -25.85 11.23
C LEU A 566 24.40 -26.82 10.51
N THR A 567 25.66 -26.90 10.91
CA THR A 567 26.56 -27.90 10.33
C THR A 567 26.07 -29.30 10.65
N ARG A 568 25.62 -29.52 11.89
CA ARG A 568 25.01 -30.81 12.21
C ARG A 568 23.74 -31.03 11.40
N LEU A 569 22.92 -30.00 11.26
CA LEU A 569 21.74 -30.09 10.41
C LEU A 569 22.13 -30.56 9.02
N ARG A 570 23.21 -30.01 8.47
CA ARG A 570 23.72 -30.47 7.19
C ARG A 570 24.17 -31.92 7.27
N ASP A 571 24.78 -32.31 8.39
CA ASP A 571 25.13 -33.71 8.60
C ASP A 571 23.91 -34.61 8.58
N LEU A 572 22.72 -34.05 8.76
CA LEU A 572 21.49 -34.79 8.56
C LEU A 572 21.12 -34.91 7.08
N GLY A 573 22.07 -34.65 6.19
CA GLY A 573 21.80 -34.71 4.76
C GLY A 573 20.84 -33.65 4.27
N ASN A 574 20.97 -32.42 4.77
CA ASN A 574 20.03 -31.35 4.48
C ASN A 574 20.77 -30.20 3.80
N THR A 575 20.21 -29.73 2.68
CA THR A 575 20.77 -28.56 2.01
C THR A 575 20.33 -27.30 2.71
N LEU A 576 21.25 -26.34 2.85
CA LEU A 576 21.02 -25.11 3.59
C LEU A 576 21.48 -23.92 2.77
N ILE A 577 20.59 -23.41 1.90
CA ILE A 577 20.80 -22.11 1.28
C ILE A 577 20.75 -21.07 2.39
N VAL A 578 21.74 -20.19 2.44
CA VAL A 578 21.85 -19.20 3.50
C VAL A 578 22.25 -17.87 2.90
N VAL A 579 21.79 -16.78 3.52
CA VAL A 579 22.29 -15.43 3.27
C VAL A 579 22.69 -14.84 4.62
N GLU A 580 23.96 -14.45 4.74
CA GLU A 580 24.42 -13.85 5.98
C GLU A 580 25.71 -13.09 5.73
N HIS A 581 25.69 -11.78 6.03
CA HIS A 581 26.91 -10.98 5.94
C HIS A 581 27.95 -11.44 6.93
N ASP A 582 27.53 -11.82 8.13
CA ASP A 582 28.44 -12.19 9.21
C ASP A 582 29.43 -13.23 8.71
N GLU A 583 30.72 -12.95 8.91
CA GLU A 583 31.75 -13.85 8.39
C GLU A 583 31.64 -15.24 8.98
N ASP A 584 31.31 -15.35 10.26
CA ASP A 584 31.28 -16.66 10.91
C ASP A 584 30.47 -17.67 10.11
N THR A 585 29.26 -17.30 9.70
CA THR A 585 28.49 -18.18 8.83
C THR A 585 29.22 -18.41 7.53
N ILE A 586 29.81 -17.35 6.97
CA ILE A 586 30.63 -17.44 5.78
C ILE A 586 31.87 -18.26 6.13
N GLU A 587 32.59 -18.72 5.11
CA GLU A 587 33.82 -19.51 5.29
C GLU A 587 33.59 -20.72 6.22
N HIS A 588 32.34 -21.15 6.34
CA HIS A 588 32.03 -22.37 7.08
C HIS A 588 30.94 -23.19 6.38
N ALA A 589 30.78 -23.00 5.08
CA ALA A 589 29.82 -23.74 4.28
C ALA A 589 30.54 -24.57 3.24
N ASP A 590 29.94 -25.71 2.89
CA ASP A 590 30.50 -26.51 1.81
C ASP A 590 30.51 -25.76 0.49
N TRP A 591 29.71 -24.70 0.36
CA TRP A 591 29.73 -23.88 -0.84
C TRP A 591 29.25 -22.48 -0.50
N ILE A 592 29.78 -21.49 -1.21
CA ILE A 592 29.38 -20.10 -1.05
C ILE A 592 29.12 -19.51 -2.42
N VAL A 593 28.19 -18.56 -2.49
CA VAL A 593 27.85 -17.87 -3.72
C VAL A 593 27.74 -16.38 -3.42
N ASP A 594 28.47 -15.57 -4.17
CA ASP A 594 28.40 -14.12 -4.07
C ASP A 594 27.68 -13.59 -5.30
N ILE A 595 26.76 -12.65 -5.08
CA ILE A 595 25.81 -12.21 -6.09
C ILE A 595 25.83 -10.69 -6.15
N GLY A 596 25.22 -10.12 -7.18
CA GLY A 596 25.18 -8.70 -7.39
C GLY A 596 26.54 -8.05 -7.24
N PRO A 597 27.46 -8.32 -8.17
CA PRO A 597 28.74 -7.61 -8.15
C PRO A 597 28.55 -6.12 -7.92
N GLY A 598 27.65 -5.50 -8.68
CA GLY A 598 27.09 -4.22 -8.28
C GLY A 598 25.81 -4.43 -7.48
N ALA A 599 25.41 -3.37 -6.78
CA ALA A 599 24.23 -3.47 -5.92
C ALA A 599 22.95 -3.12 -6.68
N GLY A 600 22.93 -1.96 -7.32
CA GLY A 600 21.73 -1.47 -7.97
C GLY A 600 21.30 -2.27 -9.17
N GLU A 601 20.45 -1.65 -10.00
CA GLU A 601 20.02 -2.29 -11.23
C GLU A 601 21.20 -2.77 -12.05
N HIS A 602 22.31 -2.04 -12.00
CA HIS A 602 23.49 -2.43 -12.76
C HIS A 602 23.96 -3.83 -12.39
N GLY A 603 24.10 -4.12 -11.10
CA GLY A 603 24.67 -5.38 -10.68
C GLY A 603 23.71 -6.31 -9.98
N GLY A 604 23.41 -7.44 -10.62
CA GLY A 604 22.61 -8.47 -9.99
C GLY A 604 23.01 -9.87 -10.41
N ARG A 605 24.22 -10.00 -10.97
CA ARG A 605 24.67 -11.27 -11.50
C ARG A 605 25.52 -12.00 -10.44
N ILE A 606 26.11 -13.11 -10.81
CA ILE A 606 26.87 -13.95 -9.87
C ILE A 606 28.34 -13.60 -10.00
N VAL A 607 28.92 -13.10 -8.91
CA VAL A 607 30.34 -12.76 -8.87
C VAL A 607 31.18 -13.87 -8.25
N HIS A 608 30.58 -14.84 -7.55
CA HIS A 608 31.31 -16.03 -7.12
C HIS A 608 30.34 -17.17 -6.93
N SER A 609 30.82 -18.38 -7.14
CA SER A 609 30.11 -19.59 -6.71
C SER A 609 31.10 -20.73 -6.64
N GLY A 610 31.39 -21.21 -5.43
CA GLY A 610 32.34 -22.27 -5.25
C GLY A 610 32.74 -22.50 -3.81
N PRO A 611 33.87 -23.18 -3.59
CA PRO A 611 34.28 -23.51 -2.22
C PRO A 611 34.79 -22.33 -1.42
N TYR A 612 34.63 -21.11 -1.96
CA TYR A 612 34.98 -19.88 -1.27
C TYR A 612 36.49 -19.66 -1.23
N ASP A 613 37.27 -20.68 -1.58
CA ASP A 613 38.67 -20.44 -1.89
C ASP A 613 38.78 -19.64 -3.18
N GLU A 614 37.95 -19.97 -4.17
CA GLU A 614 37.89 -19.13 -5.34
C GLU A 614 37.06 -17.86 -5.09
N LEU A 615 36.42 -17.76 -3.91
CA LEU A 615 35.96 -16.44 -3.47
C LEU A 615 37.16 -15.58 -3.06
N LEU A 616 38.08 -16.15 -2.26
CA LEU A 616 39.33 -15.45 -1.99
C LEU A 616 40.00 -15.03 -3.28
N ARG A 617 40.09 -15.95 -4.24
CA ARG A 617 40.59 -15.58 -5.56
C ARG A 617 39.74 -14.48 -6.20
N ASN A 618 38.43 -14.52 -5.98
CA ASN A 618 37.50 -13.55 -6.58
C ASN A 618 37.63 -12.21 -5.89
N LYS A 619 38.42 -11.31 -6.47
CA LYS A 619 38.62 -9.99 -5.91
C LYS A 619 37.51 -9.00 -6.28
N ASP A 620 36.67 -9.33 -7.26
CA ASP A 620 35.53 -8.50 -7.60
C ASP A 620 34.43 -8.58 -6.56
N SER A 621 34.52 -9.52 -5.62
CA SER A 621 33.55 -9.67 -4.55
C SER A 621 33.84 -8.63 -3.47
N ILE A 622 32.87 -7.75 -3.22
CA ILE A 622 33.05 -6.70 -2.23
C ILE A 622 33.16 -7.30 -0.83
N THR A 623 32.38 -8.35 -0.57
CA THR A 623 32.48 -9.03 0.72
C THR A 623 33.88 -9.61 0.90
N GLY A 624 34.44 -10.20 -0.16
CA GLY A 624 35.80 -10.70 -0.08
C GLY A 624 36.82 -9.59 0.10
N ALA A 625 36.58 -8.44 -0.53
CA ALA A 625 37.46 -7.29 -0.34
C ALA A 625 37.47 -6.85 1.11
N TYR A 626 36.29 -6.78 1.73
CA TYR A 626 36.21 -6.48 3.15
C TYR A 626 36.90 -7.57 3.98
N LEU A 627 36.74 -8.83 3.58
CA LEU A 627 37.35 -9.93 4.31
C LEU A 627 38.87 -9.80 4.32
N SER A 628 39.45 -9.46 3.17
CA SER A 628 40.89 -9.36 3.03
C SER A 628 41.45 -8.03 3.51
N GLY A 629 40.61 -7.16 4.09
CA GLY A 629 41.07 -5.89 4.59
C GLY A 629 41.14 -4.79 3.58
N ARG A 630 40.81 -5.07 2.31
CA ARG A 630 40.81 -4.01 1.30
C ARG A 630 39.95 -2.84 1.75
N GLU A 631 38.81 -3.13 2.37
CA GLU A 631 37.98 -2.12 3.02
C GLU A 631 37.70 -2.56 4.44
N SER A 632 37.90 -1.65 5.39
CA SER A 632 37.72 -1.97 6.80
C SER A 632 37.37 -0.70 7.56
N ILE A 633 36.78 -0.88 8.74
CA ILE A 633 36.41 0.22 9.62
C ILE A 633 36.96 -0.09 11.00
N GLU A 634 37.17 0.96 11.78
CA GLU A 634 37.73 0.84 13.12
C GLU A 634 37.26 2.02 13.96
N ILE A 635 37.85 2.18 15.14
CA ILE A 635 37.51 3.29 16.01
C ILE A 635 37.90 4.59 15.31
N PRO A 636 37.20 5.69 15.56
CA PRO A 636 37.66 6.97 15.03
C PRO A 636 39.00 7.36 15.62
N ALA A 637 39.77 8.13 14.85
CA ALA A 637 41.08 8.56 15.34
C ALA A 637 40.97 9.23 16.69
N ILE A 638 39.87 9.95 16.93
CA ILE A 638 39.59 10.56 18.21
C ILE A 638 38.12 10.35 18.53
N ARG A 639 37.82 10.01 19.78
CA ARG A 639 36.44 9.91 20.22
C ARG A 639 35.91 11.29 20.58
N ARG A 640 34.71 11.61 20.09
CA ARG A 640 34.12 12.89 20.44
C ARG A 640 34.10 13.04 21.95
N SER A 641 34.77 14.07 22.45
CA SER A 641 34.92 14.24 23.88
C SER A 641 33.56 14.25 24.57
N VAL A 642 33.44 13.45 25.62
CA VAL A 642 32.20 13.34 26.38
C VAL A 642 32.19 14.41 27.46
N ASP A 643 31.10 15.19 27.52
CA ASP A 643 30.96 16.21 28.54
C ASP A 643 30.05 15.67 29.62
N PRO A 644 30.54 15.39 30.83
CA PRO A 644 29.64 14.92 31.89
C PRO A 644 28.50 15.87 32.17
N ARG A 645 28.73 17.18 31.99
CA ARG A 645 27.68 18.16 32.23
C ARG A 645 26.47 17.89 31.35
N ARG A 646 26.66 17.92 30.03
CA ARG A 646 25.57 17.62 29.11
C ARG A 646 25.50 16.10 28.92
N GLN A 647 24.77 15.44 29.80
CA GLN A 647 24.55 14.01 29.71
C GLN A 647 23.11 13.68 30.04
N LEU A 648 22.58 12.66 29.39
CA LEU A 648 21.29 12.11 29.77
C LEU A 648 21.49 11.03 30.82
N THR A 649 20.49 10.87 31.67
CA THR A 649 20.56 9.88 32.74
C THR A 649 19.20 9.22 32.88
N VAL A 650 19.21 7.91 33.14
CA VAL A 650 18.00 7.13 33.32
C VAL A 650 18.09 6.49 34.70
N VAL A 651 17.46 7.11 35.70
CA VAL A 651 17.51 6.64 37.08
C VAL A 651 16.19 5.96 37.43
N GLY A 652 16.27 4.89 38.19
CA GLY A 652 15.09 4.18 38.64
C GLY A 652 14.47 3.26 37.64
N ALA A 653 15.10 3.06 36.49
CA ALA A 653 14.60 2.10 35.52
C ALA A 653 14.68 0.70 36.12
N ARG A 654 13.52 0.13 36.45
CA ARG A 654 13.43 -1.19 37.03
C ARG A 654 12.49 -2.11 36.25
N GLU A 655 11.90 -1.60 35.17
CA GLU A 655 10.91 -2.36 34.42
C GLU A 655 11.39 -3.76 34.13
N HIS A 656 10.70 -4.75 34.69
CA HIS A 656 11.06 -6.16 34.50
C HIS A 656 12.51 -6.42 34.85
N ASN A 657 13.28 -6.91 33.86
CA ASN A 657 14.67 -7.30 34.10
C ASN A 657 15.44 -6.21 34.83
N LEU A 658 15.08 -4.95 34.63
CA LEU A 658 15.79 -3.85 35.26
C LEU A 658 15.54 -3.84 36.77
N ARG A 659 16.46 -3.23 37.51
CA ARG A 659 16.40 -3.13 38.97
C ARG A 659 16.72 -1.72 39.43
N GLY A 660 16.09 -0.72 38.82
CA GLY A 660 16.28 0.66 39.24
C GLY A 660 17.60 1.26 38.83
N ILE A 661 18.28 0.66 37.86
CA ILE A 661 19.62 1.11 37.50
C ILE A 661 19.60 2.55 37.03
N ASP A 662 20.58 3.33 37.51
CA ASP A 662 20.84 4.66 37.01
C ASP A 662 21.93 4.57 35.93
N VAL A 663 21.62 5.06 34.73
CA VAL A 663 22.48 4.87 33.57
C VAL A 663 22.83 6.21 32.98
N SER A 664 24.08 6.35 32.52
CA SER A 664 24.57 7.57 31.91
C SER A 664 24.63 7.42 30.39
N PHE A 665 24.40 8.54 29.69
CA PHE A 665 24.41 8.56 28.23
C PHE A 665 25.04 9.88 27.81
N PRO A 666 26.25 9.85 27.24
CA PRO A 666 26.85 11.12 26.79
C PRO A 666 25.96 11.80 25.76
N LEU A 667 25.94 13.12 25.82
CA LEU A 667 25.19 13.92 24.85
C LEU A 667 26.13 14.83 24.08
N GLY A 668 25.81 15.04 22.81
CA GLY A 668 26.70 15.71 21.89
C GLY A 668 27.68 14.80 21.18
N VAL A 669 27.66 13.50 21.48
CA VAL A 669 28.57 12.53 20.88
C VAL A 669 27.78 11.26 20.57
N LEU A 670 28.47 10.30 19.98
CA LEU A 670 27.88 9.03 19.54
C LEU A 670 28.17 7.94 20.58
N THR A 671 27.23 7.76 21.50
CA THR A 671 27.23 6.59 22.36
C THR A 671 26.37 5.50 21.70
N SER A 672 26.49 4.28 22.23
CA SER A 672 25.82 3.14 21.64
C SER A 672 25.48 2.12 22.72
N VAL A 673 24.26 1.61 22.68
CA VAL A 673 23.79 0.63 23.64
C VAL A 673 24.20 -0.76 23.17
N THR A 674 24.80 -1.55 24.07
CA THR A 674 25.38 -2.82 23.70
C THR A 674 25.12 -3.84 24.81
N GLY A 675 25.60 -5.06 24.60
CA GLY A 675 25.47 -6.14 25.54
C GLY A 675 25.10 -7.42 24.83
N VAL A 676 24.70 -8.41 25.62
CA VAL A 676 24.37 -9.73 25.09
C VAL A 676 22.95 -9.71 24.54
N SER A 677 22.63 -10.72 23.72
CA SER A 677 21.30 -10.83 23.16
C SER A 677 20.27 -11.09 24.25
N GLY A 678 19.06 -10.56 24.05
CA GLY A 678 17.98 -10.79 24.98
C GLY A 678 18.21 -10.20 26.36
N SER A 679 19.29 -9.46 26.56
CA SER A 679 19.66 -8.99 27.90
C SER A 679 18.69 -7.94 28.44
N GLY A 680 17.63 -7.62 27.73
CA GLY A 680 16.67 -6.65 28.20
C GLY A 680 17.04 -5.22 27.93
N LYS A 681 18.22 -4.96 27.35
CA LYS A 681 18.58 -3.59 26.98
C LYS A 681 17.61 -3.04 25.93
N SER A 682 17.23 -3.86 24.95
CA SER A 682 16.20 -3.43 24.02
C SER A 682 14.95 -2.96 24.75
N THR A 683 14.34 -3.85 25.54
CA THR A 683 13.11 -3.50 26.25
C THR A 683 13.32 -2.23 27.07
N LEU A 684 14.45 -2.13 27.77
CA LEU A 684 14.78 -0.89 28.47
C LEU A 684 14.64 0.31 27.55
N VAL A 685 15.24 0.23 26.37
CA VAL A 685 15.20 1.34 25.43
C VAL A 685 13.74 1.62 25.06
N ASN A 686 13.09 0.64 24.44
CA ASN A 686 11.80 0.87 23.81
C ASN A 686 10.78 1.36 24.84
N ASP A 687 10.77 0.74 26.01
CA ASP A 687 9.72 1.00 26.98
C ASP A 687 10.08 2.14 27.92
N ILE A 688 11.37 2.31 28.23
CA ILE A 688 11.79 3.31 29.22
C ILE A 688 12.50 4.47 28.53
N LEU A 689 13.64 4.19 27.89
CA LEU A 689 14.48 5.27 27.40
C LEU A 689 13.81 5.99 26.24
N ALA A 690 13.61 5.29 25.12
CA ALA A 690 12.91 5.85 23.98
C ALA A 690 11.54 6.38 24.37
N ALA A 691 10.79 5.62 25.17
CA ALA A 691 9.45 6.05 25.54
C ALA A 691 9.48 7.41 26.23
N VAL A 692 10.31 7.53 27.26
CA VAL A 692 10.36 8.75 28.05
C VAL A 692 10.87 9.90 27.19
N LEU A 693 11.95 9.67 26.42
CA LEU A 693 12.52 10.74 25.63
C LEU A 693 11.51 11.24 24.59
N ALA A 694 10.82 10.31 23.92
CA ALA A 694 9.86 10.72 22.91
C ALA A 694 8.68 11.46 23.53
N ASN A 695 8.15 10.97 24.65
CA ASN A 695 6.99 11.64 25.22
C ASN A 695 7.36 12.98 25.86
N ARG A 696 8.62 13.16 26.28
CA ARG A 696 9.04 14.42 26.88
C ARG A 696 9.52 15.44 25.86
N LEU A 697 10.01 15.00 24.70
CA LEU A 697 10.58 15.89 23.70
C LEU A 697 9.75 15.96 22.43
N ASN A 698 9.37 14.81 21.87
CA ASN A 698 8.58 14.77 20.65
C ASN A 698 7.07 14.73 20.93
N GLY A 699 6.66 14.69 22.20
CA GLY A 699 5.25 14.70 22.52
C GLY A 699 4.56 13.36 22.43
N ALA A 700 5.32 12.28 22.34
CA ALA A 700 4.73 10.95 22.34
C ALA A 700 3.94 10.73 23.63
N ARG A 701 3.05 9.74 23.59
CA ARG A 701 2.16 9.45 24.72
C ARG A 701 2.22 7.96 25.06
N GLN A 702 3.30 7.30 24.69
CA GLN A 702 3.49 5.89 24.96
C GLN A 702 3.86 5.67 26.43
N VAL A 703 3.76 4.41 26.85
CA VAL A 703 3.99 4.02 28.24
C VAL A 703 5.49 4.07 28.53
N PRO A 704 5.93 4.73 29.61
CA PRO A 704 7.36 4.81 29.91
C PRO A 704 7.92 3.63 30.68
N GLY A 705 7.20 2.51 30.73
CA GLY A 705 7.69 1.37 31.48
C GLY A 705 7.68 1.63 32.97
N ARG A 706 8.85 1.46 33.59
CA ARG A 706 9.02 1.65 35.02
C ARG A 706 10.38 2.29 35.26
N HIS A 707 10.37 3.62 35.39
CA HIS A 707 11.56 4.40 35.69
C HIS A 707 11.19 5.53 36.62
N THR A 708 12.04 5.77 37.62
CA THR A 708 11.76 6.85 38.56
C THR A 708 11.91 8.21 37.88
N ARG A 709 12.96 8.38 37.08
CA ARG A 709 13.19 9.66 36.44
C ARG A 709 14.23 9.54 35.34
N VAL A 710 14.26 10.55 34.49
CA VAL A 710 15.30 10.74 33.50
C VAL A 710 15.70 12.21 33.53
N THR A 711 16.97 12.47 33.27
CA THR A 711 17.52 13.82 33.24
C THR A 711 18.36 13.99 31.99
N GLY A 712 18.78 15.24 31.74
CA GLY A 712 19.57 15.57 30.58
C GLY A 712 18.75 16.00 29.38
N LEU A 713 17.43 15.92 29.45
CA LEU A 713 16.60 16.44 28.37
C LEU A 713 16.88 17.91 28.10
N ASP A 714 17.34 18.64 29.13
CA ASP A 714 17.71 20.03 28.95
C ASP A 714 18.77 20.22 27.88
N TYR A 715 19.58 19.19 27.62
CA TYR A 715 20.63 19.27 26.60
C TYR A 715 20.16 18.78 25.24
N LEU A 716 18.87 18.48 25.07
CA LEU A 716 18.34 17.94 23.83
C LEU A 716 17.00 18.57 23.51
N ASP A 717 16.63 18.51 22.23
CA ASP A 717 15.42 19.16 21.73
C ASP A 717 14.37 18.18 21.23
N LYS A 718 14.74 17.18 20.45
CA LYS A 718 13.77 16.22 19.94
C LYS A 718 14.51 15.00 19.41
N LEU A 719 14.11 13.84 19.91
CA LEU A 719 14.70 12.57 19.55
C LEU A 719 14.15 12.06 18.22
N VAL A 720 14.84 11.07 17.67
CA VAL A 720 14.45 10.41 16.42
C VAL A 720 14.83 8.94 16.54
N ARG A 721 13.84 8.06 16.45
CA ARG A 721 14.08 6.62 16.45
C ARG A 721 13.97 6.09 15.02
N VAL A 722 15.02 5.43 14.54
CA VAL A 722 15.12 5.01 13.15
C VAL A 722 15.44 3.52 13.12
N ASP A 723 14.91 2.83 12.12
CA ASP A 723 15.10 1.39 11.97
C ASP A 723 15.09 1.04 10.48
N GLN A 724 14.94 -0.25 10.19
CA GLN A 724 15.01 -0.78 8.84
C GLN A 724 13.72 -0.60 8.04
N SER A 725 12.68 -0.04 8.65
CA SER A 725 11.36 -0.08 8.03
C SER A 725 11.39 0.54 6.64
N PRO A 726 10.71 -0.05 5.66
CA PRO A 726 10.68 0.56 4.32
C PRO A 726 10.04 1.94 4.36
N ILE A 727 10.57 2.84 3.51
CA ILE A 727 10.06 4.20 3.47
C ILE A 727 8.67 4.24 2.85
N GLY A 728 8.45 3.47 1.78
CA GLY A 728 7.18 3.49 1.08
C GLY A 728 6.76 2.12 0.61
N ARG A 729 5.51 1.76 0.85
CA ARG A 729 4.97 0.47 0.47
C ARG A 729 4.23 0.49 -0.86
N THR A 730 4.22 1.64 -1.55
CA THR A 730 3.55 1.73 -2.84
C THR A 730 4.45 2.40 -3.86
N PRO A 731 4.36 2.02 -5.14
CA PRO A 731 5.15 2.71 -6.16
C PRO A 731 4.78 4.18 -6.32
N ARG A 732 3.58 4.57 -5.89
CA ARG A 732 3.18 5.98 -5.98
C ARG A 732 4.28 6.89 -5.48
N SER A 733 4.68 6.73 -4.22
CA SER A 733 5.84 7.46 -3.72
C SER A 733 7.10 6.96 -4.41
N ASN A 734 8.03 7.87 -4.66
CA ASN A 734 9.28 7.53 -5.30
C ASN A 734 10.38 8.40 -4.69
N PRO A 735 11.65 8.06 -4.93
CA PRO A 735 12.74 8.89 -4.39
C PRO A 735 12.46 10.37 -4.43
N ALA A 736 11.95 10.88 -5.56
CA ALA A 736 11.66 12.31 -5.66
C ALA A 736 10.62 12.72 -4.63
N THR A 737 9.51 11.99 -4.56
CA THR A 737 8.43 12.38 -3.65
C THR A 737 8.91 12.34 -2.20
N TYR A 738 9.65 11.30 -1.83
CA TYR A 738 10.14 11.21 -0.47
C TYR A 738 11.10 12.35 -0.16
N THR A 739 12.11 12.55 -1.00
CA THR A 739 13.11 13.58 -0.76
C THR A 739 12.52 14.98 -0.80
N GLY A 740 11.36 15.15 -1.43
CA GLY A 740 10.81 16.47 -1.59
C GLY A 740 11.41 17.26 -2.72
N VAL A 741 12.42 16.71 -3.39
CA VAL A 741 12.97 17.36 -4.57
C VAL A 741 12.00 17.31 -5.73
N PHE A 742 10.94 16.51 -5.63
CA PHE A 742 10.05 16.30 -6.76
C PHE A 742 9.43 17.62 -7.22
N ASP A 743 8.79 18.34 -6.31
CA ASP A 743 8.19 19.62 -6.68
C ASP A 743 9.24 20.61 -7.14
N LYS A 744 10.45 20.50 -6.59
CA LYS A 744 11.53 21.38 -7.05
C LYS A 744 11.83 21.14 -8.52
N ILE A 745 11.95 19.88 -8.94
CA ILE A 745 12.19 19.57 -10.35
C ILE A 745 10.98 19.98 -11.18
N ARG A 746 9.77 19.82 -10.62
CA ARG A 746 8.58 20.22 -11.35
C ARG A 746 8.60 21.70 -11.65
N THR A 747 8.96 22.52 -10.67
CA THR A 747 9.10 23.95 -10.90
C THR A 747 10.24 24.23 -11.88
N LEU A 748 11.34 23.49 -11.75
CA LEU A 748 12.44 23.63 -12.71
C LEU A 748 11.94 23.48 -14.13
N PHE A 749 11.14 22.44 -14.39
CA PHE A 749 10.54 22.27 -15.70
C PHE A 749 9.56 23.39 -16.02
N ALA A 750 8.82 23.86 -15.02
CA ALA A 750 7.96 25.00 -15.23
C ALA A 750 8.75 26.23 -15.68
N ALA A 751 10.04 26.26 -15.40
CA ALA A 751 10.88 27.40 -15.76
C ALA A 751 11.19 27.47 -17.24
N THR A 752 10.88 26.43 -18.01
CA THR A 752 11.09 26.48 -19.45
C THR A 752 10.16 27.49 -20.09
N THR A 753 10.61 28.12 -21.18
CA THR A 753 9.75 29.06 -21.88
C THR A 753 8.54 28.34 -22.46
N GLU A 754 8.71 27.10 -22.89
CA GLU A 754 7.57 26.29 -23.32
C GLU A 754 6.59 26.09 -22.16
N ALA A 755 7.12 25.84 -20.96
CA ALA A 755 6.27 25.74 -19.79
C ALA A 755 5.53 27.05 -19.54
N LYS A 756 6.21 28.18 -19.75
CA LYS A 756 5.55 29.47 -19.57
C LYS A 756 4.40 29.63 -20.55
N VAL A 757 4.66 29.38 -21.83
CA VAL A 757 3.63 29.61 -22.84
C VAL A 757 2.44 28.69 -22.60
N ARG A 758 2.69 27.42 -22.25
CA ARG A 758 1.56 26.57 -21.90
C ARG A 758 0.87 27.06 -20.62
N GLY A 759 1.61 27.71 -19.72
CA GLY A 759 1.01 28.34 -18.56
C GLY A 759 0.36 27.36 -17.60
N TYR A 760 1.07 26.29 -17.25
CA TYR A 760 0.54 25.26 -16.38
C TYR A 760 1.54 24.94 -15.27
N GLN A 761 1.03 24.44 -14.14
CA GLN A 761 1.74 24.45 -12.88
C GLN A 761 2.78 23.34 -12.82
N PRO A 762 3.67 23.39 -11.81
CA PRO A 762 4.56 22.25 -11.58
C PRO A 762 3.80 20.95 -11.36
N GLY A 763 2.61 21.02 -10.77
CA GLY A 763 1.78 19.83 -10.65
C GLY A 763 1.43 19.22 -11.98
N ARG A 764 1.32 20.04 -13.03
CA ARG A 764 1.09 19.51 -14.37
C ARG A 764 2.19 18.53 -14.75
N PHE A 765 3.44 18.90 -14.52
CA PHE A 765 4.58 18.05 -14.87
C PHE A 765 4.66 16.80 -14.00
N SER A 766 3.90 16.74 -12.90
CA SER A 766 3.97 15.60 -12.00
C SER A 766 3.61 14.31 -12.74
N PHE A 767 3.90 13.18 -12.08
CA PHE A 767 3.54 11.88 -12.60
C PHE A 767 2.41 11.23 -11.81
N ASN A 768 2.02 11.80 -10.68
CA ASN A 768 0.88 11.36 -9.89
C ASN A 768 -0.24 12.38 -9.99
N VAL A 769 -0.41 12.97 -11.16
CA VAL A 769 -1.37 14.04 -11.39
C VAL A 769 -2.36 13.59 -12.46
N LYS A 770 -3.63 13.86 -12.20
CA LYS A 770 -4.69 13.35 -13.09
C LYS A 770 -4.45 13.80 -14.53
N GLY A 771 -4.24 15.10 -14.73
CA GLY A 771 -4.20 15.63 -16.09
C GLY A 771 -3.09 15.05 -16.93
N GLY A 772 -1.88 15.01 -16.39
CA GLY A 772 -0.73 14.55 -17.16
C GLY A 772 -0.60 13.06 -17.29
N ARG A 773 -1.38 12.29 -16.54
CA ARG A 773 -1.30 10.84 -16.52
C ARG A 773 -2.10 10.26 -17.67
N CYS A 774 -1.41 9.61 -18.60
CA CYS A 774 -2.08 8.93 -19.71
C CYS A 774 -3.02 7.87 -19.12
N GLU A 775 -4.25 7.83 -19.61
CA GLU A 775 -5.21 6.87 -19.08
C GLU A 775 -4.78 5.44 -19.34
N ALA A 776 -3.97 5.20 -20.37
CA ALA A 776 -3.53 3.85 -20.68
C ALA A 776 -2.74 3.25 -19.53
N CYS A 777 -2.15 4.09 -18.68
CA CYS A 777 -1.39 3.61 -17.53
C CYS A 777 -1.65 4.41 -16.26
N THR A 778 -2.51 5.42 -16.30
CA THR A 778 -2.49 6.47 -15.28
C THR A 778 -1.06 7.02 -15.14
N GLY A 779 -0.39 7.18 -16.29
CA GLY A 779 0.95 7.73 -16.29
C GLY A 779 1.96 6.85 -15.60
N ASP A 780 1.67 5.56 -15.42
CA ASP A 780 2.56 4.65 -14.72
C ASP A 780 3.60 4.02 -15.63
N GLY A 781 3.68 4.43 -16.90
CA GLY A 781 4.64 3.86 -17.80
C GLY A 781 4.07 2.66 -18.53
N THR A 782 4.33 1.47 -18.00
CA THR A 782 3.77 0.25 -18.56
C THR A 782 2.29 0.13 -18.22
N ILE A 783 1.64 -0.85 -18.83
CA ILE A 783 0.22 -1.12 -18.62
C ILE A 783 0.09 -2.40 -17.80
N LYS A 784 -0.76 -2.38 -16.78
CA LYS A 784 -0.89 -3.48 -15.84
C LYS A 784 -2.34 -3.93 -15.79
N ILE A 785 -2.56 -5.23 -15.98
CA ILE A 785 -3.83 -5.88 -15.71
C ILE A 785 -3.56 -7.36 -15.49
N GLU A 786 -4.12 -7.92 -14.43
CA GLU A 786 -3.83 -9.31 -14.07
C GLU A 786 -4.89 -9.79 -13.10
N MET A 787 -4.96 -11.12 -12.96
CA MET A 787 -5.83 -11.78 -11.99
C MET A 787 -4.97 -12.43 -10.91
N ASN A 788 -5.64 -13.14 -10.00
CA ASN A 788 -4.98 -13.67 -8.82
C ASN A 788 -3.95 -14.74 -9.15
N PHE A 789 -4.25 -15.63 -10.10
CA PHE A 789 -3.49 -16.87 -10.22
C PHE A 789 -2.00 -16.61 -10.47
N LEU A 790 -1.67 -15.82 -11.47
CA LEU A 790 -0.29 -15.63 -11.89
C LEU A 790 0.02 -14.15 -11.99
N PRO A 791 1.30 -13.77 -11.89
CA PRO A 791 1.66 -12.35 -11.92
C PRO A 791 1.55 -11.78 -13.33
N ASP A 792 1.54 -10.45 -13.38
CA ASP A 792 1.43 -9.74 -14.64
C ASP A 792 2.79 -9.66 -15.35
N VAL A 793 2.80 -8.98 -16.48
CA VAL A 793 4.03 -8.73 -17.24
C VAL A 793 4.04 -7.26 -17.66
N TYR A 794 5.20 -6.62 -17.52
CA TYR A 794 5.33 -5.23 -17.92
C TYR A 794 5.18 -5.10 -19.43
N VAL A 795 4.47 -4.06 -19.87
CA VAL A 795 4.28 -3.79 -21.30
C VAL A 795 4.31 -2.28 -21.52
N PRO A 796 5.24 -1.76 -22.32
CA PRO A 796 5.26 -0.31 -22.54
C PRO A 796 3.98 0.18 -23.22
N CYS A 797 3.56 1.38 -22.85
CA CYS A 797 2.32 1.93 -23.37
C CYS A 797 2.60 2.86 -24.55
N GLU A 798 1.62 2.92 -25.47
CA GLU A 798 1.77 3.78 -26.64
C GLU A 798 2.20 5.18 -26.24
N VAL A 799 1.52 5.77 -25.26
CA VAL A 799 1.92 7.08 -24.77
C VAL A 799 3.32 7.03 -24.17
N CYS A 800 3.59 6.03 -23.33
CA CYS A 800 4.77 6.08 -22.47
C CYS A 800 6.04 5.63 -23.19
N GLN A 801 6.07 4.37 -23.63
CA GLN A 801 7.33 3.74 -24.02
C GLN A 801 8.27 3.69 -22.81
N GLY A 802 7.69 3.48 -21.64
CA GLY A 802 8.42 3.56 -20.39
C GLY A 802 8.57 4.95 -19.84
N ALA A 803 8.02 5.97 -20.53
CA ALA A 803 8.17 7.35 -20.13
C ALA A 803 7.34 7.72 -18.91
N ARG A 804 6.40 6.87 -18.49
CA ARG A 804 5.53 7.14 -17.35
C ARG A 804 5.11 8.60 -17.33
N TYR A 805 4.78 9.14 -18.49
CA TYR A 805 4.36 10.53 -18.64
C TYR A 805 3.36 10.57 -19.80
N ASN A 806 3.08 11.78 -20.28
CA ASN A 806 2.37 11.98 -21.53
C ASN A 806 3.20 12.91 -22.40
N ARG A 807 3.29 12.58 -23.70
CA ARG A 807 4.13 13.37 -24.59
C ARG A 807 3.71 14.83 -24.57
N GLU A 808 2.42 15.10 -24.36
CA GLU A 808 1.96 16.49 -24.27
C GLU A 808 2.81 17.25 -23.26
N THR A 809 2.99 16.69 -22.07
CA THR A 809 3.86 17.32 -21.07
C THR A 809 5.32 17.20 -21.47
N LEU A 810 5.73 16.05 -21.99
CA LEU A 810 7.15 15.82 -22.26
C LEU A 810 7.68 16.75 -23.34
N GLU A 811 6.80 17.43 -24.09
CA GLU A 811 7.26 18.33 -25.13
C GLU A 811 8.24 19.35 -24.58
N VAL A 812 8.07 19.79 -23.34
CA VAL A 812 9.07 20.64 -22.72
C VAL A 812 10.33 19.82 -22.49
N HIS A 813 11.48 20.41 -22.83
CA HIS A 813 12.76 19.72 -22.69
C HIS A 813 13.71 20.58 -21.90
N TYR A 814 13.24 21.07 -20.75
CA TYR A 814 14.02 21.94 -19.88
C TYR A 814 15.47 21.51 -19.82
N LYS A 815 16.38 22.43 -20.16
CA LYS A 815 17.80 22.14 -20.19
C LYS A 815 18.10 20.91 -21.05
N GLY A 816 17.46 20.85 -22.21
CA GLY A 816 17.68 19.75 -23.13
C GLY A 816 17.31 18.38 -22.60
N LYS A 817 16.29 18.31 -21.75
CA LYS A 817 15.87 17.04 -21.17
C LYS A 817 14.36 17.07 -20.96
N THR A 818 13.69 16.00 -21.39
CA THR A 818 12.25 15.88 -21.16
C THR A 818 11.98 15.51 -19.71
N VAL A 819 10.72 15.56 -19.31
CA VAL A 819 10.37 15.18 -17.94
C VAL A 819 10.69 13.71 -17.74
N SER A 820 10.41 12.88 -18.76
CA SER A 820 10.77 11.48 -18.68
C SER A 820 12.27 11.30 -18.46
N GLU A 821 13.08 12.02 -19.23
CA GLU A 821 14.53 11.91 -19.08
C GLU A 821 14.98 12.36 -17.70
N VAL A 822 14.44 13.48 -17.23
CA VAL A 822 14.84 14.02 -15.94
C VAL A 822 14.51 13.01 -14.83
N LEU A 823 13.30 12.47 -14.84
CA LEU A 823 12.97 11.43 -13.88
C LEU A 823 13.77 10.16 -14.13
N ASP A 824 14.31 10.00 -15.35
CA ASP A 824 15.04 8.78 -15.68
C ASP A 824 16.40 8.78 -15.02
N MET A 825 17.27 9.72 -15.40
CA MET A 825 18.65 9.60 -14.95
C MET A 825 18.67 9.51 -13.43
N SER A 826 19.41 8.55 -12.91
CA SER A 826 19.32 8.17 -11.51
C SER A 826 20.06 9.20 -10.65
N ILE A 827 20.08 8.97 -9.35
CA ILE A 827 20.51 10.00 -8.42
C ILE A 827 21.87 10.61 -8.74
N GLU A 828 22.86 9.78 -9.10
CA GLU A 828 24.20 10.32 -9.34
C GLU A 828 24.23 11.22 -10.58
N GLU A 829 23.59 10.78 -11.66
CA GLU A 829 23.51 11.61 -12.86
C GLU A 829 22.74 12.90 -12.60
N ALA A 830 21.62 12.83 -11.87
CA ALA A 830 20.97 14.06 -11.47
C ALA A 830 21.89 14.93 -10.62
N ALA A 831 22.72 14.32 -9.79
CA ALA A 831 23.62 15.08 -8.93
C ALA A 831 24.63 15.86 -9.76
N GLU A 832 25.29 15.19 -10.70
CA GLU A 832 26.20 15.92 -11.58
C GLU A 832 25.44 16.93 -12.43
N PHE A 833 24.11 16.80 -12.49
CA PHE A 833 23.24 17.79 -13.10
C PHE A 833 22.70 18.73 -12.01
N PHE A 834 21.96 19.75 -12.44
CA PHE A 834 21.34 20.70 -11.52
C PHE A 834 22.39 21.44 -10.70
N GLU A 835 23.58 21.61 -11.27
CA GLU A 835 24.71 22.12 -10.48
C GLU A 835 24.44 23.51 -9.91
N PRO A 836 24.03 24.51 -10.70
CA PRO A 836 23.87 25.86 -10.14
C PRO A 836 22.59 26.02 -9.32
N ILE A 837 21.71 25.02 -9.32
CA ILE A 837 20.51 25.04 -8.50
C ILE A 837 20.93 24.74 -7.07
N ALA A 838 20.06 25.01 -6.09
CA ALA A 838 20.47 24.99 -4.69
C ALA A 838 19.82 23.86 -3.89
N GLY A 839 18.49 23.84 -3.77
CA GLY A 839 17.87 22.83 -2.92
C GLY A 839 18.03 21.43 -3.49
N VAL A 840 17.79 21.29 -4.79
CA VAL A 840 18.04 20.02 -5.45
C VAL A 840 19.50 19.65 -5.31
N HIS A 841 20.39 20.65 -5.37
CA HIS A 841 21.82 20.37 -5.20
C HIS A 841 22.12 19.80 -3.83
N ARG A 842 21.50 20.35 -2.79
CA ARG A 842 21.69 19.81 -1.45
C ARG A 842 21.17 18.39 -1.36
N TYR A 843 19.98 18.14 -1.91
CA TYR A 843 19.44 16.78 -1.88
C TYR A 843 20.39 15.80 -2.56
N LEU A 844 20.81 16.13 -3.78
CA LEU A 844 21.66 15.21 -4.54
C LEU A 844 23.02 15.06 -3.90
N ARG A 845 23.55 16.12 -3.28
CA ARG A 845 24.82 15.99 -2.56
C ARG A 845 24.67 15.05 -1.39
N THR A 846 23.57 15.16 -0.64
CA THR A 846 23.31 14.23 0.45
C THR A 846 23.30 12.80 -0.07
N LEU A 847 22.60 12.57 -1.19
CA LEU A 847 22.52 11.21 -1.72
C LEU A 847 23.87 10.72 -2.25
N VAL A 848 24.67 11.61 -2.84
CA VAL A 848 25.98 11.22 -3.32
C VAL A 848 26.87 10.82 -2.16
N ASP A 849 26.84 11.61 -1.08
CA ASP A 849 27.57 11.23 0.12
C ASP A 849 27.07 9.90 0.67
N VAL A 850 25.76 9.66 0.61
CA VAL A 850 25.23 8.34 0.94
C VAL A 850 25.89 7.29 0.06
N GLY A 851 26.16 7.62 -1.20
CA GLY A 851 26.88 6.75 -2.10
C GLY A 851 26.03 5.66 -2.74
N LEU A 852 24.75 5.61 -2.43
CA LEU A 852 23.84 4.65 -3.04
C LEU A 852 23.01 5.29 -4.16
N GLY A 853 23.53 6.32 -4.79
CA GLY A 853 22.77 7.08 -5.76
C GLY A 853 22.37 6.30 -6.99
N TYR A 854 22.95 5.12 -7.18
CA TYR A 854 22.60 4.30 -8.33
C TYR A 854 21.10 4.14 -8.48
N VAL A 855 20.35 4.22 -7.38
CA VAL A 855 18.92 3.98 -7.44
C VAL A 855 18.27 4.91 -8.44
N ARG A 856 17.43 4.34 -9.30
CA ARG A 856 16.67 5.13 -10.24
C ARG A 856 15.84 6.15 -9.49
N LEU A 857 15.77 7.37 -10.02
CA LEU A 857 14.97 8.40 -9.38
C LEU A 857 13.52 7.98 -9.24
N GLY A 858 12.99 7.29 -10.24
CA GLY A 858 11.62 6.79 -10.19
C GLY A 858 11.53 5.36 -9.73
N GLN A 859 12.57 4.86 -9.08
CA GLN A 859 12.54 3.49 -8.59
C GLN A 859 11.45 3.35 -7.55
N PRO A 860 10.48 2.45 -7.71
CA PRO A 860 9.40 2.34 -6.72
C PRO A 860 9.91 2.09 -5.32
N ALA A 861 9.29 2.70 -4.33
CA ALA A 861 9.64 2.45 -2.93
C ALA A 861 9.52 0.95 -2.65
N PRO A 862 8.46 0.28 -3.11
CA PRO A 862 8.36 -1.16 -2.89
C PRO A 862 9.55 -1.93 -3.46
N THR A 863 10.18 -1.41 -4.51
CA THR A 863 11.35 -2.06 -5.09
C THR A 863 12.65 -1.62 -4.42
N LEU A 864 12.59 -1.18 -3.18
CA LEU A 864 13.77 -0.77 -2.43
C LEU A 864 13.82 -1.52 -1.11
N SER A 865 14.99 -2.10 -0.82
CA SER A 865 15.17 -2.89 0.38
C SER A 865 15.00 -2.02 1.63
N GLY A 866 14.82 -2.69 2.76
CA GLY A 866 14.67 -1.98 4.02
C GLY A 866 15.90 -1.16 4.38
N GLY A 867 17.08 -1.71 4.13
CA GLY A 867 18.30 -0.94 4.37
C GLY A 867 18.42 0.26 3.46
N GLU A 868 18.01 0.11 2.19
CA GLU A 868 18.00 1.24 1.29
C GLU A 868 17.04 2.32 1.78
N ALA A 869 15.86 1.91 2.25
CA ALA A 869 14.94 2.87 2.85
C ALA A 869 15.55 3.54 4.07
N GLN A 870 16.29 2.78 4.88
CA GLN A 870 16.96 3.35 6.04
C GLN A 870 17.96 4.41 5.62
N ARG A 871 18.75 4.13 4.59
CA ARG A 871 19.69 5.12 4.08
C ARG A 871 18.95 6.35 3.60
N VAL A 872 17.80 6.15 2.94
CA VAL A 872 16.99 7.27 2.49
C VAL A 872 16.52 8.11 3.67
N LYS A 873 16.08 7.46 4.75
CA LYS A 873 15.60 8.20 5.91
C LYS A 873 16.73 9.00 6.55
N LEU A 874 17.90 8.38 6.72
CA LEU A 874 19.00 9.12 7.34
C LEU A 874 19.45 10.27 6.44
N ALA A 875 19.38 10.08 5.13
CA ALA A 875 19.68 11.19 4.22
C ALA A 875 18.66 12.31 4.37
N SER A 876 17.38 11.98 4.47
CA SER A 876 16.35 13.00 4.60
C SER A 876 16.53 13.79 5.89
N GLU A 877 16.80 13.10 7.00
CA GLU A 877 17.06 13.80 8.25
C GLU A 877 18.38 14.54 8.23
N LEU A 878 19.31 14.16 7.35
CA LEU A 878 20.58 14.86 7.23
C LEU A 878 20.39 16.25 6.66
N GLN A 879 19.17 16.57 6.24
CA GLN A 879 18.84 17.82 5.57
C GLN A 879 17.71 18.53 6.31
N LYS A 880 17.85 18.68 7.63
CA LYS A 880 16.82 19.30 8.45
C LYS A 880 17.39 20.28 9.48
N ARG A 881 18.69 20.57 9.44
CA ARG A 881 19.31 21.61 10.26
C ARG A 881 18.84 21.54 11.72
N SER A 882 19.11 20.40 12.35
CA SER A 882 18.77 20.20 13.75
C SER A 882 19.83 20.74 14.71
N THR A 883 20.94 21.24 14.18
CA THR A 883 22.06 21.77 14.96
C THR A 883 22.75 20.71 15.79
N GLY A 884 22.33 19.45 15.70
CA GLY A 884 22.89 18.40 16.51
C GLY A 884 22.27 18.26 17.87
N ARG A 885 21.40 19.18 18.28
CA ARG A 885 20.73 19.06 19.56
C ARG A 885 19.87 17.82 19.63
N THR A 886 19.41 17.32 18.49
CA THR A 886 18.61 16.11 18.45
C THR A 886 19.49 14.88 18.68
N VAL A 887 18.84 13.76 18.99
CA VAL A 887 19.52 12.50 19.27
C VAL A 887 18.81 11.40 18.50
N TYR A 888 19.59 10.53 17.86
CA TYR A 888 19.06 9.43 17.08
C TYR A 888 19.28 8.11 17.81
N ILE A 889 18.20 7.38 18.06
CA ILE A 889 18.28 6.01 18.55
C ILE A 889 17.98 5.07 17.39
N LEU A 890 18.63 3.91 17.40
CA LEU A 890 18.62 3.04 16.23
C LEU A 890 18.66 1.58 16.64
N ASP A 891 18.09 0.75 15.77
CA ASP A 891 18.05 -0.70 15.94
C ASP A 891 19.40 -1.26 15.47
N GLU A 892 19.55 -2.58 15.50
CA GLU A 892 20.66 -3.23 14.83
C GLU A 892 20.50 -3.17 13.32
N PRO A 893 21.18 -2.26 12.62
CA PRO A 893 20.89 -2.05 11.19
C PRO A 893 21.73 -2.89 10.24
N THR A 894 22.46 -3.89 10.71
CA THR A 894 23.31 -4.67 9.83
C THR A 894 22.53 -5.22 8.64
N THR A 895 21.32 -5.70 8.89
CA THR A 895 20.46 -6.16 7.81
C THR A 895 20.14 -5.00 6.87
N GLY A 896 20.12 -5.28 5.57
CA GLY A 896 19.85 -4.28 4.57
C GLY A 896 21.04 -3.40 4.22
N LEU A 897 22.15 -3.52 4.94
CA LEU A 897 23.37 -2.78 4.64
C LEU A 897 24.53 -3.75 4.52
N HIS A 898 25.21 -3.72 3.39
CA HIS A 898 26.47 -4.43 3.27
C HIS A 898 27.51 -3.77 4.16
N PHE A 899 28.71 -4.35 4.20
CA PHE A 899 29.82 -3.73 4.91
C PHE A 899 30.02 -2.29 4.45
N ASP A 900 30.06 -2.07 3.13
CA ASP A 900 30.27 -0.72 2.61
C ASP A 900 29.07 0.17 2.91
N ASP A 901 27.87 -0.37 2.86
CA ASP A 901 26.70 0.41 3.22
C ASP A 901 26.78 0.85 4.68
N ILE A 902 27.25 -0.04 5.55
CA ILE A 902 27.43 0.29 6.95
C ILE A 902 28.50 1.37 7.09
N ARG A 903 29.56 1.29 6.29
CA ARG A 903 30.59 2.32 6.34
C ARG A 903 30.05 3.67 5.90
N LYS A 904 29.22 3.68 4.87
CA LYS A 904 28.59 4.93 4.44
C LYS A 904 27.68 5.48 5.53
N LEU A 905 26.89 4.61 6.16
CA LEU A 905 26.06 5.04 7.28
C LEU A 905 26.92 5.56 8.42
N LEU A 906 28.08 4.94 8.64
CA LEU A 906 28.99 5.40 9.68
C LEU A 906 29.48 6.80 9.38
N ASN A 907 29.82 7.07 8.11
CA ASN A 907 30.19 8.43 7.72
C ASN A 907 29.03 9.39 7.95
N VAL A 908 27.81 8.94 7.64
CA VAL A 908 26.64 9.79 7.84
C VAL A 908 26.50 10.17 9.30
N ILE A 909 26.56 9.18 10.20
CA ILE A 909 26.43 9.45 11.62
C ILE A 909 27.62 10.25 12.13
N ASN A 910 28.80 10.06 11.54
CA ASN A 910 29.96 10.85 11.93
C ASN A 910 29.70 12.33 11.64
N GLY A 911 29.23 12.62 10.43
CA GLY A 911 28.87 14.00 10.13
C GLY A 911 27.78 14.53 11.05
N LEU A 912 26.78 13.69 11.34
CA LEU A 912 25.72 14.10 12.25
C LEU A 912 26.28 14.50 13.61
N VAL A 913 27.11 13.62 14.20
CA VAL A 913 27.60 13.83 15.55
C VAL A 913 28.59 14.99 15.59
N ASP A 914 29.35 15.18 14.51
CA ASP A 914 30.19 16.37 14.41
C ASP A 914 29.34 17.62 14.30
N LYS A 915 28.12 17.48 13.76
CA LYS A 915 27.16 18.57 13.77
C LYS A 915 26.47 18.72 15.11
N GLY A 916 26.86 17.91 16.11
CA GLY A 916 26.32 17.98 17.45
C GLY A 916 25.39 16.86 17.82
N ASN A 917 24.99 16.01 16.87
CA ASN A 917 24.00 14.98 17.14
C ASN A 917 24.49 13.99 18.18
N THR A 918 23.56 13.52 19.00
CA THR A 918 23.80 12.37 19.87
C THR A 918 23.22 11.15 19.20
N VAL A 919 23.71 9.96 19.56
CA VAL A 919 23.22 8.73 18.96
C VAL A 919 23.35 7.60 19.97
N ILE A 920 22.42 6.64 19.89
CA ILE A 920 22.48 5.40 20.66
C ILE A 920 21.85 4.30 19.83
N VAL A 921 22.63 3.26 19.55
CA VAL A 921 22.18 2.19 18.66
C VAL A 921 22.39 0.85 19.34
N ILE A 922 21.35 0.03 19.32
CA ILE A 922 21.50 -1.39 19.60
C ILE A 922 22.13 -2.03 18.38
N GLU A 923 23.19 -2.81 18.58
CA GLU A 923 23.92 -3.36 17.45
C GLU A 923 24.82 -4.48 17.94
N HIS A 924 24.85 -5.58 17.19
CA HIS A 924 25.73 -6.70 17.51
C HIS A 924 27.04 -6.66 16.74
N ASN A 925 27.36 -5.54 16.11
CA ASN A 925 28.58 -5.44 15.31
C ASN A 925 29.68 -4.76 16.11
N LEU A 926 30.78 -5.48 16.32
CA LEU A 926 31.88 -4.93 17.09
C LEU A 926 32.45 -3.68 16.43
N ASP A 927 32.56 -3.68 15.10
CA ASP A 927 33.13 -2.54 14.40
C ASP A 927 32.26 -1.29 14.58
N VAL A 928 30.94 -1.44 14.48
CA VAL A 928 30.07 -0.28 14.60
C VAL A 928 30.24 0.37 15.96
N ILE A 929 30.21 -0.44 17.01
CA ILE A 929 30.30 0.10 18.36
C ILE A 929 31.69 0.65 18.64
N LYS A 930 32.73 -0.06 18.18
CA LYS A 930 34.09 0.48 18.34
C LYS A 930 34.24 1.80 17.62
N THR A 931 33.47 2.01 16.55
CA THR A 931 33.44 3.32 15.91
C THR A 931 32.65 4.33 16.74
N SER A 932 31.58 3.91 17.40
CA SER A 932 30.86 4.82 18.28
C SER A 932 31.76 5.25 19.44
N ASP A 933 31.80 6.55 19.69
CA ASP A 933 32.80 7.08 20.62
C ASP A 933 32.53 6.66 22.05
N TRP A 934 31.30 6.28 22.38
CA TRP A 934 30.99 5.79 23.72
C TRP A 934 30.10 4.55 23.64
N ILE A 935 30.26 3.67 24.63
CA ILE A 935 29.45 2.47 24.77
C ILE A 935 28.78 2.47 26.13
N ILE A 936 27.51 2.11 26.15
CA ILE A 936 26.79 1.74 27.36
C ILE A 936 26.36 0.29 27.20
N ASP A 937 27.04 -0.64 27.85
CA ASP A 937 26.72 -2.04 27.73
C ASP A 937 25.95 -2.49 28.96
N LEU A 938 24.71 -2.93 28.74
CA LEU A 938 23.83 -3.36 29.81
C LEU A 938 23.61 -4.86 29.74
N GLY A 939 23.51 -5.46 30.92
CA GLY A 939 23.10 -6.83 31.06
C GLY A 939 24.21 -7.72 31.57
N PRO A 940 24.23 -7.97 32.88
CA PRO A 940 25.15 -8.99 33.41
C PRO A 940 24.91 -10.36 32.80
N GLU A 941 23.67 -10.68 32.47
CA GLU A 941 23.32 -11.97 31.92
C GLU A 941 22.08 -11.77 31.05
N GLY A 942 21.96 -12.58 30.01
CA GLY A 942 20.79 -12.53 29.16
C GLY A 942 19.49 -12.54 29.92
N GLY A 943 18.45 -12.04 29.25
CA GLY A 943 17.11 -12.04 29.82
C GLY A 943 17.07 -11.31 31.14
N ALA A 944 16.24 -11.83 32.06
CA ALA A 944 16.12 -11.23 33.38
C ALA A 944 17.45 -11.13 34.10
N GLY A 945 18.49 -11.83 33.64
CA GLY A 945 19.79 -11.72 34.25
C GLY A 945 20.53 -10.44 33.94
N GLY A 946 19.95 -9.55 33.14
CA GLY A 946 20.61 -8.33 32.75
C GLY A 946 20.15 -7.13 33.56
N GLY A 947 19.53 -6.17 32.88
CA GLY A 947 18.81 -5.10 33.55
C GLY A 947 19.67 -4.16 34.37
N THR A 948 20.90 -3.91 33.95
CA THR A 948 21.74 -2.93 34.61
C THR A 948 23.05 -2.78 33.86
N VAL A 949 23.60 -1.57 33.88
CA VAL A 949 24.86 -1.31 33.22
C VAL A 949 25.95 -2.18 33.84
N VAL A 950 26.54 -3.03 33.02
CA VAL A 950 27.72 -3.77 33.43
C VAL A 950 29.01 -3.00 33.15
N ALA A 951 28.98 -2.06 32.20
CA ALA A 951 30.15 -1.27 31.87
C ALA A 951 29.76 -0.18 30.88
N GLN A 952 30.59 0.84 30.77
CA GLN A 952 30.39 1.88 29.79
C GLN A 952 31.64 2.74 29.70
N GLY A 953 31.55 3.78 28.90
CA GLY A 953 32.68 4.64 28.61
C GLY A 953 33.10 4.44 27.18
N THR A 954 34.24 5.01 26.81
CA THR A 954 34.77 4.74 25.49
C THR A 954 34.69 3.23 25.21
N PRO A 955 34.50 2.82 23.96
CA PRO A 955 34.54 1.39 23.66
C PRO A 955 35.68 0.68 24.37
N GLU A 956 36.86 1.31 24.42
CA GLU A 956 37.97 0.72 25.15
C GLU A 956 37.68 0.65 26.64
N ASP A 957 37.05 1.69 27.19
CA ASP A 957 36.70 1.68 28.61
C ASP A 957 35.78 0.52 28.94
N VAL A 958 34.68 0.39 28.19
CA VAL A 958 33.75 -0.71 28.43
C VAL A 958 34.44 -2.04 28.22
N ALA A 959 35.37 -2.10 27.25
CA ALA A 959 36.11 -3.34 27.01
C ALA A 959 36.94 -3.72 28.22
N ALA A 960 37.62 -2.74 28.83
CA ALA A 960 38.46 -3.02 29.98
C ALA A 960 37.67 -3.65 31.11
N VAL A 961 36.35 -3.47 31.14
CA VAL A 961 35.48 -4.10 32.12
C VAL A 961 34.89 -5.35 31.48
N PRO A 962 35.30 -6.55 31.89
CA PRO A 962 34.74 -7.78 31.30
C PRO A 962 33.33 -8.10 31.78
N ALA A 963 32.67 -7.18 32.48
CA ALA A 963 31.30 -7.41 32.94
C ALA A 963 30.34 -7.59 31.77
N SER A 964 30.72 -7.19 30.56
CA SER A 964 29.98 -7.48 29.34
C SER A 964 30.76 -8.45 28.48
N TYR A 965 30.02 -9.32 27.77
CA TYR A 965 30.67 -10.17 26.78
C TYR A 965 30.99 -9.37 25.53
N THR A 966 30.11 -8.45 25.15
CA THR A 966 30.46 -7.48 24.12
C THR A 966 31.68 -6.68 24.54
N GLY A 967 31.80 -6.39 25.84
CA GLY A 967 33.00 -5.75 26.34
C GLY A 967 34.22 -6.62 26.19
N LYS A 968 34.10 -7.92 26.52
CA LYS A 968 35.20 -8.84 26.28
C LYS A 968 35.61 -8.82 24.83
N PHE A 969 34.65 -8.70 23.93
CA PHE A 969 34.95 -8.72 22.50
C PHE A 969 35.65 -7.43 22.07
N LEU A 970 35.15 -6.29 22.54
CA LEU A 970 35.83 -5.02 22.29
C LEU A 970 37.20 -4.98 22.95
N ALA A 971 37.44 -5.86 23.93
CA ALA A 971 38.76 -5.93 24.54
C ALA A 971 39.72 -6.78 23.70
N GLU A 972 39.29 -7.99 23.33
CA GLU A 972 40.11 -8.79 22.44
C GLU A 972 40.39 -8.10 21.11
N VAL A 973 39.51 -7.21 20.67
CA VAL A 973 39.84 -6.29 19.59
C VAL A 973 40.51 -5.07 20.22
N VAL A 974 41.35 -4.41 19.43
CA VAL A 974 42.12 -3.27 19.93
C VAL A 974 43.04 -3.73 21.05
N MET B 22 24.90 -41.29 5.46
CA MET B 22 24.45 -40.00 4.85
C MET B 22 22.92 -39.91 4.96
N ALA B 23 22.22 -40.10 3.84
CA ALA B 23 20.76 -40.17 3.85
C ALA B 23 20.35 -41.14 2.74
N ASP B 24 20.14 -42.40 3.12
CA ASP B 24 19.86 -43.44 2.14
C ASP B 24 18.86 -44.49 2.61
N ARG B 25 18.19 -44.28 3.74
CA ARG B 25 17.25 -45.26 4.25
C ARG B 25 16.16 -44.55 5.05
N LEU B 26 15.02 -45.23 5.15
CA LEU B 26 13.85 -44.75 5.90
C LEU B 26 13.38 -45.84 6.83
N ILE B 27 13.08 -45.46 8.07
CA ILE B 27 12.77 -46.41 9.13
C ILE B 27 11.43 -46.05 9.75
N VAL B 28 10.61 -47.06 9.99
CA VAL B 28 9.37 -46.92 10.76
C VAL B 28 9.40 -47.95 11.87
N LYS B 29 8.94 -47.57 13.05
CA LYS B 29 9.01 -48.45 14.21
C LYS B 29 7.80 -48.22 15.10
N GLY B 30 7.06 -49.29 15.39
CA GLY B 30 5.98 -49.25 16.35
C GLY B 30 4.60 -49.09 15.73
N ALA B 31 4.32 -49.89 14.70
CA ALA B 31 3.02 -49.85 14.03
C ALA B 31 2.05 -50.73 14.81
N ARG B 32 1.44 -50.17 15.86
CA ARG B 32 0.51 -50.93 16.74
C ARG B 32 -0.92 -50.40 16.52
N GLU B 33 -1.67 -50.98 15.59
CA GLU B 33 -3.03 -50.56 15.29
C GLU B 33 -3.78 -51.68 14.58
N HIS B 34 -4.97 -52.02 15.07
CA HIS B 34 -5.73 -53.17 14.56
C HIS B 34 -4.78 -54.37 14.56
N ASN B 35 -4.65 -55.11 13.45
CA ASN B 35 -3.78 -56.27 13.43
C ASN B 35 -2.30 -55.92 13.42
N LEU B 36 -1.94 -54.69 13.08
CA LEU B 36 -0.55 -54.26 13.18
C LEU B 36 -0.14 -54.24 14.65
N ARG B 37 1.00 -54.86 14.94
CA ARG B 37 1.50 -55.00 16.32
C ARG B 37 2.92 -54.45 16.36
N SER B 38 3.04 -53.15 16.57
CA SER B 38 4.34 -52.49 16.66
C SER B 38 5.22 -52.86 15.48
N VAL B 39 4.60 -53.07 14.31
CA VAL B 39 5.35 -53.52 13.15
C VAL B 39 6.34 -52.45 12.72
N ASP B 40 7.54 -52.88 12.35
CA ASP B 40 8.64 -51.97 12.05
C ASP B 40 9.40 -52.47 10.84
N LEU B 41 10.12 -51.56 10.19
CA LEU B 41 10.91 -51.91 9.02
C LEU B 41 11.76 -50.72 8.60
N ASP B 42 12.98 -51.00 8.16
CA ASP B 42 13.85 -50.04 7.50
C ASP B 42 14.05 -50.45 6.06
N LEU B 43 14.02 -49.46 5.16
CA LEU B 43 14.07 -49.70 3.73
C LEU B 43 15.03 -48.73 3.06
N PRO B 44 15.54 -49.08 1.88
CA PRO B 44 16.46 -48.18 1.18
C PRO B 44 15.71 -47.03 0.53
N ARG B 45 16.05 -45.80 0.93
CA ARG B 45 15.42 -44.62 0.36
C ARG B 45 15.84 -44.46 -1.09
N ASP B 46 14.95 -43.86 -1.88
CA ASP B 46 15.19 -43.61 -3.31
C ASP B 46 15.27 -44.93 -4.08
N ALA B 47 14.25 -45.75 -3.90
CA ALA B 47 14.16 -47.05 -4.56
C ALA B 47 12.69 -47.33 -4.88
N LEU B 48 12.41 -48.55 -5.31
CA LEU B 48 11.05 -49.00 -5.58
C LEU B 48 10.72 -50.09 -4.56
N ILE B 49 9.70 -49.83 -3.73
CA ILE B 49 9.33 -50.73 -2.65
C ILE B 49 7.83 -50.94 -2.69
N VAL B 50 7.38 -52.16 -2.38
CA VAL B 50 5.98 -52.54 -2.50
C VAL B 50 5.48 -53.04 -1.15
N PHE B 51 4.19 -52.85 -0.92
CA PHE B 51 3.52 -53.33 0.30
C PHE B 51 2.43 -54.30 -0.11
N THR B 52 2.61 -55.57 0.20
CA THR B 52 1.72 -56.65 -0.14
C THR B 52 1.12 -57.25 1.12
N GLY B 53 0.26 -58.23 0.93
CA GLY B 53 -0.44 -58.86 2.02
C GLY B 53 -1.79 -59.35 1.55
N LEU B 54 -2.81 -59.05 2.35
CA LEU B 54 -4.18 -59.49 2.11
C LEU B 54 -5.14 -58.33 2.27
N SER B 55 -6.42 -58.59 1.98
CA SER B 55 -7.46 -57.61 2.25
C SER B 55 -7.65 -57.45 3.74
N GLY B 56 -7.73 -56.20 4.20
CA GLY B 56 -7.81 -55.95 5.62
C GLY B 56 -6.57 -56.34 6.39
N SER B 57 -5.47 -56.60 5.70
CA SER B 57 -4.23 -56.99 6.36
C SER B 57 -3.54 -55.83 7.06
N GLY B 58 -4.10 -54.61 6.97
CA GLY B 58 -3.56 -53.46 7.65
C GLY B 58 -2.70 -52.56 6.80
N LYS B 59 -2.29 -52.99 5.60
CA LYS B 59 -1.43 -52.16 4.78
C LYS B 59 -2.11 -50.83 4.45
N SER B 60 -3.42 -50.85 4.23
CA SER B 60 -4.14 -49.62 3.94
C SER B 60 -3.79 -48.53 4.94
N SER B 61 -4.09 -48.75 6.21
CA SER B 61 -3.84 -47.72 7.21
C SER B 61 -2.35 -47.57 7.48
N LEU B 62 -1.60 -48.67 7.42
CA LEU B 62 -0.17 -48.60 7.70
C LEU B 62 0.52 -47.63 6.77
N ALA B 63 0.20 -47.67 5.49
CA ALA B 63 0.80 -46.79 4.50
C ALA B 63 0.09 -45.44 4.47
N PHE B 64 -1.21 -45.44 4.19
CA PHE B 64 -1.90 -44.19 3.93
C PHE B 64 -2.27 -43.47 5.23
N ASP B 65 -3.03 -44.13 6.10
CA ASP B 65 -3.56 -43.44 7.28
C ASP B 65 -2.44 -42.94 8.18
N THR B 66 -1.32 -43.66 8.28
CA THR B 66 -0.33 -43.39 9.30
C THR B 66 0.95 -42.79 8.73
N ILE B 67 1.62 -43.46 7.79
CA ILE B 67 2.92 -42.98 7.33
C ILE B 67 2.76 -41.71 6.50
N PHE B 68 1.79 -41.72 5.57
CA PHE B 68 1.53 -40.52 4.79
C PHE B 68 1.04 -39.39 5.67
N ALA B 69 0.16 -39.70 6.62
CA ALA B 69 -0.27 -38.68 7.57
C ALA B 69 0.93 -38.07 8.27
N GLU B 70 1.85 -38.91 8.75
CA GLU B 70 3.01 -38.42 9.46
C GLU B 70 3.86 -37.50 8.58
N GLY B 71 4.16 -37.95 7.36
CA GLY B 71 5.01 -37.15 6.49
C GLY B 71 4.38 -35.82 6.10
N GLN B 72 3.11 -35.85 5.70
CA GLN B 72 2.42 -34.63 5.33
C GLN B 72 2.31 -33.69 6.52
N ARG B 73 2.02 -34.24 7.70
CA ARG B 73 1.95 -33.42 8.90
C ARG B 73 3.30 -32.79 9.20
N ARG B 74 4.39 -33.56 9.07
CA ARG B 74 5.70 -33.01 9.31
C ARG B 74 5.98 -31.84 8.39
N TYR B 75 5.74 -32.00 7.10
CA TYR B 75 6.05 -30.92 6.18
C TYR B 75 5.14 -29.72 6.37
N VAL B 76 3.84 -29.94 6.57
CA VAL B 76 2.94 -28.82 6.75
C VAL B 76 3.28 -28.06 8.01
N GLU B 77 3.69 -28.76 9.08
CA GLU B 77 4.09 -28.07 10.30
C GLU B 77 5.39 -27.31 10.10
N SER B 78 6.35 -27.88 9.37
CA SER B 78 7.59 -27.17 9.09
C SER B 78 7.32 -25.89 8.30
N LEU B 79 6.46 -25.98 7.30
CA LEU B 79 6.10 -24.83 6.48
C LEU B 79 4.81 -24.21 7.01
N SER B 80 4.28 -23.22 6.29
CA SER B 80 3.22 -22.38 6.82
C SER B 80 1.85 -22.73 6.25
N ALA B 81 1.58 -24.02 6.06
CA ALA B 81 0.29 -24.42 5.50
C ALA B 81 -0.83 -24.04 6.46
N TYR B 82 -1.55 -22.96 6.14
CA TYR B 82 -2.49 -22.37 7.07
C TYR B 82 -1.77 -22.07 8.38
N ALA B 83 -2.15 -22.75 9.46
CA ALA B 83 -1.45 -22.66 10.73
C ALA B 83 -0.36 -23.70 10.85
N ARG B 84 0.21 -24.13 9.73
CA ARG B 84 1.19 -25.21 9.62
C ARG B 84 0.59 -26.57 9.98
N GLN B 85 -0.67 -26.64 10.37
CA GLN B 85 -1.26 -27.85 10.92
C GLN B 85 -2.33 -28.40 9.99
N PHE B 86 -2.73 -29.64 10.27
CA PHE B 86 -3.85 -30.28 9.59
C PHE B 86 -4.41 -31.34 10.52
N LEU B 87 -5.66 -31.15 10.94
CA LEU B 87 -6.33 -32.06 11.87
C LEU B 87 -5.61 -32.13 13.21
N GLY B 88 -4.95 -31.04 13.59
CA GLY B 88 -4.26 -30.98 14.87
C GLY B 88 -3.34 -32.15 15.10
N GLN B 89 -2.26 -32.23 14.33
CA GLN B 89 -1.35 -33.37 14.32
C GLN B 89 -2.01 -34.61 13.71
N MET B 90 -3.19 -34.45 13.12
CA MET B 90 -4.02 -35.57 12.69
C MET B 90 -3.95 -36.71 13.71
N ASP B 91 -3.67 -37.93 13.27
CA ASP B 91 -3.64 -39.05 14.20
C ASP B 91 -2.38 -38.96 15.04
N LYS B 92 -2.52 -39.39 16.31
CA LYS B 92 -1.35 -39.46 17.22
C LYS B 92 -0.35 -40.43 16.59
N PRO B 93 0.97 -40.28 16.83
CA PRO B 93 1.96 -41.13 16.17
C PRO B 93 1.84 -42.58 16.61
N ASP B 94 1.28 -43.43 15.74
CA ASP B 94 1.25 -44.86 16.03
C ASP B 94 2.50 -45.53 15.47
N VAL B 95 3.64 -44.88 15.72
CA VAL B 95 4.96 -45.44 15.46
C VAL B 95 5.88 -44.90 16.55
N ASP B 96 6.40 -45.81 17.37
CA ASP B 96 7.33 -45.40 18.42
C ASP B 96 8.39 -44.46 17.88
N PHE B 97 8.85 -44.67 16.63
CA PHE B 97 9.83 -43.75 16.06
C PHE B 97 9.85 -43.91 14.55
N ILE B 98 9.85 -42.78 13.85
CA ILE B 98 9.90 -42.76 12.39
C ILE B 98 11.05 -41.84 11.99
N GLU B 99 11.93 -42.33 11.11
CA GLU B 99 13.21 -41.67 10.89
C GLU B 99 13.62 -41.77 9.43
N GLY B 100 14.50 -40.86 9.01
CA GLY B 100 14.99 -40.84 7.65
C GLY B 100 13.89 -40.57 6.66
N LEU B 101 13.02 -39.62 6.98
CA LEU B 101 11.79 -39.39 6.22
C LEU B 101 11.95 -38.21 5.27
N SER B 102 11.00 -38.12 4.36
CA SER B 102 10.80 -37.00 3.46
C SER B 102 9.32 -36.72 3.36
N PRO B 103 8.92 -35.50 3.02
CA PRO B 103 7.49 -35.20 2.90
C PRO B 103 6.78 -36.17 1.98
N ALA B 104 5.86 -36.95 2.54
CA ALA B 104 5.19 -37.99 1.76
C ALA B 104 4.25 -37.38 0.73
N VAL B 105 4.07 -38.11 -0.36
CA VAL B 105 3.15 -37.72 -1.43
C VAL B 105 2.20 -38.89 -1.66
N SER B 106 0.91 -38.64 -1.46
CA SER B 106 -0.10 -39.70 -1.53
C SER B 106 -0.65 -39.76 -2.95
N ILE B 107 -0.32 -40.83 -3.66
CA ILE B 107 -0.94 -41.13 -4.95
C ILE B 107 -2.05 -42.13 -4.63
N ASP B 108 -3.28 -41.62 -4.56
CA ASP B 108 -4.39 -42.39 -4.03
C ASP B 108 -5.67 -41.97 -4.74
N GLN B 109 -6.68 -42.82 -4.63
CA GLN B 109 -8.03 -42.51 -5.07
C GLN B 109 -8.81 -41.74 -4.01
N LYS B 110 -8.11 -41.04 -3.13
CA LYS B 110 -8.73 -40.46 -1.94
C LYS B 110 -9.93 -39.58 -2.31
N SER B 111 -9.74 -38.65 -3.24
CA SER B 111 -10.78 -37.68 -3.55
C SER B 111 -10.46 -37.01 -4.88
N THR B 112 -11.45 -36.29 -5.39
CA THR B 112 -11.33 -35.54 -6.63
C THR B 112 -12.24 -34.31 -6.52
N ASN B 113 -12.51 -33.67 -7.64
CA ASN B 113 -13.41 -32.53 -7.70
C ASN B 113 -14.75 -32.99 -8.24
N ARG B 114 -15.75 -33.08 -7.37
CA ARG B 114 -17.06 -33.60 -7.72
C ARG B 114 -18.10 -32.50 -7.94
N ASN B 115 -17.68 -31.24 -7.98
CA ASN B 115 -18.64 -30.15 -8.11
C ASN B 115 -19.36 -30.26 -9.45
N PRO B 116 -20.69 -30.28 -9.47
CA PRO B 116 -21.39 -30.25 -10.76
C PRO B 116 -21.06 -29.04 -11.60
N ARG B 117 -20.76 -27.91 -10.95
CA ARG B 117 -20.37 -26.71 -11.69
C ARG B 117 -19.09 -26.95 -12.47
N SER B 118 -18.12 -27.61 -11.85
CA SER B 118 -16.81 -27.86 -12.46
C SER B 118 -16.84 -29.23 -13.12
N THR B 119 -16.66 -29.26 -14.43
CA THR B 119 -16.62 -30.51 -15.18
C THR B 119 -15.16 -30.94 -15.33
N VAL B 120 -14.94 -32.09 -15.98
CA VAL B 120 -13.58 -32.59 -16.14
C VAL B 120 -12.72 -31.59 -16.88
N GLY B 121 -13.33 -30.71 -17.67
CA GLY B 121 -12.56 -29.66 -18.33
C GLY B 121 -11.89 -28.73 -17.33
N THR B 122 -12.62 -28.32 -16.30
CA THR B 122 -12.02 -27.51 -15.25
C THR B 122 -11.11 -28.34 -14.36
N ILE B 123 -11.48 -29.60 -14.13
CA ILE B 123 -10.66 -30.47 -13.28
C ILE B 123 -9.31 -30.71 -13.94
N THR B 124 -9.23 -30.63 -15.26
CA THR B 124 -7.99 -30.84 -16.00
C THR B 124 -7.14 -29.58 -16.08
N GLU B 125 -7.39 -28.60 -15.21
CA GLU B 125 -6.61 -27.36 -15.15
C GLU B 125 -6.41 -26.75 -16.53
N VAL B 126 -7.40 -26.91 -17.41
CA VAL B 126 -7.35 -26.33 -18.74
C VAL B 126 -8.59 -25.52 -19.07
N TYR B 127 -9.55 -25.42 -18.16
CA TYR B 127 -10.64 -24.46 -18.34
C TYR B 127 -10.10 -23.04 -18.34
N ASP B 128 -9.08 -22.77 -17.51
CA ASP B 128 -8.43 -21.47 -17.53
C ASP B 128 -7.86 -21.18 -18.90
N TYR B 129 -7.23 -22.16 -19.53
CA TYR B 129 -6.65 -21.96 -20.86
C TYR B 129 -7.72 -21.84 -21.93
N LEU B 130 -8.80 -22.62 -21.80
CA LEU B 130 -9.96 -22.45 -22.67
C LEU B 130 -10.44 -21.01 -22.64
N ARG B 131 -10.63 -20.46 -21.45
CA ARG B 131 -11.06 -19.08 -21.31
C ARG B 131 -10.00 -18.11 -21.85
N LEU B 132 -8.72 -18.39 -21.59
CA LEU B 132 -7.65 -17.56 -22.12
C LEU B 132 -7.76 -17.42 -23.63
N LEU B 133 -7.87 -18.56 -24.32
CA LEU B 133 -7.97 -18.52 -25.77
C LEU B 133 -9.26 -17.83 -26.21
N TYR B 134 -10.40 -18.21 -25.62
CA TYR B 134 -11.66 -17.61 -26.04
C TYR B 134 -11.73 -16.11 -25.74
N ALA B 135 -10.82 -15.60 -24.89
CA ALA B 135 -10.77 -14.17 -24.65
C ALA B 135 -10.44 -13.40 -25.92
N ARG B 136 -9.28 -13.66 -26.50
CA ARG B 136 -8.79 -12.89 -27.64
C ARG B 136 -8.84 -13.65 -28.96
N ALA B 137 -8.48 -14.93 -28.97
CA ALA B 137 -8.64 -15.73 -30.18
C ALA B 137 -10.10 -15.79 -30.61
N GLY B 138 -11.00 -15.96 -29.64
CA GLY B 138 -12.41 -15.92 -29.94
C GLY B 138 -12.84 -14.55 -30.43
N THR B 139 -14.01 -14.52 -31.07
CA THR B 139 -14.48 -13.32 -31.76
C THR B 139 -14.50 -12.13 -30.81
N PRO B 140 -13.57 -11.18 -30.93
CA PRO B 140 -13.55 -10.01 -30.04
C PRO B 140 -14.53 -8.91 -30.47
N HIS B 141 -15.79 -9.29 -30.66
CA HIS B 141 -16.79 -8.42 -31.24
C HIS B 141 -18.04 -8.37 -30.38
N CYS B 142 -18.69 -7.21 -30.39
CA CYS B 142 -19.89 -7.00 -29.59
C CYS B 142 -21.03 -7.84 -30.15
N PRO B 143 -21.83 -8.49 -29.29
CA PRO B 143 -22.99 -9.23 -29.81
C PRO B 143 -23.99 -8.37 -30.55
N THR B 144 -24.28 -7.16 -30.06
CA THR B 144 -25.38 -6.37 -30.61
C THR B 144 -25.13 -5.99 -32.06
N CYS B 145 -23.90 -5.61 -32.40
CA CYS B 145 -23.61 -5.09 -33.73
C CYS B 145 -22.37 -5.71 -34.37
N GLY B 146 -21.80 -6.75 -33.76
CA GLY B 146 -20.61 -7.38 -34.30
C GLY B 146 -19.42 -6.47 -34.45
N GLU B 147 -19.33 -5.40 -33.68
CA GLU B 147 -18.23 -4.45 -33.82
C GLU B 147 -17.18 -4.71 -32.74
N ARG B 148 -15.92 -4.79 -33.16
CA ARG B 148 -14.83 -5.16 -32.26
C ARG B 148 -14.92 -4.40 -30.94
N VAL B 149 -15.08 -5.15 -29.85
CA VAL B 149 -15.19 -4.54 -28.52
C VAL B 149 -13.91 -3.78 -28.20
N ALA B 150 -14.05 -2.48 -27.97
CA ALA B 150 -12.90 -1.64 -27.65
C ALA B 150 -13.35 -0.56 -26.67
N ARG B 151 -12.39 -0.02 -25.92
CA ARG B 151 -12.71 0.91 -24.84
C ARG B 151 -12.60 2.36 -25.31
N GLN B 152 -13.10 3.26 -24.48
CA GLN B 152 -13.09 4.68 -24.79
C GLN B 152 -11.68 5.24 -24.70
N THR B 153 -11.38 6.21 -25.57
CA THR B 153 -10.06 6.85 -25.58
C THR B 153 -10.18 8.27 -26.13
N PRO B 154 -9.52 9.26 -25.52
CA PRO B 154 -9.58 10.63 -26.08
C PRO B 154 -8.56 10.86 -27.19
N GLN B 155 -7.45 10.11 -27.16
CA GLN B 155 -6.43 10.30 -28.18
C GLN B 155 -6.99 9.98 -29.57
N GLN B 156 -7.81 8.93 -29.67
CA GLN B 156 -8.48 8.66 -30.94
C GLN B 156 -9.47 9.77 -31.28
N ILE B 157 -10.14 10.34 -30.28
CA ILE B 157 -11.05 11.45 -30.54
C ILE B 157 -10.31 12.59 -31.23
N VAL B 158 -9.15 12.96 -30.69
CA VAL B 158 -8.40 14.06 -31.29
C VAL B 158 -7.82 13.66 -32.64
N ASP B 159 -7.30 12.44 -32.76
CA ASP B 159 -6.67 12.01 -34.00
C ASP B 159 -7.68 11.76 -35.12
N GLN B 160 -8.97 11.68 -34.80
CA GLN B 160 -9.97 11.42 -35.82
C GLN B 160 -10.09 12.53 -36.85
N VAL B 161 -9.50 13.70 -36.60
CA VAL B 161 -9.53 14.78 -37.57
C VAL B 161 -8.92 14.33 -38.89
N LEU B 162 -7.90 13.47 -38.83
CA LEU B 162 -7.35 12.91 -40.06
C LEU B 162 -8.38 12.08 -40.81
N ALA B 163 -9.17 11.29 -40.08
CA ALA B 163 -10.18 10.46 -40.73
C ALA B 163 -11.13 11.30 -41.56
N MET B 164 -11.62 12.40 -41.01
CA MET B 164 -12.53 13.26 -41.75
C MET B 164 -11.74 13.95 -42.86
N PRO B 165 -12.25 13.99 -44.11
CA PRO B 165 -11.41 14.46 -45.23
C PRO B 165 -10.75 15.80 -44.97
N GLU B 166 -9.62 16.03 -45.64
CA GLU B 166 -8.88 17.29 -45.49
C GLU B 166 -9.70 18.45 -46.03
N GLY B 167 -9.80 19.51 -45.24
CA GLY B 167 -10.47 20.73 -45.64
C GLY B 167 -11.96 20.75 -45.42
N THR B 168 -12.56 19.65 -45.00
CA THR B 168 -14.00 19.60 -44.82
C THR B 168 -14.40 20.37 -43.56
N ARG B 169 -15.41 21.24 -43.70
CA ARG B 169 -15.84 22.05 -42.57
C ARG B 169 -16.41 21.18 -41.46
N PHE B 170 -16.12 21.58 -40.22
CA PHE B 170 -16.71 20.94 -39.05
C PHE B 170 -16.89 22.00 -37.98
N LEU B 171 -17.35 21.57 -36.81
CA LEU B 171 -17.50 22.45 -35.66
C LEU B 171 -16.87 21.78 -34.44
N VAL B 172 -16.29 22.60 -33.57
CA VAL B 172 -15.71 22.10 -32.33
C VAL B 172 -16.81 22.08 -31.29
N LEU B 173 -17.59 21.00 -31.28
CA LEU B 173 -18.81 20.91 -30.48
C LEU B 173 -18.52 20.14 -29.21
N ALA B 174 -18.53 20.83 -28.07
CA ALA B 174 -18.32 20.22 -26.77
C ALA B 174 -19.68 19.94 -26.14
N PRO B 175 -20.16 18.70 -26.17
CA PRO B 175 -21.43 18.37 -25.50
C PRO B 175 -21.33 18.46 -23.98
N VAL B 176 -21.33 19.70 -23.46
CA VAL B 176 -21.15 19.90 -22.03
C VAL B 176 -22.34 19.36 -21.24
N VAL B 177 -23.55 19.68 -21.70
CA VAL B 177 -24.78 19.24 -21.06
C VAL B 177 -25.64 18.64 -22.16
N ARG B 178 -25.57 17.32 -22.32
CA ARG B 178 -26.16 16.63 -23.46
C ARG B 178 -27.66 16.45 -23.23
N THR B 179 -28.46 17.28 -23.89
CA THR B 179 -29.90 17.05 -24.00
C THR B 179 -30.63 17.34 -22.69
N ARG B 180 -29.90 17.64 -21.62
CA ARG B 180 -30.53 17.96 -20.34
C ARG B 180 -31.13 19.36 -20.44
N LYS B 181 -32.42 19.43 -20.71
CA LYS B 181 -33.09 20.70 -20.92
C LYS B 181 -33.18 21.50 -19.62
N GLY B 182 -33.36 22.80 -19.77
CA GLY B 182 -33.42 23.71 -18.64
C GLY B 182 -33.03 25.11 -19.07
N GLU B 183 -33.73 26.10 -18.51
CA GLU B 183 -33.35 27.49 -18.71
C GLU B 183 -32.01 27.73 -18.05
N PHE B 184 -30.98 27.97 -18.85
CA PHE B 184 -29.60 28.02 -18.35
C PHE B 184 -28.91 29.30 -18.81
N ALA B 185 -29.58 30.43 -18.65
CA ALA B 185 -28.91 31.71 -18.87
C ALA B 185 -27.76 31.90 -17.88
N ASP B 186 -27.95 31.45 -16.63
CA ASP B 186 -26.85 31.47 -15.68
C ASP B 186 -25.68 30.62 -16.17
N LEU B 187 -25.97 29.46 -16.77
CA LEU B 187 -24.90 28.64 -17.31
C LEU B 187 -24.21 29.36 -18.46
N PHE B 188 -24.98 30.04 -19.31
CA PHE B 188 -24.38 30.86 -20.36
C PHE B 188 -23.42 31.88 -19.76
N ASP B 189 -23.85 32.55 -18.69
CA ASP B 189 -23.00 33.55 -18.05
C ASP B 189 -21.74 32.91 -17.49
N LYS B 190 -21.86 31.71 -16.91
CA LYS B 190 -20.69 31.01 -16.38
C LYS B 190 -19.71 30.63 -17.48
N LEU B 191 -20.24 30.14 -18.61
CA LEU B 191 -19.39 29.83 -19.76
C LEU B 191 -18.71 31.08 -20.28
N ASN B 192 -19.40 32.22 -20.28
CA ASN B 192 -18.75 33.47 -20.64
C ASN B 192 -17.67 33.83 -19.63
N ALA B 193 -17.95 33.64 -18.34
CA ALA B 193 -16.97 33.94 -17.30
C ALA B 193 -15.68 33.19 -17.54
N GLN B 194 -15.75 31.91 -17.90
CA GLN B 194 -14.56 31.25 -18.44
C GLN B 194 -14.07 31.89 -19.72
N GLY B 195 -14.96 32.11 -20.68
CA GLY B 195 -14.67 32.83 -21.91
C GLY B 195 -14.51 31.91 -23.11
N TYR B 196 -15.58 31.74 -23.88
CA TYR B 196 -15.49 31.01 -25.14
C TYR B 196 -16.20 31.68 -26.29
N SER B 197 -17.25 32.48 -26.06
CA SER B 197 -17.98 33.25 -27.07
C SER B 197 -18.76 32.38 -28.04
N ARG B 198 -18.67 31.06 -27.94
CA ARG B 198 -19.33 30.16 -28.88
C ARG B 198 -20.15 29.13 -28.11
N VAL B 199 -21.30 28.77 -28.69
CA VAL B 199 -22.18 27.78 -28.09
C VAL B 199 -23.12 27.26 -29.16
N ARG B 200 -23.68 26.08 -28.94
CA ARG B 200 -24.74 25.53 -29.76
C ARG B 200 -25.73 24.81 -28.86
N VAL B 201 -27.01 25.12 -29.02
CA VAL B 201 -28.08 24.51 -28.24
C VAL B 201 -29.11 23.96 -29.21
N ASP B 202 -29.63 22.77 -28.90
CA ASP B 202 -30.62 22.12 -29.77
C ASP B 202 -30.12 22.02 -31.21
N GLY B 203 -28.80 21.88 -31.36
CA GLY B 203 -28.20 21.72 -32.67
C GLY B 203 -28.11 22.98 -33.49
N VAL B 204 -28.36 24.15 -32.90
CA VAL B 204 -28.25 25.42 -33.61
C VAL B 204 -27.23 26.28 -32.87
N VAL B 205 -26.34 26.92 -33.63
CA VAL B 205 -25.22 27.66 -33.07
C VAL B 205 -25.66 29.07 -32.70
N HIS B 206 -25.12 29.58 -31.61
CA HIS B 206 -25.28 30.96 -31.17
C HIS B 206 -24.00 31.36 -30.44
N PRO B 207 -23.75 32.66 -30.33
CA PRO B 207 -22.61 33.11 -29.53
C PRO B 207 -22.96 33.17 -28.06
N LEU B 208 -22.00 32.74 -27.23
CA LEU B 208 -22.16 32.91 -25.79
C LEU B 208 -22.32 34.38 -25.42
N THR B 209 -21.81 35.28 -26.27
CA THR B 209 -22.04 36.70 -26.04
C THR B 209 -23.52 37.05 -26.15
N ASP B 210 -24.21 36.49 -27.14
CA ASP B 210 -25.63 36.73 -27.37
C ASP B 210 -26.32 35.38 -27.56
N PRO B 211 -26.49 34.61 -26.49
CA PRO B 211 -27.16 33.32 -26.61
C PRO B 211 -28.66 33.50 -26.68
N PRO B 212 -29.40 32.45 -27.05
CA PRO B 212 -30.85 32.56 -27.14
C PRO B 212 -31.52 32.32 -25.80
N LYS B 213 -32.82 32.60 -25.76
CA LYS B 213 -33.61 32.34 -24.56
C LYS B 213 -33.88 30.85 -24.42
N LEU B 214 -34.02 30.40 -23.17
CA LEU B 214 -34.24 29.00 -22.86
C LEU B 214 -35.33 28.87 -21.80
N LYS B 215 -36.11 27.79 -21.91
CA LYS B 215 -37.13 27.47 -20.92
C LYS B 215 -36.96 26.03 -20.46
N LYS B 216 -37.38 25.76 -19.23
CA LYS B 216 -37.25 24.42 -18.68
C LYS B 216 -38.05 23.41 -19.51
N GLN B 217 -39.25 23.80 -19.94
CA GLN B 217 -40.08 22.89 -20.72
C GLN B 217 -39.41 22.53 -22.04
N GLU B 218 -38.83 23.52 -22.70
CA GLU B 218 -38.26 23.31 -24.03
C GLU B 218 -36.96 22.52 -23.95
N LYS B 219 -36.86 21.49 -24.77
CA LYS B 219 -35.63 20.70 -24.85
C LYS B 219 -34.46 21.58 -25.24
N HIS B 220 -33.32 21.37 -24.58
CA HIS B 220 -32.10 22.13 -24.84
C HIS B 220 -30.92 21.15 -24.88
N ASP B 221 -30.47 20.83 -26.09
CA ASP B 221 -29.29 19.99 -26.28
C ASP B 221 -28.05 20.88 -26.27
N ILE B 222 -27.44 21.04 -25.10
CA ILE B 222 -26.39 22.02 -24.87
C ILE B 222 -25.06 21.37 -25.27
N GLU B 223 -24.69 21.54 -26.54
CA GLU B 223 -23.35 21.22 -27.03
C GLU B 223 -22.71 22.54 -27.44
N VAL B 224 -21.92 23.11 -26.53
CA VAL B 224 -21.38 24.43 -26.78
C VAL B 224 -20.33 24.37 -27.89
N VAL B 225 -20.50 25.20 -28.90
CA VAL B 225 -19.40 25.45 -29.83
C VAL B 225 -18.23 26.02 -29.04
N VAL B 226 -17.02 25.66 -29.41
CA VAL B 226 -15.81 26.05 -28.70
C VAL B 226 -14.89 26.88 -29.60
N ASP B 227 -14.75 26.47 -30.86
CA ASP B 227 -13.82 27.11 -31.77
C ASP B 227 -14.30 26.95 -33.20
N ARG B 228 -13.80 27.82 -34.07
CA ARG B 228 -14.13 27.83 -35.49
C ARG B 228 -12.98 27.14 -36.23
N LEU B 229 -13.22 25.94 -36.73
CA LEU B 229 -12.19 25.19 -37.43
C LEU B 229 -12.80 24.28 -38.48
N THR B 230 -12.15 24.21 -39.62
CA THR B 230 -12.31 23.15 -40.60
C THR B 230 -11.18 22.14 -40.40
N VAL B 231 -11.14 21.13 -41.25
CA VAL B 231 -10.02 20.19 -41.21
C VAL B 231 -8.82 20.89 -41.84
N LYS B 232 -7.94 21.42 -40.99
CA LYS B 232 -6.75 22.12 -41.45
C LYS B 232 -5.53 21.22 -41.29
N ALA B 233 -4.37 21.71 -41.71
CA ALA B 233 -3.13 20.97 -41.62
C ALA B 233 -2.28 21.51 -40.47
N ALA B 234 -1.88 20.62 -39.57
CA ALA B 234 -1.04 21.00 -38.42
C ALA B 234 -1.74 22.01 -37.52
N ALA B 235 -3.07 21.94 -37.47
CA ALA B 235 -3.86 22.74 -36.54
C ALA B 235 -4.02 22.05 -35.19
N LYS B 236 -3.17 21.06 -34.90
CA LYS B 236 -3.32 20.30 -33.66
C LYS B 236 -3.24 21.19 -32.44
N ARG B 237 -2.53 22.32 -32.52
CA ARG B 237 -2.44 23.22 -31.38
C ARG B 237 -3.83 23.67 -30.94
N ARG B 238 -4.52 24.42 -31.80
CA ARG B 238 -5.88 24.86 -31.46
C ARG B 238 -6.81 23.68 -31.25
N LEU B 239 -6.68 22.66 -32.09
CA LEU B 239 -7.53 21.48 -31.95
C LEU B 239 -7.47 20.94 -30.54
N THR B 240 -6.28 20.52 -30.09
CA THR B 240 -6.13 20.05 -28.71
C THR B 240 -6.60 21.09 -27.72
N ASP B 241 -6.23 22.36 -27.92
CA ASP B 241 -6.66 23.41 -27.00
C ASP B 241 -8.14 23.31 -26.69
N SER B 242 -8.99 23.28 -27.71
CA SER B 242 -10.43 23.13 -27.49
C SER B 242 -10.85 21.70 -27.21
N VAL B 243 -10.01 20.72 -27.53
CA VAL B 243 -10.45 19.33 -27.58
C VAL B 243 -10.33 18.69 -26.20
N GLU B 244 -9.18 18.83 -25.55
CA GLU B 244 -9.14 18.37 -24.16
C GLU B 244 -10.11 19.18 -23.31
N THR B 245 -10.25 20.47 -23.61
CA THR B 245 -11.24 21.30 -22.94
C THR B 245 -12.61 20.65 -23.02
N ALA B 246 -13.05 20.30 -24.23
CA ALA B 246 -14.31 19.59 -24.37
C ALA B 246 -14.28 18.25 -23.63
N LEU B 247 -13.16 17.54 -23.69
CA LEU B 247 -13.07 16.25 -23.02
C LEU B 247 -13.31 16.39 -21.53
N ASN B 248 -13.13 17.58 -20.96
CA ASN B 248 -13.59 17.85 -19.60
C ASN B 248 -15.00 18.44 -19.55
N LEU B 249 -15.22 19.59 -20.18
CA LEU B 249 -16.54 20.20 -20.19
C LEU B 249 -17.57 19.24 -20.78
N ALA B 250 -17.41 18.89 -22.07
CA ALA B 250 -18.22 17.84 -22.67
C ALA B 250 -18.03 16.50 -22.01
N ASP B 251 -16.96 16.33 -21.23
CA ASP B 251 -16.75 15.14 -20.41
C ASP B 251 -16.34 13.95 -21.27
N GLY B 252 -15.69 14.22 -22.40
CA GLY B 252 -15.08 13.17 -23.20
C GLY B 252 -15.63 13.02 -24.61
N ILE B 253 -16.56 13.86 -25.03
CA ILE B 253 -17.26 13.69 -26.30
C ILE B 253 -17.17 14.99 -27.09
N VAL B 254 -17.04 14.88 -28.42
CA VAL B 254 -17.13 16.00 -29.34
C VAL B 254 -17.59 15.46 -30.68
N VAL B 255 -17.95 16.36 -31.59
CA VAL B 255 -18.38 15.97 -32.93
C VAL B 255 -17.82 16.95 -33.95
N LEU B 256 -17.33 16.40 -35.06
CA LEU B 256 -16.89 17.17 -36.21
C LEU B 256 -17.80 16.79 -37.37
N GLU B 257 -18.94 17.47 -37.46
CA GLU B 257 -19.96 17.13 -38.44
C GLU B 257 -19.58 17.65 -39.82
N PHE B 258 -20.22 17.08 -40.84
CA PHE B 258 -20.09 17.56 -42.22
C PHE B 258 -20.99 18.79 -42.40
N VAL B 259 -20.64 19.86 -41.69
CA VAL B 259 -21.37 21.11 -41.85
C VAL B 259 -21.22 21.64 -43.27
N ASP B 260 -20.05 21.45 -43.87
CA ASP B 260 -19.85 21.75 -45.29
C ASP B 260 -20.96 21.12 -46.12
N GLU B 269 -21.96 11.28 -41.24
CA GLU B 269 -21.00 12.31 -40.86
C GLU B 269 -19.98 11.72 -39.89
N GLN B 270 -19.19 12.58 -39.24
CA GLN B 270 -18.13 12.16 -38.34
C GLN B 270 -18.47 12.57 -36.92
N ARG B 271 -18.43 11.61 -36.00
CA ARG B 271 -18.67 11.85 -34.58
C ARG B 271 -17.40 11.50 -33.82
N PHE B 272 -16.88 12.45 -33.05
CA PHE B 272 -15.64 12.26 -32.29
C PHE B 272 -15.99 11.91 -30.85
N SER B 273 -16.44 10.68 -30.67
CA SER B 273 -16.91 10.19 -29.39
C SER B 273 -16.07 9.01 -28.93
N GLU B 274 -16.01 8.83 -27.62
CA GLU B 274 -15.29 7.72 -26.99
C GLU B 274 -16.27 6.95 -26.10
N LYS B 275 -16.34 5.64 -26.31
CA LYS B 275 -17.28 4.81 -25.58
C LYS B 275 -16.60 3.51 -25.17
N LEU B 276 -16.93 3.04 -23.96
CA LEU B 276 -16.29 1.87 -23.40
C LEU B 276 -16.98 0.59 -23.84
N ALA B 277 -16.41 -0.54 -23.45
CA ALA B 277 -16.95 -1.84 -23.82
C ALA B 277 -17.00 -1.84 -25.34
N CYS B 278 -18.21 -1.93 -25.91
CA CYS B 278 -18.35 -1.75 -27.35
C CYS B 278 -17.96 -0.35 -27.79
N PRO B 279 -17.32 -0.20 -28.97
CA PRO B 279 -17.03 1.15 -29.47
C PRO B 279 -18.26 2.00 -29.67
N ASN B 280 -19.41 1.40 -29.97
CA ASN B 280 -20.65 2.11 -30.20
C ASN B 280 -21.48 2.27 -28.92
N GLY B 281 -20.90 1.99 -27.76
CA GLY B 281 -21.62 2.12 -26.51
C GLY B 281 -22.66 1.05 -26.28
N HIS B 282 -22.52 -0.10 -26.95
CA HIS B 282 -23.43 -1.21 -26.80
C HIS B 282 -23.00 -2.09 -25.63
N ALA B 283 -23.91 -2.95 -25.18
CA ALA B 283 -23.60 -3.96 -24.19
C ALA B 283 -22.82 -5.09 -24.85
N LEU B 284 -22.16 -5.89 -24.01
CA LEU B 284 -21.29 -6.97 -24.49
C LEU B 284 -21.64 -8.27 -23.77
N ALA B 285 -21.52 -9.37 -24.49
CA ALA B 285 -21.57 -10.69 -23.85
C ALA B 285 -20.39 -10.83 -22.89
N VAL B 286 -19.21 -10.42 -23.33
CA VAL B 286 -18.04 -10.27 -22.47
C VAL B 286 -17.59 -8.82 -22.56
N ASP B 287 -17.45 -8.18 -21.40
CA ASP B 287 -17.14 -6.76 -21.39
C ASP B 287 -15.83 -6.45 -22.12
N ASP B 288 -14.97 -7.46 -22.25
CA ASP B 288 -13.72 -7.30 -22.99
C ASP B 288 -13.12 -8.69 -23.18
N LEU B 289 -11.91 -8.73 -23.74
CA LEU B 289 -11.22 -9.99 -24.00
C LEU B 289 -10.54 -10.50 -22.71
N GLU B 290 -11.37 -11.03 -21.81
CA GLU B 290 -10.90 -11.45 -20.50
C GLU B 290 -11.41 -12.87 -20.20
N PRO B 291 -10.52 -13.81 -19.88
CA PRO B 291 -10.96 -15.21 -19.76
C PRO B 291 -12.07 -15.41 -18.73
N ARG B 292 -12.00 -14.73 -17.58
CA ARG B 292 -13.01 -14.95 -16.56
C ARG B 292 -14.41 -14.63 -17.06
N SER B 293 -14.53 -13.80 -18.10
CA SER B 293 -15.85 -13.48 -18.63
C SER B 293 -16.58 -14.74 -19.09
N PHE B 294 -15.84 -15.78 -19.45
CA PHE B 294 -16.42 -17.04 -19.91
C PHE B 294 -16.43 -18.11 -18.83
N SER B 295 -16.36 -17.72 -17.55
CA SER B 295 -16.32 -18.65 -16.43
C SER B 295 -17.70 -18.68 -15.77
N PHE B 296 -18.47 -19.73 -16.05
CA PHE B 296 -19.79 -19.87 -15.43
C PHE B 296 -19.70 -20.32 -13.98
N ASN B 297 -18.66 -21.06 -13.59
CA ASN B 297 -18.41 -21.27 -12.17
C ASN B 297 -18.34 -19.93 -11.46
N SER B 298 -17.74 -18.94 -12.10
CA SER B 298 -17.89 -17.55 -11.69
C SER B 298 -19.21 -17.01 -12.21
N PRO B 299 -19.76 -15.97 -11.57
CA PRO B 299 -21.03 -15.41 -12.05
C PRO B 299 -20.95 -14.84 -13.46
N TYR B 300 -19.76 -14.70 -14.05
CA TYR B 300 -19.65 -14.13 -15.38
C TYR B 300 -20.44 -14.94 -16.41
N GLY B 301 -20.26 -16.26 -16.41
CA GLY B 301 -20.95 -17.13 -17.33
C GLY B 301 -22.16 -17.84 -16.77
N ALA B 302 -22.41 -17.73 -15.47
CA ALA B 302 -23.53 -18.41 -14.87
C ALA B 302 -24.86 -17.90 -15.44
N CYS B 303 -25.76 -18.83 -15.74
CA CYS B 303 -27.04 -18.45 -16.29
C CYS B 303 -27.90 -17.79 -15.22
N PRO B 304 -28.87 -16.96 -15.61
CA PRO B 304 -29.82 -16.42 -14.61
C PRO B 304 -30.63 -17.49 -13.92
N GLU B 305 -30.93 -18.61 -14.58
CA GLU B 305 -31.88 -19.60 -14.08
C GLU B 305 -31.23 -20.91 -13.64
N CYS B 306 -29.91 -21.04 -13.78
CA CYS B 306 -29.22 -22.23 -13.29
C CYS B 306 -27.98 -21.93 -12.46
N SER B 307 -27.43 -20.72 -12.52
CA SER B 307 -26.31 -20.33 -11.67
C SER B 307 -25.11 -21.26 -11.86
N GLY B 308 -24.91 -21.70 -13.10
CA GLY B 308 -23.79 -22.55 -13.45
C GLY B 308 -24.02 -24.03 -13.25
N LEU B 309 -25.07 -24.42 -12.53
CA LEU B 309 -25.36 -25.84 -12.36
C LEU B 309 -25.69 -26.50 -13.69
N GLY B 310 -26.45 -25.83 -14.55
CA GLY B 310 -26.86 -26.38 -15.82
C GLY B 310 -28.25 -26.98 -15.83
N ILE B 311 -29.05 -26.75 -14.80
CA ILE B 311 -30.39 -27.29 -14.68
C ILE B 311 -31.36 -26.18 -14.34
N ARG B 312 -32.65 -26.46 -14.53
CA ARG B 312 -33.70 -25.50 -14.25
C ARG B 312 -33.78 -25.22 -12.75
N VAL B 431 -34.00 -31.59 -16.19
CA VAL B 431 -34.35 -30.70 -17.29
C VAL B 431 -33.38 -29.52 -17.31
N PRO B 432 -32.55 -29.41 -18.34
CA PRO B 432 -31.63 -28.28 -18.42
C PRO B 432 -32.38 -26.96 -18.45
N CYS B 433 -31.76 -25.93 -17.87
CA CYS B 433 -32.39 -24.62 -17.82
C CYS B 433 -32.58 -24.09 -19.25
N PRO B 434 -33.60 -23.25 -19.46
CA PRO B 434 -33.87 -22.79 -20.84
C PRO B 434 -32.69 -22.06 -21.48
N VAL B 435 -31.76 -21.54 -20.69
CA VAL B 435 -30.65 -20.74 -21.21
C VAL B 435 -29.34 -21.51 -21.20
N CYS B 436 -29.38 -22.83 -21.00
CA CYS B 436 -28.22 -23.70 -21.21
C CYS B 436 -28.37 -24.50 -22.49
N ALA B 437 -29.46 -25.26 -22.62
CA ALA B 437 -29.75 -26.01 -23.85
C ALA B 437 -28.57 -26.89 -24.25
N GLY B 438 -27.95 -27.54 -23.26
CA GLY B 438 -26.84 -28.43 -23.51
C GLY B 438 -25.50 -27.79 -23.19
N THR B 439 -25.33 -26.53 -23.57
CA THR B 439 -24.10 -25.80 -23.26
C THR B 439 -24.13 -25.37 -21.81
N ARG B 440 -23.05 -25.63 -21.08
CA ARG B 440 -23.00 -25.32 -19.67
C ARG B 440 -22.50 -23.89 -19.47
N LEU B 441 -23.08 -22.96 -20.23
CA LEU B 441 -22.57 -21.60 -20.32
C LEU B 441 -23.72 -20.69 -20.72
N LYS B 442 -23.51 -19.39 -20.51
CA LYS B 442 -24.51 -18.42 -20.95
C LYS B 442 -24.54 -18.35 -22.47
N PRO B 443 -25.71 -18.27 -23.10
CA PRO B 443 -25.77 -18.21 -24.57
C PRO B 443 -25.00 -17.03 -25.14
N GLU B 444 -25.07 -15.87 -24.51
CA GLU B 444 -24.31 -14.71 -24.99
C GLU B 444 -22.82 -14.98 -24.94
N ILE B 445 -22.35 -15.61 -23.87
CA ILE B 445 -20.94 -15.94 -23.70
C ILE B 445 -20.65 -17.35 -24.19
N LEU B 446 -21.52 -17.92 -25.02
CA LEU B 446 -21.26 -19.23 -25.61
C LEU B 446 -20.31 -19.10 -26.81
N ALA B 447 -20.74 -18.40 -27.86
CA ALA B 447 -19.93 -18.23 -29.06
C ALA B 447 -19.92 -16.82 -29.60
N VAL B 448 -20.84 -15.95 -29.17
CA VAL B 448 -21.01 -14.67 -29.83
C VAL B 448 -19.73 -13.85 -29.73
N THR B 449 -19.12 -13.80 -28.56
CA THR B 449 -17.87 -13.08 -28.34
C THR B 449 -16.66 -14.01 -28.33
N LEU B 450 -16.84 -15.29 -28.63
CA LEU B 450 -15.73 -16.24 -28.56
C LEU B 450 -15.80 -17.31 -29.64
N ALA B 451 -16.35 -17.00 -30.81
CA ALA B 451 -16.46 -17.97 -31.89
C ALA B 451 -15.23 -18.05 -32.77
N GLY B 452 -14.20 -17.26 -32.49
CA GLY B 452 -13.04 -17.11 -33.33
C GLY B 452 -11.86 -18.01 -33.00
N GLU B 453 -12.07 -19.09 -32.26
CA GLU B 453 -10.98 -20.00 -31.92
C GLU B 453 -10.57 -20.77 -33.16
N SER B 454 -9.54 -20.28 -33.86
CA SER B 454 -9.06 -20.90 -35.09
C SER B 454 -8.04 -21.98 -34.76
N LYS B 455 -8.47 -22.92 -33.91
CA LYS B 455 -7.64 -24.05 -33.54
C LYS B 455 -7.57 -25.03 -34.70
N GLY B 456 -6.35 -25.47 -35.04
CA GLY B 456 -6.19 -26.39 -36.14
C GLY B 456 -6.75 -25.80 -37.42
N GLU B 457 -7.61 -26.58 -38.09
CA GLU B 457 -8.27 -26.14 -39.31
C GLU B 457 -9.75 -25.88 -39.04
N HIS B 458 -10.33 -25.02 -39.88
CA HIS B 458 -11.76 -24.67 -39.79
C HIS B 458 -12.13 -24.20 -38.39
N GLY B 459 -11.14 -23.81 -37.60
CA GLY B 459 -11.37 -23.50 -36.20
C GLY B 459 -12.35 -22.36 -35.98
N ALA B 460 -13.55 -22.71 -35.49
CA ALA B 460 -14.52 -21.71 -35.06
C ALA B 460 -15.34 -22.38 -33.97
N LYS B 461 -15.01 -22.08 -32.71
CA LYS B 461 -15.49 -22.85 -31.58
C LYS B 461 -16.19 -21.95 -30.57
N SER B 462 -17.26 -22.49 -29.98
CA SER B 462 -17.80 -21.93 -28.76
C SER B 462 -17.12 -22.57 -27.55
N ILE B 463 -17.22 -21.88 -26.41
CA ILE B 463 -16.75 -22.46 -25.16
C ILE B 463 -17.27 -23.88 -25.00
N ALA B 464 -18.57 -24.07 -25.22
CA ALA B 464 -19.13 -25.41 -25.14
C ALA B 464 -18.54 -26.31 -26.22
N GLU B 465 -18.19 -25.77 -27.37
CA GLU B 465 -17.59 -26.59 -28.42
C GLU B 465 -16.27 -27.17 -27.97
N VAL B 466 -15.41 -26.33 -27.37
CA VAL B 466 -14.16 -26.86 -26.82
C VAL B 466 -14.46 -27.84 -25.70
N CYS B 467 -15.45 -27.54 -24.86
CA CYS B 467 -15.83 -28.48 -23.82
C CYS B 467 -16.11 -29.85 -24.42
N GLU B 468 -16.89 -29.89 -25.50
CA GLU B 468 -17.21 -31.15 -26.16
C GLU B 468 -16.00 -31.76 -26.85
N LEU B 469 -15.04 -30.94 -27.29
CA LEU B 469 -13.80 -31.50 -27.83
C LEU B 469 -13.21 -32.49 -26.84
N SER B 470 -13.11 -33.74 -27.26
CA SER B 470 -12.54 -34.75 -26.37
C SER B 470 -11.11 -34.38 -26.03
N ILE B 471 -10.52 -35.14 -25.09
CA ILE B 471 -9.11 -34.96 -24.78
C ILE B 471 -8.30 -34.88 -26.07
N ALA B 472 -8.39 -35.93 -26.89
CA ALA B 472 -7.62 -35.97 -28.12
C ALA B 472 -8.02 -34.83 -29.06
N ASP B 473 -9.32 -34.57 -29.18
CA ASP B 473 -9.78 -33.54 -30.11
C ASP B 473 -9.14 -32.20 -29.79
N CYS B 474 -9.30 -31.75 -28.55
CA CYS B 474 -8.76 -30.45 -28.16
C CYS B 474 -7.23 -30.46 -28.18
N ALA B 475 -6.60 -31.56 -27.76
CA ALA B 475 -5.15 -31.61 -27.75
C ALA B 475 -4.59 -31.44 -29.16
N ASP B 476 -5.14 -32.20 -30.12
CA ASP B 476 -4.68 -32.08 -31.50
C ASP B 476 -5.04 -30.73 -32.09
N PHE B 477 -6.17 -30.16 -31.69
CA PHE B 477 -6.53 -28.82 -32.16
C PHE B 477 -5.49 -27.81 -31.73
N LEU B 478 -5.02 -27.91 -30.49
CA LEU B 478 -4.03 -26.98 -29.96
C LEU B 478 -2.60 -27.35 -30.31
N ASN B 479 -2.38 -28.54 -30.88
CA ASN B 479 -1.03 -28.92 -31.28
C ASN B 479 -0.47 -27.94 -32.29
N ALA B 480 -1.28 -27.52 -33.26
CA ALA B 480 -0.86 -26.52 -34.23
C ALA B 480 -2.06 -25.64 -34.54
N LEU B 481 -1.93 -24.35 -34.25
CA LEU B 481 -3.01 -23.40 -34.50
C LEU B 481 -2.42 -22.01 -34.65
N THR B 482 -3.02 -21.23 -35.54
CA THR B 482 -2.54 -19.89 -35.85
C THR B 482 -3.59 -18.87 -35.44
N LEU B 483 -3.32 -18.14 -34.36
CA LEU B 483 -4.23 -17.12 -33.87
C LEU B 483 -3.60 -15.74 -33.76
N GLY B 484 -2.28 -15.61 -33.87
CA GLY B 484 -1.63 -14.33 -33.81
C GLY B 484 -0.28 -14.40 -33.12
N PRO B 485 0.60 -13.43 -33.41
CA PRO B 485 1.92 -13.45 -32.74
C PRO B 485 1.86 -13.06 -31.28
N ARG B 486 1.08 -12.04 -30.93
CA ARG B 486 0.89 -11.72 -29.52
C ARG B 486 0.24 -12.88 -28.78
N GLU B 487 -0.71 -13.55 -29.44
CA GLU B 487 -1.33 -14.73 -28.84
C GLU B 487 -0.31 -15.84 -28.64
N GLN B 488 0.59 -16.05 -29.61
CA GLN B 488 1.66 -17.01 -29.41
C GLN B 488 2.50 -16.63 -28.20
N ALA B 489 2.86 -15.36 -28.08
CA ALA B 489 3.72 -14.92 -26.99
C ALA B 489 3.04 -15.13 -25.63
N ILE B 490 1.74 -14.81 -25.54
CA ILE B 490 1.05 -14.85 -24.25
C ILE B 490 0.35 -16.16 -23.99
N ALA B 491 0.41 -17.12 -24.92
CA ALA B 491 -0.17 -18.45 -24.70
C ALA B 491 0.85 -19.55 -24.96
N GLY B 492 2.13 -19.22 -25.15
CA GLY B 492 3.12 -20.27 -25.25
C GLY B 492 3.14 -21.16 -24.02
N GLN B 493 3.11 -20.54 -22.83
CA GLN B 493 3.01 -21.32 -21.60
C GLN B 493 1.78 -22.20 -21.61
N VAL B 494 0.67 -21.70 -22.16
CA VAL B 494 -0.55 -22.50 -22.25
C VAL B 494 -0.27 -23.77 -23.02
N LEU B 495 0.35 -23.63 -24.20
CA LEU B 495 0.63 -24.80 -25.04
C LEU B 495 1.60 -25.75 -24.35
N LYS B 496 2.63 -25.21 -23.70
CA LYS B 496 3.61 -26.07 -23.05
C LYS B 496 2.98 -26.87 -21.92
N GLU B 497 2.17 -26.21 -21.09
CA GLU B 497 1.50 -26.93 -20.02
C GLU B 497 0.59 -28.01 -20.59
N ILE B 498 -0.21 -27.66 -21.59
CA ILE B 498 -1.16 -28.63 -22.12
C ILE B 498 -0.43 -29.80 -22.76
N ARG B 499 0.66 -29.54 -23.48
CA ARG B 499 1.34 -30.63 -24.17
C ARG B 499 2.08 -31.52 -23.19
N SER B 500 2.66 -30.95 -22.12
CA SER B 500 3.26 -31.80 -21.09
C SER B 500 2.20 -32.65 -20.41
N ARG B 501 1.05 -32.04 -20.08
CA ARG B 501 -0.03 -32.79 -19.45
C ARG B 501 -0.50 -33.91 -20.36
N LEU B 502 -0.63 -33.64 -21.66
CA LEU B 502 -1.10 -34.66 -22.59
C LEU B 502 -0.05 -35.73 -22.83
N GLY B 503 1.23 -35.36 -22.81
CA GLY B 503 2.27 -36.36 -22.93
C GLY B 503 2.25 -37.34 -21.77
N PHE B 504 2.06 -36.83 -20.56
CA PHE B 504 1.90 -37.73 -19.41
C PHE B 504 0.61 -38.52 -19.51
N LEU B 505 -0.47 -37.89 -19.97
CA LEU B 505 -1.73 -38.60 -20.18
C LEU B 505 -1.58 -39.77 -21.14
N LEU B 506 -0.83 -39.61 -22.21
CA LEU B 506 -0.50 -40.71 -23.11
C LEU B 506 0.45 -41.72 -22.49
N ASP B 507 1.46 -41.26 -21.74
CA ASP B 507 2.30 -42.16 -20.97
C ASP B 507 1.49 -43.07 -20.09
N VAL B 508 0.33 -42.63 -19.63
CA VAL B 508 -0.60 -43.49 -18.92
C VAL B 508 -1.60 -44.18 -19.84
N GLY B 509 -1.87 -43.64 -21.02
CA GLY B 509 -2.82 -44.23 -21.96
C GLY B 509 -4.25 -43.81 -21.69
N LEU B 510 -4.50 -42.50 -21.61
CA LEU B 510 -5.81 -41.96 -21.25
C LEU B 510 -6.13 -40.80 -22.20
N GLU B 511 -6.95 -41.08 -23.22
CA GLU B 511 -7.36 -40.04 -24.16
C GLU B 511 -8.86 -40.07 -24.42
N TYR B 512 -9.48 -41.25 -24.30
CA TYR B 512 -10.87 -41.40 -24.68
C TYR B 512 -11.81 -40.53 -23.85
N LEU B 513 -11.40 -40.10 -22.66
CA LEU B 513 -12.22 -39.18 -21.89
C LEU B 513 -12.27 -37.83 -22.59
N SER B 514 -13.42 -37.16 -22.50
CA SER B 514 -13.64 -35.88 -23.14
C SER B 514 -13.51 -34.74 -22.14
N LEU B 515 -13.24 -33.54 -22.66
CA LEU B 515 -13.12 -32.37 -21.80
C LEU B 515 -14.43 -32.06 -21.09
N SER B 516 -15.56 -32.35 -21.71
CA SER B 516 -16.86 -32.15 -21.10
C SER B 516 -17.39 -33.42 -20.43
N ARG B 517 -16.67 -34.53 -20.54
CA ARG B 517 -17.16 -35.77 -19.97
C ARG B 517 -17.40 -35.60 -18.47
N ALA B 518 -18.53 -36.11 -18.00
CA ALA B 518 -18.91 -35.91 -16.61
C ALA B 518 -17.81 -36.40 -15.67
N ALA B 519 -17.49 -35.58 -14.67
CA ALA B 519 -16.47 -35.96 -13.71
C ALA B 519 -16.81 -37.27 -13.01
N ALA B 520 -18.10 -37.58 -12.91
CA ALA B 520 -18.52 -38.84 -12.29
C ALA B 520 -17.94 -40.05 -13.00
N THR B 521 -17.54 -39.91 -14.26
CA THR B 521 -16.91 -41.01 -14.98
C THR B 521 -15.61 -41.46 -14.34
N LEU B 522 -15.02 -40.62 -13.49
CA LEU B 522 -13.81 -41.02 -12.77
C LEU B 522 -14.01 -42.38 -12.12
N SER B 523 -13.17 -43.33 -12.50
CA SER B 523 -13.23 -44.69 -11.98
C SER B 523 -12.29 -44.90 -10.81
N GLY B 524 -11.85 -43.82 -10.17
CA GLY B 524 -10.84 -43.91 -9.13
C GLY B 524 -9.46 -44.01 -9.77
N GLY B 525 -9.25 -45.06 -10.56
CA GLY B 525 -8.03 -45.16 -11.32
C GLY B 525 -7.82 -43.99 -12.25
N GLU B 526 -8.90 -43.40 -12.73
CA GLU B 526 -8.77 -42.25 -13.63
C GLU B 526 -8.09 -41.07 -12.93
N ALA B 527 -8.68 -40.60 -11.83
CA ALA B 527 -8.05 -39.52 -11.08
C ALA B 527 -6.69 -39.94 -10.53
N GLN B 528 -6.53 -41.22 -10.21
CA GLN B 528 -5.23 -41.71 -9.78
C GLN B 528 -4.18 -41.49 -10.86
N ARG B 529 -4.53 -41.80 -12.11
CA ARG B 529 -3.61 -41.55 -13.22
C ARG B 529 -3.41 -40.06 -13.44
N ILE B 530 -4.45 -39.26 -13.22
CA ILE B 530 -4.30 -37.81 -13.32
C ILE B 530 -3.19 -37.34 -12.38
N ARG B 531 -3.27 -37.77 -11.12
CA ARG B 531 -2.25 -37.38 -10.16
C ARG B 531 -0.90 -38.00 -10.47
N LEU B 532 -0.90 -39.23 -10.99
CA LEU B 532 0.36 -39.85 -11.41
C LEU B 532 1.07 -38.98 -12.44
N ALA B 533 0.33 -38.54 -13.45
CA ALA B 533 0.90 -37.65 -14.45
C ALA B 533 1.37 -36.34 -13.84
N THR B 534 0.54 -35.76 -12.97
CA THR B 534 0.91 -34.49 -12.35
C THR B 534 2.23 -34.61 -11.61
N GLN B 535 2.39 -35.68 -10.83
CA GLN B 535 3.57 -35.82 -9.99
C GLN B 535 4.80 -36.28 -10.77
N ILE B 536 4.62 -37.10 -11.80
CA ILE B 536 5.77 -37.45 -12.63
C ILE B 536 6.25 -36.21 -13.37
N GLY B 537 5.33 -35.33 -13.78
CA GLY B 537 5.74 -34.08 -14.38
C GLY B 537 6.36 -33.10 -13.41
N SER B 538 5.93 -33.11 -12.14
CA SER B 538 6.49 -32.17 -11.17
C SER B 538 8.00 -32.26 -11.13
N GLY B 539 8.54 -33.47 -11.08
CA GLY B 539 9.97 -33.68 -11.17
C GLY B 539 10.76 -33.40 -9.91
N LEU B 540 10.10 -33.24 -8.75
CA LEU B 540 10.83 -33.02 -7.51
C LEU B 540 11.58 -34.29 -7.13
N VAL B 541 12.92 -34.26 -7.28
CA VAL B 541 13.73 -35.45 -7.06
C VAL B 541 13.84 -35.71 -5.56
N GLY B 542 13.82 -36.99 -5.19
CA GLY B 542 13.97 -37.40 -3.81
C GLY B 542 12.69 -37.38 -2.98
N VAL B 543 11.60 -36.84 -3.52
CA VAL B 543 10.36 -36.77 -2.75
C VAL B 543 9.82 -38.18 -2.54
N LEU B 544 9.14 -38.38 -1.41
CA LEU B 544 8.56 -39.67 -1.10
C LEU B 544 7.18 -39.79 -1.76
N TYR B 545 6.83 -41.01 -2.17
CA TYR B 545 5.61 -41.26 -2.92
C TYR B 545 5.05 -42.62 -2.51
N VAL B 546 3.84 -42.60 -1.96
CA VAL B 546 3.13 -43.81 -1.57
C VAL B 546 1.97 -44.01 -2.53
N LEU B 547 1.94 -45.17 -3.17
CA LEU B 547 1.06 -45.46 -4.30
C LEU B 547 -0.06 -46.39 -3.85
N ASP B 548 -1.28 -46.09 -4.28
CA ASP B 548 -2.40 -47.01 -4.18
C ASP B 548 -2.40 -47.91 -5.41
N GLU B 549 -3.49 -48.63 -5.64
CA GLU B 549 -3.59 -49.51 -6.79
C GLU B 549 -4.25 -48.75 -7.94
N PRO B 550 -3.53 -48.40 -9.00
CA PRO B 550 -4.17 -47.71 -10.14
C PRO B 550 -4.69 -48.65 -11.22
N SER B 551 -4.46 -49.96 -11.09
CA SER B 551 -4.87 -50.89 -12.13
C SER B 551 -6.35 -50.78 -12.45
N ILE B 552 -7.18 -50.40 -11.46
CA ILE B 552 -8.60 -50.19 -11.72
C ILE B 552 -8.75 -49.29 -12.95
N GLY B 553 -9.58 -49.73 -13.89
CA GLY B 553 -9.74 -49.01 -15.13
C GLY B 553 -8.49 -49.01 -15.99
N LEU B 554 -7.82 -50.15 -16.11
CA LEU B 554 -6.61 -50.24 -16.91
C LEU B 554 -6.45 -51.66 -17.41
N HIS B 555 -5.69 -51.81 -18.49
CA HIS B 555 -5.39 -53.10 -19.08
C HIS B 555 -4.05 -53.61 -18.56
N GLN B 556 -3.76 -54.89 -18.82
CA GLN B 556 -2.58 -55.53 -18.27
C GLN B 556 -1.27 -54.90 -18.76
N ARG B 557 -0.98 -54.99 -20.06
CA ARG B 557 0.28 -54.45 -20.54
C ARG B 557 0.29 -52.93 -20.48
N ASP B 558 -0.89 -52.31 -20.52
CA ASP B 558 -0.97 -50.88 -20.22
C ASP B 558 -0.48 -50.60 -18.81
N ASN B 559 -0.87 -51.46 -17.86
CA ASN B 559 -0.41 -51.33 -16.48
C ASN B 559 1.09 -51.54 -16.39
N ARG B 560 1.61 -52.47 -17.19
CA ARG B 560 3.06 -52.67 -17.22
C ARG B 560 3.78 -51.42 -17.72
N ARG B 561 3.25 -50.81 -18.78
CA ARG B 561 3.84 -49.56 -19.27
C ARG B 561 3.76 -48.47 -18.22
N LEU B 562 2.65 -48.42 -17.48
CA LEU B 562 2.56 -47.50 -16.35
C LEU B 562 3.60 -47.83 -15.27
N ILE B 563 3.86 -49.11 -15.05
CA ILE B 563 4.88 -49.51 -14.09
C ILE B 563 6.23 -48.94 -14.52
N GLU B 564 6.50 -48.98 -15.82
CA GLU B 564 7.67 -48.28 -16.33
C GLU B 564 7.59 -46.78 -16.04
N THR B 565 6.40 -46.19 -16.22
CA THR B 565 6.22 -44.77 -15.94
C THR B 565 6.64 -44.44 -14.51
N LEU B 566 6.33 -45.32 -13.57
CA LEU B 566 6.72 -45.09 -12.18
C LEU B 566 8.20 -45.39 -11.95
N THR B 567 8.73 -46.41 -12.63
CA THR B 567 10.16 -46.67 -12.52
C THR B 567 10.97 -45.47 -12.97
N ARG B 568 10.39 -44.65 -13.86
CA ARG B 568 11.01 -43.36 -14.15
C ARG B 568 11.22 -42.55 -12.88
N LEU B 569 10.17 -42.44 -12.06
CA LEU B 569 10.28 -41.70 -10.81
C LEU B 569 11.28 -42.36 -9.87
N ARG B 570 11.30 -43.70 -9.84
CA ARG B 570 12.31 -44.38 -9.03
C ARG B 570 13.71 -43.97 -9.46
N ASP B 571 13.96 -43.97 -10.76
CA ASP B 571 15.25 -43.54 -11.29
C ASP B 571 15.52 -42.07 -11.03
N LEU B 572 14.46 -41.27 -10.81
CA LEU B 572 14.64 -39.87 -10.47
C LEU B 572 15.28 -39.67 -9.11
N GLY B 573 15.53 -40.75 -8.37
CA GLY B 573 15.98 -40.63 -6.99
C GLY B 573 14.86 -40.52 -5.99
N ASN B 574 13.60 -40.53 -6.45
CA ASN B 574 12.46 -40.46 -5.56
C ASN B 574 12.29 -41.79 -4.82
N THR B 575 11.78 -41.70 -3.59
CA THR B 575 11.48 -42.87 -2.78
C THR B 575 10.05 -43.31 -3.04
N LEU B 576 9.86 -44.60 -3.26
CA LEU B 576 8.56 -45.15 -3.63
C LEU B 576 8.17 -46.28 -2.69
N ILE B 577 6.99 -46.17 -2.11
CA ILE B 577 6.30 -47.27 -1.42
C ILE B 577 5.04 -47.53 -2.22
N VAL B 578 4.75 -48.79 -2.51
CA VAL B 578 3.71 -49.15 -3.47
C VAL B 578 2.65 -49.99 -2.78
N VAL B 579 1.45 -49.99 -3.35
CA VAL B 579 0.39 -50.93 -3.01
C VAL B 579 -0.38 -51.21 -4.29
N GLU B 580 -0.33 -52.46 -4.77
CA GLU B 580 -0.95 -52.79 -6.03
C GLU B 580 -1.09 -54.30 -6.13
N HIS B 581 -2.30 -54.76 -6.42
CA HIS B 581 -2.59 -56.20 -6.53
C HIS B 581 -2.02 -56.81 -7.80
N ASP B 582 -1.63 -56.00 -8.79
CA ASP B 582 -1.10 -56.56 -10.03
C ASP B 582 0.16 -57.37 -9.74
N GLU B 583 0.17 -58.61 -10.23
CA GLU B 583 1.34 -59.45 -10.03
C GLU B 583 2.59 -58.81 -10.64
N ASP B 584 2.48 -58.36 -11.89
CA ASP B 584 3.65 -57.80 -12.57
C ASP B 584 4.27 -56.68 -11.75
N THR B 585 3.45 -55.85 -11.11
CA THR B 585 3.99 -54.87 -10.18
C THR B 585 4.84 -55.54 -9.12
N ILE B 586 4.33 -56.62 -8.53
CA ILE B 586 5.11 -57.47 -7.64
C ILE B 586 6.24 -58.08 -8.46
N GLU B 587 7.29 -58.54 -7.78
CA GLU B 587 8.47 -59.10 -8.42
C GLU B 587 9.22 -58.07 -9.26
N HIS B 588 8.74 -56.83 -9.28
CA HIS B 588 9.34 -55.76 -10.08
C HIS B 588 9.60 -54.55 -9.21
N ALA B 589 10.14 -54.78 -8.02
CA ALA B 589 10.49 -53.71 -7.09
C ALA B 589 11.81 -54.04 -6.42
N ASP B 590 12.56 -52.98 -6.11
CA ASP B 590 13.82 -53.17 -5.38
C ASP B 590 13.58 -53.82 -4.03
N TRP B 591 12.39 -53.66 -3.47
CA TRP B 591 12.04 -54.29 -2.21
C TRP B 591 10.55 -54.55 -2.15
N ILE B 592 10.17 -55.61 -1.44
CA ILE B 592 8.78 -55.93 -1.20
C ILE B 592 8.63 -56.34 0.25
N VAL B 593 7.61 -55.81 0.92
CA VAL B 593 7.24 -56.18 2.28
C VAL B 593 5.82 -56.73 2.24
N ASP B 594 5.67 -58.01 2.58
CA ASP B 594 4.35 -58.60 2.76
C ASP B 594 3.97 -58.52 4.23
N ILE B 595 2.70 -58.22 4.50
CA ILE B 595 2.23 -57.99 5.84
C ILE B 595 0.94 -58.78 6.05
N GLY B 596 0.45 -58.74 7.30
CA GLY B 596 -0.75 -59.44 7.67
C GLY B 596 -0.75 -60.87 7.20
N PRO B 597 0.12 -61.70 7.78
CA PRO B 597 0.09 -63.14 7.44
C PRO B 597 -1.32 -63.69 7.47
N GLY B 598 -2.08 -63.35 8.51
CA GLY B 598 -3.52 -63.47 8.48
C GLY B 598 -4.13 -62.16 8.01
N ALA B 599 -5.36 -62.24 7.50
CA ALA B 599 -5.97 -61.08 6.87
C ALA B 599 -6.57 -60.13 7.91
N GLY B 600 -7.56 -60.60 8.66
CA GLY B 600 -8.27 -59.75 9.59
C GLY B 600 -7.43 -59.32 10.78
N GLU B 601 -8.11 -58.88 11.84
CA GLU B 601 -7.42 -58.47 13.06
C GLU B 601 -6.35 -59.47 13.50
N HIS B 602 -6.53 -60.74 13.17
CA HIS B 602 -5.59 -61.77 13.63
C HIS B 602 -4.19 -61.56 13.07
N GLY B 603 -4.07 -61.17 11.80
CA GLY B 603 -2.77 -61.06 11.17
C GLY B 603 -2.46 -59.68 10.62
N GLY B 604 -1.41 -59.04 11.15
CA GLY B 604 -1.00 -57.74 10.66
C GLY B 604 0.50 -57.51 10.64
N ARG B 605 1.28 -58.54 10.93
CA ARG B 605 2.72 -58.37 11.06
C ARG B 605 3.31 -58.45 9.66
N ILE B 606 4.56 -57.99 9.53
CA ILE B 606 5.25 -58.06 8.24
C ILE B 606 5.72 -59.49 8.04
N VAL B 607 4.88 -60.30 7.40
CA VAL B 607 5.23 -61.71 7.20
C VAL B 607 6.48 -61.85 6.34
N HIS B 608 6.79 -60.85 5.52
CA HIS B 608 7.97 -60.91 4.67
C HIS B 608 8.52 -59.51 4.49
N SER B 609 9.84 -59.40 4.37
CA SER B 609 10.47 -58.09 4.18
C SER B 609 11.81 -58.31 3.50
N GLY B 610 11.85 -58.14 2.18
CA GLY B 610 13.05 -58.46 1.45
C GLY B 610 13.07 -57.95 0.03
N PRO B 611 13.85 -58.60 -0.85
CA PRO B 611 13.84 -58.22 -2.27
C PRO B 611 12.72 -58.89 -3.04
N TYR B 612 11.71 -59.38 -2.32
CA TYR B 612 10.61 -60.23 -2.76
C TYR B 612 11.08 -61.68 -2.93
N ASP B 613 12.39 -61.96 -2.87
CA ASP B 613 12.82 -63.34 -2.78
C ASP B 613 12.41 -63.95 -1.46
N GLU B 614 12.49 -63.17 -0.39
CA GLU B 614 12.04 -63.65 0.91
C GLU B 614 10.53 -63.84 0.93
N LEU B 615 9.81 -63.31 -0.06
CA LEU B 615 8.40 -63.66 -0.19
C LEU B 615 8.24 -65.10 -0.65
N LEU B 616 9.03 -65.51 -1.65
CA LEU B 616 9.04 -66.91 -2.05
C LEU B 616 9.48 -67.79 -0.89
N ARG B 617 10.53 -67.38 -0.19
CA ARG B 617 10.98 -68.14 0.98
C ARG B 617 9.98 -68.06 2.12
N ASN B 618 9.01 -67.15 2.04
CA ASN B 618 8.00 -66.95 3.08
C ASN B 618 6.73 -67.66 2.65
N LYS B 619 6.67 -68.97 2.95
CA LYS B 619 5.47 -69.74 2.63
C LYS B 619 4.27 -69.28 3.44
N ASP B 620 4.46 -68.87 4.69
CA ASP B 620 3.34 -68.44 5.51
C ASP B 620 2.53 -67.32 4.86
N SER B 621 3.17 -66.48 4.06
CA SER B 621 2.46 -65.47 3.29
C SER B 621 1.55 -66.17 2.29
N ILE B 622 0.25 -66.19 2.57
CA ILE B 622 -0.68 -66.83 1.65
C ILE B 622 -0.72 -66.07 0.34
N THR B 623 -0.67 -64.74 0.39
CA THR B 623 -0.58 -63.96 -0.83
C THR B 623 0.73 -64.23 -1.56
N GLY B 624 1.82 -64.39 -0.81
CA GLY B 624 3.07 -64.76 -1.45
C GLY B 624 2.96 -66.07 -2.19
N ALA B 625 2.34 -67.07 -1.57
CA ALA B 625 2.13 -68.35 -2.23
C ALA B 625 1.24 -68.20 -3.46
N TYR B 626 0.18 -67.40 -3.33
CA TYR B 626 -0.73 -67.20 -4.45
C TYR B 626 -0.04 -66.55 -5.63
N LEU B 627 0.85 -65.58 -5.37
CA LEU B 627 1.49 -64.83 -6.44
C LEU B 627 2.65 -65.61 -7.05
N SER B 628 3.60 -66.05 -6.22
CA SER B 628 4.78 -66.74 -6.73
C SER B 628 4.47 -68.13 -7.27
N GLY B 629 3.27 -68.65 -7.06
CA GLY B 629 2.85 -69.89 -7.69
C GLY B 629 2.79 -71.10 -6.81
N ARG B 630 3.08 -70.98 -5.51
CA ARG B 630 2.90 -72.12 -4.62
C ARG B 630 1.47 -72.64 -4.64
N GLU B 631 0.50 -71.75 -4.88
CA GLU B 631 -0.88 -72.15 -5.14
C GLU B 631 -1.53 -71.02 -5.92
N SER B 632 -2.68 -71.31 -6.52
CA SER B 632 -3.35 -70.32 -7.35
C SER B 632 -4.80 -70.74 -7.57
N ILE B 633 -5.58 -69.82 -8.11
CA ILE B 633 -6.94 -70.11 -8.52
C ILE B 633 -6.90 -71.06 -9.72
N GLU B 634 -8.02 -71.74 -9.96
CA GLU B 634 -8.08 -72.80 -10.96
C GLU B 634 -9.18 -72.52 -11.97
N ILE B 635 -8.93 -72.92 -13.21
CA ILE B 635 -9.94 -72.80 -14.27
C ILE B 635 -11.00 -73.88 -14.04
N PRO B 636 -12.29 -73.54 -14.05
CA PRO B 636 -13.31 -74.58 -13.93
C PRO B 636 -13.23 -75.55 -15.10
N ALA B 637 -13.47 -76.83 -14.80
CA ALA B 637 -13.42 -77.85 -15.83
C ALA B 637 -14.49 -77.61 -16.88
N ILE B 638 -15.69 -77.20 -16.45
CA ILE B 638 -16.83 -77.01 -17.33
C ILE B 638 -17.13 -75.52 -17.43
N ARG B 639 -17.22 -75.03 -18.66
CA ARG B 639 -17.77 -73.70 -18.93
C ARG B 639 -19.26 -73.89 -19.23
N ARG B 640 -20.11 -73.46 -18.30
CA ARG B 640 -21.54 -73.71 -18.42
C ARG B 640 -22.03 -73.33 -19.82
N SER B 641 -22.72 -74.28 -20.45
CA SER B 641 -23.05 -74.13 -21.87
C SER B 641 -23.98 -72.95 -22.09
N VAL B 642 -23.90 -72.38 -23.29
CA VAL B 642 -24.77 -71.26 -23.65
C VAL B 642 -26.22 -71.67 -23.49
N ASP B 643 -27.09 -70.67 -23.31
CA ASP B 643 -28.53 -70.87 -23.19
C ASP B 643 -29.20 -70.07 -24.30
N PRO B 644 -29.36 -70.63 -25.50
CA PRO B 644 -29.90 -69.85 -26.62
C PRO B 644 -31.25 -69.22 -26.34
N ARG B 645 -32.14 -69.93 -25.64
CA ARG B 645 -33.50 -69.44 -25.47
C ARG B 645 -33.51 -68.11 -24.70
N ARG B 646 -33.08 -68.13 -23.45
CA ARG B 646 -33.06 -66.94 -22.62
C ARG B 646 -31.71 -66.25 -22.78
N GLN B 647 -31.65 -65.29 -23.70
CA GLN B 647 -30.44 -64.52 -23.95
C GLN B 647 -30.80 -63.06 -23.96
N LEU B 648 -30.10 -62.25 -23.18
CA LEU B 648 -30.29 -60.81 -23.19
C LEU B 648 -29.38 -60.23 -24.27
N THR B 649 -29.98 -59.64 -25.29
CA THR B 649 -29.25 -59.11 -26.43
C THR B 649 -29.61 -57.64 -26.62
N VAL B 650 -28.61 -56.78 -26.54
CA VAL B 650 -28.77 -55.36 -26.84
C VAL B 650 -28.53 -55.17 -28.33
N VAL B 651 -29.35 -54.32 -28.94
CA VAL B 651 -29.27 -54.02 -30.37
C VAL B 651 -29.44 -52.52 -30.54
N GLY B 652 -28.67 -51.95 -31.47
CA GLY B 652 -28.69 -50.53 -31.71
C GLY B 652 -27.81 -49.71 -30.80
N ALA B 653 -27.00 -50.35 -29.95
CA ALA B 653 -26.19 -49.64 -28.97
C ALA B 653 -25.10 -48.85 -29.69
N ARG B 654 -25.31 -47.54 -29.82
CA ARG B 654 -24.35 -46.64 -30.46
C ARG B 654 -23.97 -45.48 -29.54
N GLU B 655 -24.29 -45.59 -28.25
CA GLU B 655 -24.05 -44.49 -27.32
C GLU B 655 -22.58 -44.10 -27.33
N HIS B 656 -22.31 -42.83 -27.64
CA HIS B 656 -20.94 -42.32 -27.67
C HIS B 656 -20.06 -43.16 -28.59
N ASN B 657 -18.96 -43.71 -28.06
CA ASN B 657 -18.01 -44.43 -28.89
C ASN B 657 -18.62 -45.66 -29.56
N LEU B 658 -19.73 -46.18 -29.03
CA LEU B 658 -20.31 -47.38 -29.57
C LEU B 658 -20.75 -47.18 -31.02
N ARG B 659 -20.56 -48.21 -31.84
CA ARG B 659 -20.83 -48.16 -33.27
C ARG B 659 -22.15 -48.85 -33.62
N GLY B 660 -23.11 -48.87 -32.69
CA GLY B 660 -24.39 -49.48 -32.98
C GLY B 660 -24.39 -50.99 -32.91
N ILE B 661 -23.27 -51.60 -32.50
CA ILE B 661 -23.17 -53.04 -32.50
C ILE B 661 -24.21 -53.65 -31.55
N ASP B 662 -24.49 -54.92 -31.77
CA ASP B 662 -25.43 -55.68 -30.95
C ASP B 662 -24.68 -56.77 -30.21
N VAL B 663 -24.95 -56.90 -28.91
CA VAL B 663 -24.21 -57.81 -28.04
C VAL B 663 -25.19 -58.72 -27.33
N SER B 664 -24.96 -60.02 -27.43
CA SER B 664 -25.82 -61.03 -26.82
C SER B 664 -25.12 -61.62 -25.60
N PHE B 665 -25.91 -62.03 -24.61
CA PHE B 665 -25.38 -62.63 -23.41
C PHE B 665 -26.32 -63.73 -22.91
N PRO B 666 -25.83 -64.95 -22.74
CA PRO B 666 -26.71 -66.01 -22.20
C PRO B 666 -27.12 -65.70 -20.77
N LEU B 667 -28.30 -66.21 -20.42
CA LEU B 667 -28.89 -65.97 -19.11
C LEU B 667 -28.92 -67.27 -18.31
N GLY B 668 -28.56 -67.17 -17.03
CA GLY B 668 -28.47 -68.33 -16.16
C GLY B 668 -27.10 -68.92 -16.05
N VAL B 669 -26.19 -68.59 -16.97
CA VAL B 669 -24.81 -69.07 -16.93
C VAL B 669 -23.89 -67.87 -16.80
N LEU B 670 -22.77 -68.08 -16.10
CA LEU B 670 -21.84 -67.01 -15.76
C LEU B 670 -21.30 -66.40 -17.05
N THR B 671 -21.07 -65.08 -17.02
CA THR B 671 -20.48 -64.38 -18.15
C THR B 671 -19.65 -63.21 -17.64
N SER B 672 -18.66 -62.83 -18.46
CA SER B 672 -17.79 -61.71 -18.15
C SER B 672 -17.55 -60.91 -19.42
N VAL B 673 -17.24 -59.62 -19.23
CA VAL B 673 -17.00 -58.69 -20.33
C VAL B 673 -15.58 -58.17 -20.22
N THR B 674 -14.92 -58.01 -21.37
CA THR B 674 -13.52 -57.63 -21.43
C THR B 674 -13.36 -56.46 -22.39
N GLY B 675 -12.18 -55.84 -22.34
CA GLY B 675 -11.88 -54.72 -23.21
C GLY B 675 -11.03 -53.66 -22.53
N VAL B 676 -10.06 -53.11 -23.27
CA VAL B 676 -9.20 -52.08 -22.70
C VAL B 676 -10.06 -50.87 -22.33
N SER B 677 -9.80 -50.31 -21.16
CA SER B 677 -10.56 -49.16 -20.69
C SER B 677 -10.71 -48.14 -21.80
N GLY B 678 -11.89 -47.52 -21.85
CA GLY B 678 -12.26 -46.68 -22.98
C GLY B 678 -12.99 -47.40 -24.09
N SER B 679 -13.06 -48.74 -24.05
CA SER B 679 -13.76 -49.47 -25.10
C SER B 679 -15.23 -49.10 -25.13
N GLY B 680 -15.91 -49.15 -23.99
CA GLY B 680 -17.30 -48.73 -23.92
C GLY B 680 -18.19 -49.57 -23.05
N LYS B 681 -17.83 -50.83 -22.77
CA LYS B 681 -18.70 -51.73 -22.04
C LYS B 681 -19.36 -51.04 -20.84
N SER B 682 -18.62 -50.19 -20.15
CA SER B 682 -19.15 -49.47 -18.98
C SER B 682 -20.50 -48.84 -19.30
N THR B 683 -20.53 -47.89 -20.23
CA THR B 683 -21.79 -47.24 -20.57
C THR B 683 -22.67 -48.11 -21.44
N LEU B 684 -22.09 -49.00 -22.23
CA LEU B 684 -22.89 -49.97 -22.96
C LEU B 684 -23.90 -50.64 -22.04
N VAL B 685 -23.45 -51.07 -20.87
CA VAL B 685 -24.35 -51.64 -19.88
C VAL B 685 -25.07 -50.55 -19.10
N ASN B 686 -24.31 -49.75 -18.34
CA ASN B 686 -24.93 -48.78 -17.45
C ASN B 686 -25.95 -47.92 -18.17
N ASP B 687 -25.50 -47.17 -19.18
CA ASP B 687 -26.39 -46.20 -19.83
C ASP B 687 -27.49 -46.86 -20.64
N ILE B 688 -27.30 -48.09 -21.10
CA ILE B 688 -28.29 -48.72 -21.99
C ILE B 688 -28.83 -50.00 -21.39
N LEU B 689 -27.98 -51.01 -21.25
CA LEU B 689 -28.47 -52.33 -20.81
C LEU B 689 -29.06 -52.25 -19.41
N ALA B 690 -28.21 -51.98 -18.42
CA ALA B 690 -28.67 -51.88 -17.04
C ALA B 690 -29.70 -50.76 -16.90
N ALA B 691 -29.47 -49.61 -17.52
CA ALA B 691 -30.41 -48.50 -17.36
C ALA B 691 -31.81 -48.90 -17.80
N VAL B 692 -31.93 -49.41 -19.03
CA VAL B 692 -33.23 -49.76 -19.58
C VAL B 692 -33.86 -50.91 -18.78
N LEU B 693 -33.08 -51.95 -18.51
CA LEU B 693 -33.65 -53.09 -17.79
C LEU B 693 -34.13 -52.67 -16.42
N ALA B 694 -33.36 -51.82 -15.73
CA ALA B 694 -33.75 -51.38 -14.40
C ALA B 694 -35.01 -50.53 -14.45
N ASN B 695 -35.03 -49.49 -15.30
CA ASN B 695 -36.20 -48.63 -15.26
C ASN B 695 -37.44 -49.32 -15.79
N ARG B 696 -37.28 -50.43 -16.53
CA ARG B 696 -38.45 -51.18 -16.96
C ARG B 696 -38.93 -52.16 -15.89
N LEU B 697 -38.03 -53.04 -15.43
CA LEU B 697 -38.44 -54.05 -14.45
C LEU B 697 -38.87 -53.41 -13.14
N ASN B 698 -38.30 -52.25 -12.80
CA ASN B 698 -38.61 -51.57 -11.56
C ASN B 698 -39.28 -50.21 -11.77
N GLY B 699 -39.62 -49.86 -13.01
CA GLY B 699 -40.41 -48.67 -13.26
C GLY B 699 -39.74 -47.37 -12.87
N ALA B 700 -38.45 -47.25 -13.14
CA ALA B 700 -37.71 -46.02 -12.90
C ALA B 700 -37.72 -45.16 -14.16
N ARG B 701 -36.94 -44.09 -14.15
CA ARG B 701 -36.85 -43.14 -15.27
C ARG B 701 -35.41 -42.90 -15.67
N GLN B 702 -34.61 -43.97 -15.67
CA GLN B 702 -33.19 -43.85 -15.96
C GLN B 702 -32.96 -43.58 -17.44
N VAL B 703 -31.74 -43.14 -17.76
CA VAL B 703 -31.45 -42.73 -19.14
C VAL B 703 -31.44 -43.97 -20.03
N PRO B 704 -32.28 -44.04 -21.07
CA PRO B 704 -32.24 -45.21 -21.95
C PRO B 704 -30.93 -45.36 -22.70
N GLY B 705 -30.26 -44.25 -23.03
CA GLY B 705 -29.06 -44.29 -23.84
C GLY B 705 -29.39 -44.42 -25.32
N ARG B 706 -28.33 -44.38 -26.13
CA ARG B 706 -28.46 -44.52 -27.58
C ARG B 706 -28.48 -46.01 -27.92
N HIS B 707 -29.69 -46.55 -28.06
CA HIS B 707 -29.90 -47.95 -28.38
C HIS B 707 -31.27 -48.09 -29.04
N THR B 708 -31.47 -49.21 -29.73
CA THR B 708 -32.76 -49.49 -30.37
C THR B 708 -33.62 -50.43 -29.55
N ARG B 709 -33.07 -51.55 -29.08
CA ARG B 709 -33.88 -52.50 -28.33
C ARG B 709 -32.97 -53.38 -27.48
N VAL B 710 -33.58 -54.05 -26.50
CA VAL B 710 -32.88 -55.02 -25.66
C VAL B 710 -33.82 -56.18 -25.40
N THR B 711 -33.59 -57.30 -26.07
CA THR B 711 -34.29 -58.52 -25.72
C THR B 711 -33.67 -59.11 -24.45
N GLY B 712 -34.46 -59.91 -23.74
CA GLY B 712 -34.02 -60.52 -22.50
C GLY B 712 -34.89 -60.21 -21.31
N LEU B 713 -35.79 -59.23 -21.42
CA LEU B 713 -36.61 -58.84 -20.28
C LEU B 713 -37.52 -59.98 -19.84
N ASP B 714 -38.10 -60.71 -20.79
CA ASP B 714 -39.10 -61.73 -20.46
C ASP B 714 -38.50 -62.84 -19.59
N TYR B 715 -37.20 -63.10 -19.72
CA TYR B 715 -36.60 -64.22 -19.00
C TYR B 715 -36.23 -63.89 -17.57
N LEU B 716 -36.33 -62.63 -17.15
CA LEU B 716 -35.88 -62.20 -15.83
C LEU B 716 -37.07 -61.65 -15.04
N ASP B 717 -37.09 -61.94 -13.74
CA ASP B 717 -38.14 -61.41 -12.88
C ASP B 717 -37.93 -59.91 -12.63
N LYS B 718 -36.67 -59.47 -12.58
CA LYS B 718 -36.36 -58.06 -12.39
C LYS B 718 -34.86 -57.88 -12.53
N LEU B 719 -34.43 -56.62 -12.42
CA LEU B 719 -33.02 -56.26 -12.37
C LEU B 719 -32.75 -55.51 -11.08
N VAL B 720 -31.56 -55.73 -10.52
CA VAL B 720 -31.11 -55.01 -9.32
C VAL B 720 -29.62 -54.74 -9.54
N ARG B 721 -29.28 -53.48 -9.83
CA ARG B 721 -27.89 -53.11 -9.99
C ARG B 721 -27.20 -53.10 -8.63
N VAL B 722 -26.06 -53.78 -8.54
CA VAL B 722 -25.33 -53.92 -7.29
C VAL B 722 -23.86 -53.68 -7.58
N ASP B 723 -23.20 -52.86 -6.76
CA ASP B 723 -21.83 -52.46 -6.99
C ASP B 723 -21.16 -52.18 -5.64
N GLN B 724 -19.94 -51.66 -5.69
CA GLN B 724 -19.13 -51.43 -4.51
C GLN B 724 -19.77 -50.45 -3.52
N SER B 725 -20.89 -49.83 -3.87
CA SER B 725 -21.53 -48.80 -3.05
C SER B 725 -21.72 -49.25 -1.61
N PRO B 726 -21.83 -48.30 -0.65
CA PRO B 726 -22.12 -48.70 0.74
C PRO B 726 -23.60 -48.98 0.96
N ILE B 727 -23.99 -49.22 2.21
CA ILE B 727 -25.38 -49.46 2.54
C ILE B 727 -26.14 -48.16 2.81
N GLY B 728 -25.49 -47.18 3.43
CA GLY B 728 -26.14 -45.92 3.71
C GLY B 728 -25.29 -44.96 4.51
N ARG B 729 -25.32 -43.68 4.15
CA ARG B 729 -24.56 -42.65 4.86
C ARG B 729 -25.20 -42.25 6.18
N THR B 730 -26.52 -42.35 6.30
CA THR B 730 -27.20 -41.90 7.50
C THR B 730 -26.79 -42.75 8.70
N PRO B 731 -26.89 -42.21 9.92
CA PRO B 731 -26.61 -43.04 11.10
C PRO B 731 -27.53 -44.24 11.20
N ARG B 732 -28.77 -44.12 10.71
CA ARG B 732 -29.72 -45.22 10.79
C ARG B 732 -29.27 -46.42 9.97
N SER B 733 -28.32 -46.23 9.05
CA SER B 733 -27.78 -47.32 8.26
C SER B 733 -26.43 -47.75 8.84
N ASN B 734 -26.41 -48.93 9.44
CA ASN B 734 -25.22 -49.54 10.00
C ASN B 734 -25.19 -50.99 9.54
N PRO B 735 -24.04 -51.66 9.60
CA PRO B 735 -24.00 -53.07 9.23
C PRO B 735 -25.16 -53.87 9.82
N ALA B 736 -25.25 -53.92 11.15
CA ALA B 736 -26.24 -54.77 11.80
C ALA B 736 -27.66 -54.33 11.45
N THR B 737 -27.92 -53.02 11.47
CA THR B 737 -29.29 -52.54 11.30
C THR B 737 -29.76 -52.71 9.86
N TYR B 738 -28.89 -52.41 8.90
CA TYR B 738 -29.25 -52.42 7.48
C TYR B 738 -29.02 -53.77 6.82
N THR B 739 -28.46 -54.75 7.54
CA THR B 739 -28.33 -56.09 7.00
C THR B 739 -29.65 -56.86 7.02
N GLY B 740 -30.70 -56.31 7.62
CA GLY B 740 -31.97 -56.97 7.74
C GLY B 740 -32.16 -57.73 9.04
N VAL B 741 -31.06 -58.02 9.76
CA VAL B 741 -31.17 -58.65 11.08
C VAL B 741 -31.62 -57.69 12.15
N PHE B 742 -31.90 -56.43 11.80
CA PHE B 742 -32.32 -55.45 12.79
C PHE B 742 -33.56 -55.92 13.54
N ASP B 743 -34.66 -56.12 12.81
CA ASP B 743 -35.91 -56.55 13.44
C ASP B 743 -35.74 -57.89 14.14
N LYS B 744 -34.91 -58.78 13.59
CA LYS B 744 -34.72 -60.08 14.21
C LYS B 744 -34.07 -59.95 15.58
N ILE B 745 -32.99 -59.15 15.67
CA ILE B 745 -32.33 -58.95 16.95
C ILE B 745 -33.24 -58.20 17.91
N ARG B 746 -34.01 -57.23 17.39
CA ARG B 746 -34.95 -56.51 18.24
C ARG B 746 -35.95 -57.46 18.88
N THR B 747 -36.56 -58.33 18.06
CA THR B 747 -37.54 -59.28 18.58
C THR B 747 -36.88 -60.28 19.53
N LEU B 748 -35.69 -60.76 19.21
CA LEU B 748 -35.02 -61.70 20.09
C LEU B 748 -34.69 -61.07 21.43
N PHE B 749 -34.25 -59.81 21.43
CA PHE B 749 -33.97 -59.13 22.68
C PHE B 749 -35.25 -58.88 23.46
N ALA B 750 -36.35 -58.59 22.75
CA ALA B 750 -37.65 -58.57 23.40
C ALA B 750 -38.00 -59.92 24.00
N ALA B 751 -37.47 -61.01 23.45
CA ALA B 751 -37.73 -62.34 23.93
C ALA B 751 -36.88 -62.71 25.14
N THR B 752 -35.89 -61.90 25.51
CA THR B 752 -35.11 -62.17 26.70
C THR B 752 -36.03 -62.31 27.91
N THR B 753 -35.53 -62.98 28.95
CA THR B 753 -36.30 -63.08 30.19
C THR B 753 -36.52 -61.70 30.80
N GLU B 754 -35.47 -60.88 30.83
CA GLU B 754 -35.62 -59.51 31.33
C GLU B 754 -36.58 -58.71 30.45
N ALA B 755 -36.49 -58.88 29.14
CA ALA B 755 -37.41 -58.18 28.25
C ALA B 755 -38.84 -58.68 28.44
N LYS B 756 -39.01 -59.91 28.93
CA LYS B 756 -40.34 -60.40 29.25
C LYS B 756 -40.84 -59.77 30.55
N VAL B 757 -39.94 -59.60 31.53
CA VAL B 757 -40.32 -58.86 32.74
C VAL B 757 -40.14 -57.36 32.57
N ARG B 758 -39.88 -56.89 31.35
CA ARG B 758 -39.74 -55.46 31.07
C ARG B 758 -40.67 -54.97 29.97
N GLY B 759 -41.23 -55.87 29.18
CA GLY B 759 -42.10 -55.47 28.08
C GLY B 759 -41.45 -54.57 27.06
N TYR B 760 -40.25 -54.93 26.60
CA TYR B 760 -39.50 -54.10 25.65
C TYR B 760 -39.95 -54.45 24.24
N GLN B 761 -40.56 -53.49 23.56
CA GLN B 761 -41.02 -53.69 22.19
C GLN B 761 -39.82 -53.84 21.26
N PRO B 762 -39.92 -54.63 20.19
CA PRO B 762 -38.82 -54.67 19.22
C PRO B 762 -38.51 -53.31 18.63
N GLY B 763 -39.52 -52.58 18.17
CA GLY B 763 -39.28 -51.20 17.74
C GLY B 763 -38.70 -50.34 18.84
N ARG B 764 -39.03 -50.65 20.09
CA ARG B 764 -38.42 -49.96 21.22
C ARG B 764 -36.95 -50.31 21.36
N PHE B 765 -36.53 -51.48 20.86
CA PHE B 765 -35.13 -51.84 20.75
C PHE B 765 -34.45 -51.17 19.56
N SER B 766 -35.11 -50.20 18.94
CA SER B 766 -34.55 -49.44 17.83
C SER B 766 -34.12 -48.08 18.33
N PHE B 767 -32.92 -47.64 17.92
CA PHE B 767 -32.52 -46.28 18.21
C PHE B 767 -33.28 -45.27 17.35
N ASN B 768 -33.96 -45.72 16.30
CA ASN B 768 -34.75 -44.81 15.49
C ASN B 768 -35.88 -44.18 16.30
N VAL B 769 -36.56 -44.99 17.12
CA VAL B 769 -37.54 -44.49 18.05
C VAL B 769 -36.80 -43.93 19.27
N LYS B 770 -37.45 -43.02 19.98
CA LYS B 770 -36.80 -42.34 21.09
C LYS B 770 -36.59 -43.28 22.27
N GLY B 771 -37.53 -44.20 22.49
CA GLY B 771 -37.43 -45.07 23.65
C GLY B 771 -36.14 -45.87 23.67
N GLY B 772 -35.74 -46.42 22.52
CA GLY B 772 -34.52 -47.20 22.45
C GLY B 772 -33.24 -46.41 22.49
N ARG B 773 -33.29 -45.13 22.17
CA ARG B 773 -32.09 -44.31 22.05
C ARG B 773 -32.01 -43.29 23.17
N CYS B 774 -30.84 -42.67 23.28
CA CYS B 774 -30.64 -41.51 24.13
C CYS B 774 -30.98 -40.26 23.33
N GLU B 775 -31.98 -39.50 23.81
CA GLU B 775 -32.48 -38.38 23.02
C GLU B 775 -31.40 -37.32 22.84
N ALA B 776 -30.52 -37.16 23.83
CA ALA B 776 -29.40 -36.24 23.66
C ALA B 776 -28.52 -36.65 22.49
N CYS B 777 -28.28 -37.95 22.34
CA CYS B 777 -27.48 -38.44 21.22
C CYS B 777 -28.28 -38.46 19.92
N THR B 778 -29.62 -38.42 19.99
CA THR B 778 -30.47 -38.49 18.81
C THR B 778 -30.32 -39.84 18.10
N GLY B 779 -29.67 -40.80 18.75
CA GLY B 779 -29.49 -42.13 18.20
C GLY B 779 -28.09 -42.48 17.77
N ASP B 780 -27.07 -41.78 18.28
CA ASP B 780 -25.69 -42.09 17.93
C ASP B 780 -24.84 -42.47 19.14
N GLY B 781 -25.37 -42.39 20.34
CA GLY B 781 -24.64 -42.82 21.53
C GLY B 781 -23.30 -42.17 21.74
N THR B 782 -23.22 -40.85 21.59
CA THR B 782 -21.96 -40.14 21.80
C THR B 782 -22.27 -38.67 22.09
N ILE B 783 -21.25 -37.98 22.58
CA ILE B 783 -21.32 -36.55 22.87
C ILE B 783 -20.31 -35.85 21.98
N LYS B 784 -20.76 -34.81 21.29
CA LYS B 784 -19.93 -34.00 20.42
C LYS B 784 -19.54 -32.73 21.16
N ILE B 785 -18.30 -32.29 20.99
CA ILE B 785 -17.73 -31.20 21.77
C ILE B 785 -17.01 -30.26 20.82
N GLU B 786 -17.65 -29.13 20.50
CA GLU B 786 -17.00 -28.02 19.81
C GLU B 786 -16.89 -26.84 20.75
N MET B 787 -15.79 -26.10 20.62
CA MET B 787 -15.53 -24.95 21.47
C MET B 787 -15.07 -23.80 20.57
N ASN B 788 -14.51 -22.76 21.18
CA ASN B 788 -14.24 -21.51 20.46
C ASN B 788 -13.10 -21.67 19.47
N PHE B 789 -13.43 -21.86 18.19
CA PHE B 789 -12.44 -21.92 17.12
C PHE B 789 -11.37 -22.96 17.39
N LEU B 790 -11.79 -24.09 17.97
CA LEU B 790 -10.91 -25.20 18.31
C LEU B 790 -11.50 -26.48 17.76
N PRO B 791 -10.70 -27.52 17.56
CA PRO B 791 -11.19 -28.73 16.90
C PRO B 791 -12.21 -29.48 17.73
N ASP B 792 -13.05 -30.22 17.03
CA ASP B 792 -14.12 -31.00 17.64
C ASP B 792 -13.54 -32.26 18.31
N VAL B 793 -14.19 -32.69 19.38
CA VAL B 793 -13.85 -33.92 20.08
C VAL B 793 -15.13 -34.71 20.30
N TYR B 794 -14.98 -36.02 20.53
CA TYR B 794 -16.10 -36.91 20.77
C TYR B 794 -15.86 -37.71 22.04
N VAL B 795 -16.93 -38.00 22.76
CA VAL B 795 -16.85 -38.80 23.98
C VAL B 795 -17.94 -39.87 23.95
N PRO B 796 -17.69 -41.07 24.47
CA PRO B 796 -18.78 -42.06 24.54
C PRO B 796 -19.86 -41.62 25.51
N CYS B 797 -21.11 -41.72 25.07
CA CYS B 797 -22.24 -41.41 25.94
C CYS B 797 -22.36 -42.48 27.03
N GLU B 798 -22.70 -42.02 28.24
CA GLU B 798 -22.75 -42.88 29.41
C GLU B 798 -24.05 -43.69 29.49
N VAL B 799 -25.20 -43.03 29.39
CA VAL B 799 -26.46 -43.77 29.39
C VAL B 799 -26.50 -44.72 28.21
N CYS B 800 -26.15 -44.24 27.02
CA CYS B 800 -25.98 -45.13 25.88
C CYS B 800 -24.86 -46.12 26.09
N GLN B 801 -23.85 -45.76 26.89
CA GLN B 801 -22.65 -46.56 27.06
C GLN B 801 -21.91 -46.72 25.73
N GLY B 802 -22.13 -45.78 24.81
CA GLY B 802 -21.50 -45.82 23.51
C GLY B 802 -22.15 -46.74 22.51
N ALA B 803 -23.31 -47.32 22.83
CA ALA B 803 -23.97 -48.29 21.96
C ALA B 803 -25.18 -47.73 21.25
N ARG B 804 -25.39 -46.41 21.29
CA ARG B 804 -26.56 -45.80 20.66
C ARG B 804 -27.85 -46.28 21.31
N TYR B 805 -27.73 -46.96 22.45
CA TYR B 805 -28.86 -47.55 23.14
C TYR B 805 -28.76 -47.19 24.62
N ASN B 806 -29.70 -46.39 25.11
CA ASN B 806 -29.67 -45.96 26.49
C ASN B 806 -29.60 -47.17 27.43
N ARG B 807 -29.23 -46.90 28.68
CA ARG B 807 -28.99 -47.99 29.63
C ARG B 807 -30.25 -48.81 29.84
N GLU B 808 -31.42 -48.20 29.73
CA GLU B 808 -32.66 -48.98 29.82
C GLU B 808 -32.69 -50.06 28.76
N THR B 809 -32.44 -49.69 27.51
CA THR B 809 -32.40 -50.69 26.44
C THR B 809 -31.30 -51.70 26.66
N LEU B 810 -30.12 -51.24 27.07
CA LEU B 810 -28.98 -52.15 27.25
C LEU B 810 -29.19 -53.12 28.41
N GLU B 811 -30.08 -52.78 29.36
CA GLU B 811 -30.26 -53.65 30.51
C GLU B 811 -30.72 -55.05 30.11
N VAL B 812 -31.59 -55.14 29.11
CA VAL B 812 -31.96 -56.45 28.57
C VAL B 812 -30.70 -57.11 28.03
N HIS B 813 -30.48 -58.36 28.41
CA HIS B 813 -29.24 -59.08 28.15
C HIS B 813 -29.51 -60.40 27.44
N TYR B 814 -30.25 -60.31 26.34
CA TYR B 814 -30.60 -61.49 25.54
C TYR B 814 -29.44 -62.48 25.48
N LYS B 815 -29.74 -63.73 25.85
CA LYS B 815 -28.74 -64.80 25.88
C LYS B 815 -27.50 -64.39 26.67
N GLY B 816 -27.71 -63.75 27.83
CA GLY B 816 -26.61 -63.24 28.62
C GLY B 816 -25.78 -62.18 27.93
N LYS B 817 -26.37 -61.42 27.01
CA LYS B 817 -25.65 -60.41 26.25
C LYS B 817 -26.57 -59.23 25.99
N THR B 818 -26.13 -58.03 26.35
CA THR B 818 -26.91 -56.83 26.13
C THR B 818 -26.92 -56.47 24.64
N VAL B 819 -27.70 -55.46 24.30
CA VAL B 819 -27.72 -54.98 22.92
C VAL B 819 -26.33 -54.48 22.53
N SER B 820 -25.67 -53.78 23.44
CA SER B 820 -24.33 -53.28 23.16
C SER B 820 -23.38 -54.44 22.86
N GLU B 821 -23.46 -55.52 23.65
CA GLU B 821 -22.62 -56.68 23.39
C GLU B 821 -22.96 -57.31 22.04
N VAL B 822 -24.23 -57.62 21.83
CA VAL B 822 -24.64 -58.34 20.62
C VAL B 822 -24.38 -57.47 19.38
N LEU B 823 -24.09 -56.19 19.59
CA LEU B 823 -23.57 -55.38 18.50
C LEU B 823 -22.05 -55.50 18.39
N ASP B 824 -21.34 -55.26 19.48
CA ASP B 824 -19.89 -55.09 19.40
C ASP B 824 -19.18 -56.38 19.00
N MET B 825 -19.67 -57.54 19.45
CA MET B 825 -18.95 -58.77 19.15
C MET B 825 -18.77 -58.93 17.64
N SER B 826 -17.69 -59.60 17.25
CA SER B 826 -17.32 -59.69 15.86
C SER B 826 -18.28 -60.58 15.09
N ILE B 827 -18.29 -60.41 13.77
CA ILE B 827 -19.07 -61.26 12.88
C ILE B 827 -18.59 -62.71 12.95
N GLU B 828 -17.32 -62.92 13.22
CA GLU B 828 -16.82 -64.29 13.38
C GLU B 828 -17.53 -64.99 14.53
N GLU B 829 -17.53 -64.36 15.70
CA GLU B 829 -18.24 -64.94 16.84
C GLU B 829 -19.75 -64.82 16.67
N ALA B 830 -20.21 -63.99 15.74
CA ALA B 830 -21.64 -63.96 15.42
C ALA B 830 -22.05 -65.21 14.68
N ALA B 831 -21.27 -65.59 13.66
CA ALA B 831 -21.52 -66.86 12.97
C ALA B 831 -21.35 -68.03 13.93
N GLU B 832 -20.36 -67.95 14.82
CA GLU B 832 -20.24 -68.95 15.88
C GLU B 832 -21.48 -68.95 16.77
N PHE B 833 -22.12 -67.78 16.92
CA PHE B 833 -23.22 -67.58 17.83
C PHE B 833 -24.55 -67.64 17.07
N PHE B 834 -25.65 -67.53 17.81
CA PHE B 834 -26.99 -67.57 17.22
C PHE B 834 -27.24 -68.91 16.53
N GLU B 835 -26.52 -69.94 16.97
CA GLU B 835 -26.70 -71.26 16.36
C GLU B 835 -28.17 -71.69 16.34
N PRO B 836 -28.94 -71.55 17.42
CA PRO B 836 -30.36 -71.92 17.34
C PRO B 836 -31.13 -71.11 16.32
N ILE B 837 -30.78 -69.84 16.14
CA ILE B 837 -31.50 -68.94 15.23
C ILE B 837 -31.05 -69.28 13.82
N ALA B 838 -31.88 -70.05 13.09
CA ALA B 838 -31.46 -70.58 11.80
C ALA B 838 -31.16 -69.47 10.80
N GLY B 839 -32.10 -68.54 10.61
CA GLY B 839 -31.93 -67.55 9.56
C GLY B 839 -30.71 -66.65 9.80
N VAL B 840 -30.61 -66.08 10.99
CA VAL B 840 -29.49 -65.18 11.27
C VAL B 840 -28.19 -65.95 11.31
N HIS B 841 -28.19 -67.19 11.81
CA HIS B 841 -26.97 -67.98 11.79
C HIS B 841 -26.51 -68.24 10.37
N ARG B 842 -27.43 -68.58 9.48
CA ARG B 842 -27.07 -68.77 8.08
C ARG B 842 -26.53 -67.49 7.47
N TYR B 843 -27.17 -66.36 7.77
CA TYR B 843 -26.69 -65.09 7.24
C TYR B 843 -25.27 -64.80 7.72
N LEU B 844 -25.02 -65.02 9.01
CA LEU B 844 -23.72 -64.67 9.58
C LEU B 844 -22.63 -65.62 9.07
N ARG B 845 -22.93 -66.91 8.96
CA ARG B 845 -21.93 -67.82 8.41
C ARG B 845 -21.68 -67.54 6.94
N THR B 846 -22.71 -67.11 6.19
CA THR B 846 -22.49 -66.67 4.82
C THR B 846 -21.57 -65.46 4.78
N LEU B 847 -21.77 -64.52 5.71
CA LEU B 847 -20.88 -63.38 5.80
C LEU B 847 -19.46 -63.81 6.07
N VAL B 848 -19.27 -64.76 6.99
CA VAL B 848 -17.94 -65.24 7.32
C VAL B 848 -17.31 -65.93 6.11
N ASP B 849 -18.10 -66.70 5.37
CA ASP B 849 -17.59 -67.33 4.16
C ASP B 849 -17.14 -66.28 3.15
N VAL B 850 -17.94 -65.22 2.99
CA VAL B 850 -17.51 -64.10 2.16
C VAL B 850 -16.26 -63.44 2.74
N GLY B 851 -16.01 -63.62 4.03
CA GLY B 851 -14.79 -63.14 4.64
C GLY B 851 -14.97 -61.87 5.45
N LEU B 852 -16.01 -61.83 6.29
CA LEU B 852 -16.29 -60.67 7.13
C LEU B 852 -16.10 -60.99 8.62
N GLY B 853 -15.41 -62.09 8.93
CA GLY B 853 -15.30 -62.50 10.32
C GLY B 853 -14.66 -61.46 11.20
N TYR B 854 -13.54 -60.90 10.76
CA TYR B 854 -12.85 -59.90 11.57
C TYR B 854 -13.63 -58.60 11.70
N VAL B 855 -14.43 -58.24 10.70
CA VAL B 855 -15.40 -57.16 10.86
C VAL B 855 -16.45 -57.58 11.88
N ARG B 856 -17.16 -56.60 12.43
CA ARG B 856 -18.19 -56.85 13.43
C ARG B 856 -19.52 -56.26 12.98
N LEU B 857 -20.61 -56.91 13.43
CA LEU B 857 -21.93 -56.44 13.08
C LEU B 857 -22.19 -55.05 13.66
N GLY B 858 -21.63 -54.78 14.84
CA GLY B 858 -21.86 -53.52 15.51
C GLY B 858 -21.03 -52.37 15.00
N GLN B 859 -20.18 -52.61 14.00
CA GLN B 859 -19.38 -51.53 13.46
C GLN B 859 -20.29 -50.50 12.80
N PRO B 860 -19.85 -49.24 12.68
CA PRO B 860 -20.61 -48.27 11.90
C PRO B 860 -20.54 -48.58 10.41
N ALA B 861 -21.48 -48.00 9.67
CA ALA B 861 -21.43 -48.12 8.21
C ALA B 861 -20.20 -47.42 7.63
N PRO B 862 -19.85 -46.19 8.02
CA PRO B 862 -18.68 -45.55 7.42
C PRO B 862 -17.36 -46.25 7.71
N THR B 863 -17.29 -47.06 8.77
CA THR B 863 -16.03 -47.65 9.18
C THR B 863 -15.54 -48.75 8.24
N LEU B 864 -16.36 -49.19 7.29
CA LEU B 864 -16.03 -50.30 6.41
C LEU B 864 -15.99 -49.84 4.96
N SER B 865 -15.12 -50.47 4.18
CA SER B 865 -14.90 -50.11 2.79
C SER B 865 -16.09 -50.50 1.92
N GLY B 866 -16.16 -49.87 0.73
CA GLY B 866 -17.19 -50.22 -0.22
C GLY B 866 -17.07 -51.65 -0.72
N GLY B 867 -15.85 -52.16 -0.84
CA GLY B 867 -15.69 -53.56 -1.19
C GLY B 867 -16.34 -54.48 -0.19
N GLU B 868 -16.09 -54.24 1.10
CA GLU B 868 -16.74 -55.04 2.13
C GLU B 868 -18.24 -54.78 2.17
N ALA B 869 -18.67 -53.57 1.80
CA ALA B 869 -20.10 -53.29 1.70
C ALA B 869 -20.76 -54.18 0.66
N GLN B 870 -20.13 -54.29 -0.51
CA GLN B 870 -20.66 -55.20 -1.52
C GLN B 870 -20.54 -56.65 -1.08
N ARG B 871 -19.50 -56.98 -0.32
CA ARG B 871 -19.38 -58.33 0.23
C ARG B 871 -20.57 -58.67 1.11
N VAL B 872 -20.92 -57.76 2.02
CA VAL B 872 -22.07 -58.01 2.89
C VAL B 872 -23.36 -58.01 2.08
N LYS B 873 -23.45 -57.15 1.06
CA LYS B 873 -24.66 -57.14 0.23
C LYS B 873 -24.86 -58.45 -0.51
N LEU B 874 -23.80 -58.99 -1.11
CA LEU B 874 -23.90 -60.28 -1.79
C LEU B 874 -24.21 -61.39 -0.79
N ALA B 875 -23.59 -61.34 0.39
CA ALA B 875 -23.91 -62.34 1.42
C ALA B 875 -25.38 -62.30 1.79
N SER B 876 -25.93 -61.09 1.97
CA SER B 876 -27.34 -60.97 2.35
C SER B 876 -28.26 -61.46 1.24
N GLU B 877 -28.04 -60.97 0.01
CA GLU B 877 -28.89 -61.40 -1.10
C GLU B 877 -28.74 -62.89 -1.38
N LEU B 878 -27.66 -63.51 -0.92
CA LEU B 878 -27.46 -64.93 -1.17
C LEU B 878 -28.66 -65.76 -0.70
N GLN B 879 -29.30 -65.34 0.38
CA GLN B 879 -30.44 -66.07 0.96
C GLN B 879 -31.77 -65.37 0.67
N LYS B 880 -31.94 -64.81 -0.53
CA LYS B 880 -33.13 -64.03 -0.85
C LYS B 880 -33.86 -64.58 -2.07
N ARG B 881 -33.91 -65.91 -2.22
CA ARG B 881 -34.80 -66.56 -3.19
C ARG B 881 -34.52 -66.05 -4.61
N SER B 882 -33.33 -66.41 -5.09
CA SER B 882 -32.90 -65.95 -6.41
C SER B 882 -33.84 -66.44 -7.52
N THR B 883 -34.25 -67.71 -7.45
CA THR B 883 -35.15 -68.34 -8.41
C THR B 883 -34.58 -68.38 -9.82
N GLY B 884 -33.29 -68.08 -10.01
CA GLY B 884 -32.67 -68.17 -11.31
C GLY B 884 -33.01 -67.06 -12.27
N ARG B 885 -34.10 -66.31 -12.03
CA ARG B 885 -34.50 -65.24 -12.94
C ARG B 885 -34.03 -63.86 -12.51
N THR B 886 -33.34 -63.74 -11.38
CA THR B 886 -32.83 -62.46 -10.91
C THR B 886 -31.48 -62.14 -11.55
N VAL B 887 -31.42 -62.18 -12.88
CA VAL B 887 -30.18 -61.89 -13.60
C VAL B 887 -29.86 -60.42 -13.41
N TYR B 888 -28.70 -60.13 -12.82
CA TYR B 888 -28.33 -58.78 -12.42
C TYR B 888 -26.97 -58.42 -13.02
N ILE B 889 -26.43 -57.28 -12.56
CA ILE B 889 -25.21 -56.71 -13.09
C ILE B 889 -24.26 -56.42 -11.93
N LEU B 890 -22.98 -56.26 -12.26
CA LEU B 890 -21.94 -56.05 -11.27
C LEU B 890 -20.79 -55.29 -11.92
N ASP B 891 -20.07 -54.52 -11.12
CA ASP B 891 -18.93 -53.75 -11.60
C ASP B 891 -17.63 -54.49 -11.31
N GLU B 892 -16.50 -53.82 -11.47
CA GLU B 892 -15.20 -54.38 -11.14
C GLU B 892 -15.16 -54.79 -9.68
N PRO B 893 -15.16 -56.08 -9.36
CA PRO B 893 -15.15 -56.49 -7.94
C PRO B 893 -13.76 -56.69 -7.37
N THR B 894 -12.76 -56.78 -8.26
CA THR B 894 -11.42 -57.15 -7.81
C THR B 894 -10.78 -56.10 -6.93
N THR B 895 -11.43 -54.96 -6.72
CA THR B 895 -10.86 -53.88 -5.92
C THR B 895 -10.38 -54.40 -4.56
N GLY B 896 -9.08 -54.35 -4.33
CA GLY B 896 -8.52 -54.66 -3.03
C GLY B 896 -8.86 -56.02 -2.49
N LEU B 897 -8.80 -57.06 -3.31
CA LEU B 897 -9.07 -58.44 -2.88
C LEU B 897 -7.83 -59.29 -3.11
N HIS B 898 -7.41 -59.98 -2.06
CA HIS B 898 -6.32 -60.95 -2.18
C HIS B 898 -6.82 -62.22 -2.87
N PHE B 899 -5.93 -62.85 -3.62
CA PHE B 899 -6.32 -63.98 -4.47
C PHE B 899 -7.21 -64.97 -3.74
N ASP B 900 -6.95 -65.21 -2.45
CA ASP B 900 -7.75 -66.20 -1.72
C ASP B 900 -9.21 -65.77 -1.64
N ASP B 901 -9.47 -64.55 -1.16
CA ASP B 901 -10.85 -64.08 -1.09
C ASP B 901 -11.43 -63.87 -2.49
N ILE B 902 -10.57 -63.58 -3.47
CA ILE B 902 -11.02 -63.52 -4.85
C ILE B 902 -11.62 -64.86 -5.25
N ARG B 903 -10.92 -65.95 -4.94
CA ARG B 903 -11.43 -67.27 -5.26
C ARG B 903 -12.65 -67.61 -4.41
N LYS B 904 -12.70 -67.12 -3.18
CA LYS B 904 -13.90 -67.32 -2.35
C LYS B 904 -15.12 -66.70 -3.02
N LEU B 905 -15.00 -65.44 -3.44
CA LEU B 905 -16.10 -64.79 -4.15
C LEU B 905 -16.34 -65.45 -5.50
N LEU B 906 -15.31 -66.04 -6.10
CA LEU B 906 -15.50 -66.83 -7.31
C LEU B 906 -16.44 -67.99 -7.04
N ASN B 907 -16.22 -68.70 -5.94
CA ASN B 907 -17.14 -69.78 -5.57
C ASN B 907 -18.53 -69.23 -5.26
N VAL B 908 -18.59 -68.07 -4.63
CA VAL B 908 -19.88 -67.45 -4.33
C VAL B 908 -20.66 -67.21 -5.62
N ILE B 909 -20.00 -66.58 -6.60
CA ILE B 909 -20.67 -66.30 -7.86
C ILE B 909 -20.97 -67.59 -8.61
N ASN B 910 -20.14 -68.62 -8.44
CA ASN B 910 -20.46 -69.91 -9.03
C ASN B 910 -21.77 -70.44 -8.46
N GLY B 911 -21.97 -70.29 -7.15
CA GLY B 911 -23.24 -70.67 -6.57
C GLY B 911 -24.39 -69.82 -7.10
N LEU B 912 -24.17 -68.51 -7.22
CA LEU B 912 -25.19 -67.63 -7.77
C LEU B 912 -25.60 -68.08 -9.16
N VAL B 913 -24.62 -68.52 -9.96
CA VAL B 913 -24.91 -68.99 -11.32
C VAL B 913 -25.65 -70.32 -11.26
N ASP B 914 -25.21 -71.22 -10.39
CA ASP B 914 -25.87 -72.51 -10.23
C ASP B 914 -27.29 -72.35 -9.68
N LYS B 915 -27.62 -71.16 -9.18
CA LYS B 915 -28.99 -70.83 -8.81
C LYS B 915 -29.88 -70.61 -10.03
N GLY B 916 -29.39 -70.91 -11.23
CA GLY B 916 -30.12 -70.62 -12.45
C GLY B 916 -29.99 -69.19 -12.91
N ASN B 917 -29.12 -68.40 -12.30
CA ASN B 917 -29.04 -66.97 -12.54
C ASN B 917 -27.71 -66.61 -13.19
N THR B 918 -27.57 -65.32 -13.48
CA THR B 918 -26.33 -64.74 -13.97
C THR B 918 -26.24 -63.30 -13.51
N VAL B 919 -25.17 -62.96 -12.81
CA VAL B 919 -24.91 -61.57 -12.48
C VAL B 919 -23.71 -61.11 -13.30
N ILE B 920 -23.99 -60.52 -14.46
CA ILE B 920 -22.92 -60.08 -15.34
C ILE B 920 -21.96 -59.20 -14.55
N VAL B 921 -20.67 -59.33 -14.84
CA VAL B 921 -19.61 -58.66 -14.10
C VAL B 921 -18.78 -57.84 -15.06
N ILE B 922 -18.54 -56.58 -14.70
CA ILE B 922 -17.69 -55.69 -15.51
C ILE B 922 -16.33 -55.69 -14.82
N GLU B 923 -15.49 -56.64 -15.22
CA GLU B 923 -14.19 -56.85 -14.59
C GLU B 923 -13.13 -57.03 -15.66
N HIS B 924 -12.09 -56.21 -15.60
CA HIS B 924 -10.97 -56.28 -16.54
C HIS B 924 -10.00 -57.40 -16.20
N ASN B 925 -10.22 -58.11 -15.09
CA ASN B 925 -9.26 -59.10 -14.62
C ASN B 925 -9.30 -60.35 -15.50
N LEU B 926 -8.31 -61.21 -15.31
CA LEU B 926 -8.18 -62.41 -16.14
C LEU B 926 -8.98 -63.57 -15.57
N ASP B 927 -8.95 -63.76 -14.26
CA ASP B 927 -9.58 -64.94 -13.66
C ASP B 927 -11.09 -64.88 -13.81
N VAL B 928 -11.67 -63.67 -13.81
CA VAL B 928 -13.10 -63.55 -14.03
C VAL B 928 -13.49 -64.20 -15.34
N ILE B 929 -12.72 -63.94 -16.41
CA ILE B 929 -12.99 -64.56 -17.69
C ILE B 929 -12.66 -66.05 -17.65
N LYS B 930 -11.51 -66.40 -17.06
CA LYS B 930 -11.08 -67.78 -17.02
C LYS B 930 -12.08 -68.68 -16.30
N THR B 931 -12.89 -68.12 -15.42
CA THR B 931 -13.92 -68.88 -14.72
C THR B 931 -15.31 -68.71 -15.32
N SER B 932 -15.60 -67.57 -15.95
CA SER B 932 -16.86 -67.39 -16.62
C SER B 932 -17.00 -68.38 -17.77
N ASP B 933 -18.23 -68.54 -18.25
CA ASP B 933 -18.53 -69.48 -19.33
C ASP B 933 -19.01 -68.78 -20.60
N TRP B 934 -19.20 -67.45 -20.55
CA TRP B 934 -19.48 -66.68 -21.75
C TRP B 934 -18.69 -65.39 -21.66
N ILE B 935 -18.13 -64.95 -22.78
CA ILE B 935 -17.21 -63.83 -22.79
C ILE B 935 -17.43 -63.00 -24.05
N ILE B 936 -17.38 -61.68 -23.90
CA ILE B 936 -17.45 -60.74 -25.01
C ILE B 936 -16.43 -59.63 -24.77
N ASP B 937 -15.70 -59.27 -25.82
CA ASP B 937 -14.71 -58.21 -25.76
C ASP B 937 -15.18 -57.03 -26.60
N LEU B 938 -14.99 -55.82 -26.08
CA LEU B 938 -15.47 -54.61 -26.75
C LEU B 938 -14.41 -54.15 -27.76
N GLY B 939 -14.40 -54.84 -28.90
CA GLY B 939 -13.57 -54.44 -30.00
C GLY B 939 -12.11 -54.79 -29.79
N PRO B 940 -11.29 -54.55 -30.82
CA PRO B 940 -9.86 -54.90 -30.70
C PRO B 940 -9.17 -54.22 -29.52
N GLU B 941 -9.53 -52.98 -29.22
CA GLU B 941 -8.93 -52.24 -28.13
C GLU B 941 -9.90 -51.15 -27.70
N GLY B 942 -9.41 -50.21 -26.89
CA GLY B 942 -10.28 -49.17 -26.37
C GLY B 942 -10.55 -48.06 -27.36
N GLY B 943 -11.62 -47.32 -27.12
CA GLY B 943 -11.95 -46.17 -27.93
C GLY B 943 -12.14 -46.52 -29.39
N ALA B 944 -11.18 -46.13 -30.22
CA ALA B 944 -11.23 -46.47 -31.63
C ALA B 944 -11.46 -47.97 -31.82
N GLY B 945 -10.78 -48.78 -31.02
CA GLY B 945 -11.02 -50.21 -31.06
C GLY B 945 -12.40 -50.56 -30.52
N GLY B 946 -12.83 -49.86 -29.48
CA GLY B 946 -14.08 -50.18 -28.81
C GLY B 946 -15.30 -49.99 -29.68
N GLY B 947 -16.48 -50.03 -29.07
CA GLY B 947 -17.72 -49.89 -29.78
C GLY B 947 -18.03 -51.01 -30.75
N THR B 948 -17.37 -52.16 -30.63
CA THR B 948 -17.61 -53.29 -31.50
C THR B 948 -17.24 -54.56 -30.74
N VAL B 949 -17.29 -55.71 -31.43
CA VAL B 949 -17.01 -57.00 -30.82
C VAL B 949 -16.00 -57.73 -31.70
N VAL B 950 -15.05 -58.42 -31.07
CA VAL B 950 -14.12 -59.28 -31.79
C VAL B 950 -14.29 -60.75 -31.44
N ALA B 951 -14.79 -61.07 -30.24
CA ALA B 951 -15.01 -62.46 -29.86
C ALA B 951 -16.13 -62.51 -28.83
N GLN B 952 -17.36 -62.72 -29.28
CA GLN B 952 -18.49 -62.94 -28.40
C GLN B 952 -18.87 -64.41 -28.47
N GLY B 953 -18.82 -65.07 -27.32
CA GLY B 953 -18.98 -66.52 -27.31
C GLY B 953 -18.43 -67.14 -26.05
N THR B 954 -17.59 -68.15 -26.21
CA THR B 954 -17.07 -68.87 -25.05
C THR B 954 -15.77 -68.23 -24.57
N PRO B 955 -15.45 -68.35 -23.29
CA PRO B 955 -14.11 -67.93 -22.83
C PRO B 955 -13.00 -68.62 -23.61
N GLU B 956 -13.16 -69.91 -23.93
CA GLU B 956 -12.16 -70.57 -24.75
C GLU B 956 -12.18 -70.05 -26.18
N ASP B 957 -13.36 -69.65 -26.67
CA ASP B 957 -13.42 -69.04 -28.00
C ASP B 957 -12.59 -67.76 -28.04
N VAL B 958 -12.80 -66.87 -27.08
CA VAL B 958 -12.00 -65.65 -27.05
C VAL B 958 -10.53 -65.96 -26.79
N ALA B 959 -10.25 -66.98 -25.97
CA ALA B 959 -8.87 -67.39 -25.76
C ALA B 959 -8.19 -67.73 -27.08
N ALA B 960 -8.86 -68.55 -27.90
CA ALA B 960 -8.36 -68.83 -29.24
C ALA B 960 -8.28 -67.57 -30.09
N VAL B 961 -9.18 -66.62 -29.87
CA VAL B 961 -9.20 -65.38 -30.64
C VAL B 961 -8.04 -64.50 -30.19
N PRO B 962 -7.14 -64.10 -31.10
CA PRO B 962 -6.10 -63.13 -30.75
C PRO B 962 -6.47 -61.68 -31.03
N ALA B 963 -7.68 -61.41 -31.52
CA ALA B 963 -8.08 -60.04 -31.81
C ALA B 963 -8.09 -59.17 -30.57
N SER B 964 -8.13 -59.79 -29.38
CA SER B 964 -8.13 -59.07 -28.12
C SER B 964 -6.94 -59.53 -27.28
N TYR B 965 -6.25 -58.57 -26.65
CA TYR B 965 -5.19 -58.94 -25.73
C TYR B 965 -5.70 -59.81 -24.61
N THR B 966 -6.99 -59.68 -24.28
CA THR B 966 -7.60 -60.61 -23.33
C THR B 966 -7.48 -62.04 -23.82
N GLY B 967 -7.89 -62.29 -25.07
CA GLY B 967 -7.71 -63.61 -25.64
C GLY B 967 -6.26 -64.01 -25.75
N LYS B 968 -5.38 -63.04 -25.97
CA LYS B 968 -3.95 -63.33 -26.03
C LYS B 968 -3.44 -63.88 -24.70
N PHE B 969 -3.76 -63.20 -23.60
CA PHE B 969 -3.33 -63.69 -22.29
C PHE B 969 -4.04 -64.99 -21.94
N LEU B 970 -5.29 -65.16 -22.38
CA LEU B 970 -5.94 -66.45 -22.20
C LEU B 970 -5.15 -67.56 -22.87
N ALA B 971 -4.83 -67.40 -24.16
CA ALA B 971 -3.99 -68.38 -24.83
C ALA B 971 -2.68 -68.58 -24.11
N GLU B 972 -2.14 -67.51 -23.50
CA GLU B 972 -0.94 -67.65 -22.70
C GLU B 972 -1.16 -68.63 -21.55
N VAL B 973 -2.32 -68.52 -20.88
CA VAL B 973 -2.67 -69.43 -19.80
C VAL B 973 -4.13 -69.84 -19.98
N VAL B 974 -4.35 -71.03 -20.54
CA VAL B 974 -5.69 -71.56 -20.77
C VAL B 974 -6.48 -70.64 -21.71
N ARG E 24 4.84 61.27 -27.26
CA ARG E 24 4.00 61.65 -26.12
C ARG E 24 2.87 62.58 -26.56
N ALA E 25 1.73 61.99 -26.90
CA ALA E 25 0.57 62.78 -27.30
C ALA E 25 -0.04 63.48 -26.08
N GLY E 26 0.18 64.79 -25.98
CA GLY E 26 -0.27 65.53 -24.82
C GLY E 26 -1.60 66.21 -25.01
N GLY E 27 -2.67 65.60 -24.50
CA GLY E 27 -3.98 66.22 -24.51
C GLY E 27 -3.99 67.47 -23.63
N HIS E 28 -4.70 68.49 -24.08
CA HIS E 28 -4.76 69.74 -23.34
C HIS E 28 -5.27 69.49 -21.93
N PHE E 29 -4.60 70.10 -20.95
CA PHE E 29 -4.96 69.95 -19.54
C PHE E 29 -6.24 70.76 -19.30
N GLU E 30 -7.38 70.11 -19.56
CA GLU E 30 -8.67 70.76 -19.40
C GLU E 30 -8.93 70.97 -17.91
N VAL E 31 -8.98 72.23 -17.49
CA VAL E 31 -9.17 72.58 -16.09
C VAL E 31 -10.63 72.93 -15.86
N VAL E 32 -11.27 72.23 -14.93
CA VAL E 32 -12.65 72.50 -14.55
C VAL E 32 -12.58 73.02 -13.11
N SER E 33 -12.50 74.34 -12.97
CA SER E 33 -12.28 75.00 -11.69
C SER E 33 -13.45 75.95 -11.41
N PRO E 34 -14.51 75.48 -10.76
CA PRO E 34 -15.60 76.40 -10.39
C PRO E 34 -15.14 77.51 -9.46
N HIS E 35 -14.07 77.30 -8.70
CA HIS E 35 -13.55 78.34 -7.83
C HIS E 35 -13.09 79.53 -8.67
N ALA E 36 -13.32 80.74 -8.15
CA ALA E 36 -12.90 81.96 -8.82
C ALA E 36 -11.59 82.45 -8.22
N PRO E 37 -10.47 82.40 -8.94
CA PRO E 37 -9.22 82.91 -8.38
C PRO E 37 -9.33 84.38 -7.99
N ALA E 38 -8.70 84.73 -6.88
CA ALA E 38 -8.70 86.10 -6.39
C ALA E 38 -7.51 86.27 -5.45
N GLY E 39 -7.43 87.42 -4.80
CA GLY E 39 -6.31 87.68 -3.91
C GLY E 39 -4.99 87.62 -4.66
N ASP E 40 -4.05 86.84 -4.14
CA ASP E 40 -2.71 86.73 -4.69
C ASP E 40 -2.62 85.73 -5.84
N GLN E 41 -3.69 84.99 -6.11
CA GLN E 41 -3.59 83.91 -7.10
C GLN E 41 -3.21 84.41 -8.49
N PRO E 42 -3.87 85.41 -9.07
CA PRO E 42 -3.51 85.81 -10.45
C PRO E 42 -2.09 86.31 -10.56
N ALA E 43 -1.68 87.23 -9.69
CA ALA E 43 -0.33 87.76 -9.75
C ALA E 43 0.69 86.66 -9.53
N ALA E 44 0.45 85.78 -8.56
CA ALA E 44 1.40 84.71 -8.27
C ALA E 44 1.55 83.79 -9.48
N ILE E 45 0.44 83.38 -10.10
CA ILE E 45 0.54 82.48 -11.24
C ILE E 45 1.25 83.17 -12.40
N ASP E 46 0.94 84.45 -12.64
CA ASP E 46 1.59 85.15 -13.73
C ASP E 46 3.09 85.26 -13.52
N GLU E 47 3.51 85.57 -12.29
CA GLU E 47 4.93 85.77 -12.04
C GLU E 47 5.68 84.44 -12.05
N LEU E 48 5.06 83.36 -11.57
CA LEU E 48 5.68 82.05 -11.71
C LEU E 48 5.78 81.64 -13.18
N GLU E 49 4.75 81.97 -13.96
CA GLU E 49 4.78 81.62 -15.38
C GLU E 49 5.92 82.33 -16.09
N ARG E 50 6.06 83.64 -15.87
CA ARG E 50 7.18 84.35 -16.48
C ARG E 50 8.51 83.89 -15.90
N ARG E 51 8.54 83.48 -14.64
CA ARG E 51 9.74 82.90 -14.06
C ARG E 51 10.21 81.71 -14.88
N ILE E 52 9.29 80.77 -15.11
CA ILE E 52 9.66 79.58 -15.89
C ILE E 52 9.98 79.96 -17.33
N ASN E 53 9.28 80.96 -17.88
CA ASN E 53 9.63 81.45 -19.20
C ASN E 53 11.05 81.98 -19.25
N ALA E 54 11.55 82.54 -18.15
CA ALA E 54 12.87 83.13 -18.10
C ALA E 54 13.98 82.10 -17.92
N GLY E 55 13.73 80.83 -18.21
CA GLY E 55 14.74 79.82 -18.05
C GLY E 55 15.16 79.59 -16.62
N GLU E 56 14.33 79.97 -15.66
CA GLU E 56 14.69 79.88 -14.25
C GLU E 56 14.69 78.42 -13.83
N ARG E 57 15.86 77.80 -13.88
CA ARG E 57 16.03 76.43 -13.41
C ARG E 57 15.89 76.31 -11.90
N ASP E 58 15.88 77.44 -11.18
CA ASP E 58 15.74 77.46 -9.73
C ASP E 58 14.72 78.52 -9.36
N VAL E 59 13.63 78.09 -8.73
CA VAL E 59 12.55 78.99 -8.32
C VAL E 59 12.11 78.60 -6.91
N VAL E 60 11.56 79.57 -6.18
CA VAL E 60 10.98 79.33 -4.86
C VAL E 60 9.58 79.94 -4.83
N LEU E 61 8.71 79.32 -4.05
CA LEU E 61 7.37 79.85 -3.79
C LEU E 61 7.17 79.93 -2.28
N LEU E 62 6.52 81.00 -1.83
CA LEU E 62 6.16 81.22 -0.44
C LEU E 62 4.66 81.06 -0.35
N GLY E 63 4.20 79.82 -0.17
CA GLY E 63 2.79 79.54 -0.05
C GLY E 63 2.35 79.37 1.40
N ALA E 64 1.76 80.42 1.97
CA ALA E 64 1.30 80.35 3.34
C ALA E 64 0.18 79.33 3.47
N THR E 65 -0.21 79.05 4.71
CA THR E 65 -1.28 78.09 4.96
C THR E 65 -2.58 78.58 4.35
N GLY E 66 -3.32 77.66 3.74
CA GLY E 66 -4.58 78.00 3.13
C GLY E 66 -4.48 78.76 1.83
N THR E 67 -3.31 78.78 1.21
CA THR E 67 -3.13 79.46 -0.07
C THR E 67 -3.35 78.56 -1.28
N GLY E 68 -3.54 77.27 -1.07
CA GLY E 68 -3.92 76.37 -2.14
C GLY E 68 -2.85 76.16 -3.19
N LYS E 69 -1.73 75.53 -2.81
CA LYS E 69 -0.68 75.26 -3.79
C LYS E 69 -1.14 74.28 -4.87
N SER E 70 -2.10 73.40 -4.55
CA SER E 70 -2.53 72.40 -5.52
C SER E 70 -3.13 73.06 -6.76
N ALA E 71 -4.05 74.01 -6.56
CA ALA E 71 -4.69 74.66 -7.70
C ALA E 71 -3.67 75.44 -8.53
N THR E 72 -2.74 76.13 -7.87
CA THR E 72 -1.73 76.88 -8.61
C THR E 72 -0.85 75.95 -9.43
N THR E 73 -0.44 74.81 -8.84
CA THR E 73 0.35 73.85 -9.57
C THR E 73 -0.42 73.29 -10.76
N ALA E 74 -1.70 73.01 -10.57
CA ALA E 74 -2.53 72.50 -11.67
C ALA E 74 -2.61 73.52 -12.80
N TRP E 75 -2.82 74.79 -12.47
CA TRP E 75 -2.92 75.81 -13.50
C TRP E 75 -1.59 76.02 -14.20
N LEU E 76 -0.48 75.95 -13.46
CA LEU E 76 0.83 76.05 -14.09
C LEU E 76 1.06 74.89 -15.05
N ILE E 77 0.69 73.69 -14.64
CA ILE E 77 0.83 72.53 -15.52
C ILE E 77 -0.03 72.70 -16.75
N GLU E 78 -1.23 73.25 -16.58
CA GLU E 78 -2.08 73.54 -17.74
C GLU E 78 -1.40 74.51 -18.68
N ARG E 79 -0.85 75.60 -18.15
CA ARG E 79 -0.22 76.59 -18.99
C ARG E 79 0.96 76.00 -19.75
N LEU E 80 1.78 75.20 -19.07
CA LEU E 80 3.00 74.70 -19.70
C LEU E 80 2.75 73.51 -20.62
N GLN E 81 1.70 72.72 -20.36
CA GLN E 81 1.36 71.56 -21.17
C GLN E 81 2.52 70.56 -21.25
N ARG E 82 3.28 70.44 -20.16
CA ARG E 82 4.39 69.50 -20.10
C ARG E 82 4.06 68.35 -19.15
N PRO E 83 4.68 67.17 -19.34
CA PRO E 83 4.49 66.09 -18.36
C PRO E 83 5.14 66.45 -17.04
N THR E 84 4.35 66.53 -15.98
CA THR E 84 4.79 67.08 -14.71
C THR E 84 5.12 65.97 -13.73
N LEU E 85 6.25 66.11 -13.05
CA LEU E 85 6.62 65.27 -11.91
C LEU E 85 6.58 66.13 -10.66
N VAL E 86 5.73 65.75 -9.70
CA VAL E 86 5.63 66.44 -8.42
C VAL E 86 6.23 65.55 -7.35
N MET E 87 7.08 66.15 -6.51
CA MET E 87 7.89 65.45 -5.53
C MET E 87 7.39 65.80 -4.13
N ALA E 88 7.07 64.76 -3.35
CA ALA E 88 6.63 64.91 -1.97
C ALA E 88 7.46 64.00 -1.08
N PRO E 89 7.56 64.32 0.21
CA PRO E 89 8.50 63.59 1.09
C PRO E 89 7.94 62.37 1.80
N ASN E 90 6.63 62.14 1.80
CA ASN E 90 6.09 60.96 2.45
C ASN E 90 4.80 60.55 1.75
N LYS E 91 4.54 59.25 1.72
CA LYS E 91 3.39 58.75 0.97
C LYS E 91 2.09 59.35 1.52
N THR E 92 2.08 59.66 2.82
CA THR E 92 0.92 60.31 3.41
C THR E 92 0.40 61.45 2.56
N LEU E 93 1.27 62.40 2.22
CA LEU E 93 0.82 63.60 1.53
C LEU E 93 0.23 63.29 0.16
N ALA E 94 0.85 62.37 -0.59
CA ALA E 94 0.46 62.14 -1.97
C ALA E 94 -1.02 61.82 -2.09
N ALA E 95 -1.57 61.08 -1.12
CA ALA E 95 -2.94 60.59 -1.26
C ALA E 95 -3.94 61.74 -1.38
N GLN E 96 -3.96 62.63 -0.38
CA GLN E 96 -5.00 63.65 -0.31
C GLN E 96 -5.02 64.57 -1.51
N LEU E 97 -3.89 64.77 -2.18
CA LEU E 97 -3.82 65.74 -3.27
C LEU E 97 -4.19 65.15 -4.62
N ALA E 98 -3.63 64.00 -4.98
CA ALA E 98 -3.80 63.49 -6.34
C ALA E 98 -5.26 63.31 -6.68
N ASN E 99 -6.04 62.70 -5.78
CA ASN E 99 -7.47 62.55 -6.02
C ASN E 99 -8.12 63.91 -6.25
N GLU E 100 -7.72 64.93 -5.49
CA GLU E 100 -8.32 66.24 -5.63
C GLU E 100 -8.04 66.83 -7.01
N LEU E 101 -6.82 66.68 -7.51
CA LEU E 101 -6.49 67.24 -8.81
C LEU E 101 -7.28 66.57 -9.92
N ARG E 102 -7.52 65.26 -9.80
CA ARG E 102 -8.31 64.56 -10.81
C ARG E 102 -9.67 65.22 -10.99
N GLU E 103 -10.23 65.80 -9.93
CA GLU E 103 -11.48 66.53 -10.07
C GLU E 103 -11.31 67.72 -11.01
N MET E 104 -10.22 68.47 -10.87
CA MET E 104 -9.97 69.61 -11.74
C MET E 104 -9.47 69.19 -13.11
N LEU E 105 -8.99 67.95 -13.25
CA LEU E 105 -8.44 67.44 -14.51
C LEU E 105 -9.08 66.08 -14.79
N PRO E 106 -10.37 66.05 -15.10
CA PRO E 106 -11.04 64.78 -15.44
C PRO E 106 -10.87 64.34 -16.89
N HIS E 107 -9.96 64.96 -17.65
CA HIS E 107 -9.75 64.60 -19.05
C HIS E 107 -8.27 64.46 -19.39
N ASN E 108 -7.44 64.07 -18.42
CA ASN E 108 -6.01 63.95 -18.65
C ASN E 108 -5.44 62.87 -17.75
N ALA E 109 -4.22 62.44 -18.07
CA ALA E 109 -3.57 61.36 -17.34
C ALA E 109 -3.05 61.89 -16.00
N VAL E 110 -3.73 61.55 -14.92
CA VAL E 110 -3.29 61.83 -13.56
C VAL E 110 -2.88 60.50 -12.95
N GLU E 111 -1.69 60.46 -12.35
CA GLU E 111 -1.08 59.19 -11.98
C GLU E 111 -0.50 59.22 -10.58
N TYR E 112 0.26 58.20 -10.21
CA TYR E 112 0.72 58.05 -8.83
C TYR E 112 1.88 57.05 -8.79
N PHE E 113 2.77 57.26 -7.83
CA PHE E 113 3.89 56.34 -7.60
C PHE E 113 4.47 56.59 -6.21
N VAL E 114 4.53 55.56 -5.40
CA VAL E 114 5.33 55.53 -4.18
C VAL E 114 5.78 54.10 -3.94
N SER E 115 6.57 53.91 -2.88
CA SER E 115 6.89 52.57 -2.41
C SER E 115 5.64 51.70 -2.37
N TYR E 116 5.65 50.60 -3.14
CA TYR E 116 4.54 49.66 -3.17
C TYR E 116 4.71 48.55 -2.13
N TYR E 117 4.93 48.92 -0.87
CA TYR E 117 5.25 47.95 0.17
C TYR E 117 4.44 48.24 1.42
N ASP E 118 3.46 47.37 1.69
CA ASP E 118 2.79 47.37 2.97
C ASP E 118 3.83 47.25 4.08
N TYR E 119 4.91 46.51 3.80
CA TYR E 119 6.04 46.42 4.71
C TYR E 119 7.30 46.12 3.90
N TYR E 120 8.44 46.59 4.39
CA TYR E 120 9.70 46.39 3.68
C TYR E 120 10.87 46.46 4.65
N GLN E 121 11.38 45.29 5.05
CA GLN E 121 12.72 45.17 5.59
C GLN E 121 13.70 45.12 4.43
N PRO E 122 14.76 45.91 4.42
CA PRO E 122 15.72 45.83 3.31
C PRO E 122 16.59 44.59 3.41
N GLU E 123 17.37 44.36 2.36
CA GLU E 123 18.53 43.49 2.47
C GLU E 123 19.53 44.19 3.38
N ALA E 124 19.66 43.73 4.61
CA ALA E 124 20.47 44.39 5.61
C ALA E 124 21.44 43.40 6.24
N TYR E 125 22.56 43.93 6.72
CA TYR E 125 23.65 43.11 7.24
C TYR E 125 24.20 43.76 8.50
N ILE E 126 23.92 43.14 9.65
CA ILE E 126 24.57 43.51 10.90
C ILE E 126 25.98 42.93 10.84
N ALA E 127 26.97 43.77 10.48
CA ALA E 127 28.33 43.30 10.37
C ALA E 127 28.89 42.83 11.71
N GLN E 128 28.58 43.54 12.79
CA GLN E 128 29.10 43.16 14.10
C GLN E 128 28.67 41.75 14.47
N THR E 129 27.39 41.44 14.28
CA THR E 129 26.85 40.13 14.59
C THR E 129 26.88 39.17 13.41
N ASP E 130 27.33 39.63 12.24
CA ASP E 130 27.32 38.83 11.02
C ASP E 130 25.92 38.25 10.77
N THR E 131 24.92 39.10 10.95
CA THR E 131 23.52 38.70 10.82
C THR E 131 22.95 39.24 9.51
N TYR E 132 22.29 38.37 8.77
CA TYR E 132 21.70 38.72 7.48
C TYR E 132 20.20 38.94 7.67
N ILE E 133 19.80 40.19 7.86
CA ILE E 133 18.39 40.52 7.90
C ILE E 133 17.93 40.62 6.46
N GLU E 134 17.47 39.50 5.91
CA GLU E 134 17.21 39.43 4.48
C GLU E 134 16.05 40.35 4.11
N LYS E 135 16.11 40.87 2.88
CA LYS E 135 15.03 41.72 2.38
C LYS E 135 13.71 40.98 2.48
N ASP E 136 12.76 41.56 3.20
CA ASP E 136 11.42 41.03 3.34
C ASP E 136 10.44 42.13 2.97
N SER E 137 9.32 41.77 2.35
CA SER E 137 8.39 42.81 1.99
C SER E 137 6.99 42.24 1.84
N SER E 138 6.04 42.87 2.52
CA SER E 138 4.62 42.72 2.23
C SER E 138 4.29 43.72 1.12
N ILE E 139 3.95 43.20 -0.04
CA ILE E 139 3.83 44.01 -1.26
C ILE E 139 2.41 44.52 -1.40
N ASN E 140 2.27 45.84 -1.54
CA ASN E 140 1.00 46.43 -1.91
C ASN E 140 0.74 46.21 -3.39
N ASP E 141 -0.54 46.29 -3.76
CA ASP E 141 -0.97 46.04 -5.14
C ASP E 141 -1.26 47.34 -5.88
N ASP E 142 -2.14 48.18 -5.34
CA ASP E 142 -2.58 49.37 -6.06
C ASP E 142 -1.43 50.34 -6.30
N VAL E 143 -0.46 50.38 -5.38
CA VAL E 143 0.69 51.26 -5.56
C VAL E 143 1.45 50.88 -6.83
N GLU E 144 1.76 49.60 -6.98
CA GLU E 144 2.44 49.14 -8.19
C GLU E 144 1.58 49.31 -9.42
N ARG E 145 0.27 49.07 -9.28
CA ARG E 145 -0.65 49.30 -10.40
C ARG E 145 -0.54 50.73 -10.90
N LEU E 146 -0.61 51.70 -9.99
CA LEU E 146 -0.51 53.10 -10.39
C LEU E 146 0.89 53.43 -10.89
N ARG E 147 1.92 52.79 -10.33
CA ARG E 147 3.27 52.97 -10.86
C ARG E 147 3.32 52.63 -12.35
N HIS E 148 2.81 51.46 -12.70
CA HIS E 148 2.88 51.03 -14.09
C HIS E 148 1.95 51.86 -14.97
N SER E 149 0.80 52.27 -14.43
CA SER E 149 -0.07 53.18 -15.17
C SER E 149 0.64 54.48 -15.47
N ALA E 150 1.38 55.00 -14.49
CA ALA E 150 2.12 56.25 -14.69
C ALA E 150 3.20 56.09 -15.75
N THR E 151 3.96 55.00 -15.68
CA THR E 151 5.01 54.79 -16.66
C THR E 151 4.43 54.67 -18.06
N SER E 152 3.34 53.92 -18.21
CA SER E 152 2.70 53.79 -19.51
C SER E 152 2.20 55.13 -20.01
N ALA E 153 1.51 55.89 -19.14
CA ALA E 153 1.02 57.20 -19.54
C ALA E 153 2.13 58.10 -20.01
N LEU E 154 3.23 58.16 -19.25
CA LEU E 154 4.37 58.99 -19.66
C LEU E 154 4.91 58.54 -21.00
N LEU E 155 5.12 57.25 -21.17
CA LEU E 155 5.62 56.73 -22.43
C LEU E 155 4.51 56.44 -23.43
N SER E 156 3.34 57.04 -23.25
CA SER E 156 2.25 56.96 -24.20
C SER E 156 1.54 58.28 -24.41
N ARG E 157 1.89 59.33 -23.68
CA ARG E 157 1.24 60.63 -23.81
C ARG E 157 2.02 61.66 -23.01
N ARG E 158 1.86 62.92 -23.42
CA ARG E 158 2.58 64.03 -22.81
C ARG E 158 1.78 64.72 -21.71
N ASP E 159 0.46 64.52 -21.70
CA ASP E 159 -0.38 65.14 -20.67
C ASP E 159 -0.44 64.25 -19.45
N VAL E 160 0.69 64.04 -18.80
CA VAL E 160 0.84 63.07 -17.72
C VAL E 160 1.42 63.77 -16.51
N VAL E 161 0.76 63.62 -15.36
CA VAL E 161 1.22 64.18 -14.09
C VAL E 161 1.42 63.02 -13.12
N VAL E 162 2.59 62.97 -12.49
CA VAL E 162 2.95 61.86 -11.61
C VAL E 162 3.41 62.41 -10.28
N VAL E 163 2.85 61.89 -9.19
CA VAL E 163 3.28 62.21 -7.83
C VAL E 163 4.21 61.11 -7.37
N ALA E 164 5.40 61.50 -6.90
CA ALA E 164 6.47 60.55 -6.64
C ALA E 164 7.09 60.77 -5.28
N SER E 165 7.30 59.68 -4.55
CA SER E 165 8.18 59.67 -3.40
C SER E 165 9.62 59.63 -3.89
N VAL E 166 10.56 59.89 -2.98
CA VAL E 166 11.97 59.88 -3.36
C VAL E 166 12.35 58.60 -4.10
N SER E 167 11.58 57.52 -3.90
CA SER E 167 11.83 56.27 -4.59
C SER E 167 12.08 56.49 -6.08
N CYS E 168 11.51 57.56 -6.66
CA CYS E 168 11.67 57.80 -8.09
C CYS E 168 13.13 57.80 -8.51
N ILE E 169 14.02 58.36 -7.69
CA ILE E 169 15.42 58.51 -8.06
C ILE E 169 16.21 57.22 -7.83
N TYR E 170 15.59 56.20 -7.27
CA TYR E 170 16.26 54.91 -7.09
C TYR E 170 16.53 54.30 -8.47
N GLY E 171 17.25 53.18 -8.49
CA GLY E 171 17.54 52.52 -9.75
C GLY E 171 16.27 51.98 -10.41
N LEU E 172 16.22 52.06 -11.73
CA LEU E 172 15.05 51.62 -12.49
C LEU E 172 15.46 50.95 -13.79
N GLY E 173 14.48 50.48 -14.56
CA GLY E 173 14.70 50.06 -15.92
C GLY E 173 14.66 51.26 -16.87
N THR E 174 14.92 50.99 -18.14
CA THR E 174 14.99 52.06 -19.12
C THR E 174 13.62 52.32 -19.73
N PRO E 175 13.11 53.55 -19.72
CA PRO E 175 11.87 53.83 -20.46
C PRO E 175 12.00 53.50 -21.93
N GLN E 176 13.22 53.49 -22.46
CA GLN E 176 13.43 53.02 -23.82
C GLN E 176 12.84 51.63 -23.99
N SER E 177 13.37 50.64 -23.27
CA SER E 177 12.84 49.29 -23.36
C SER E 177 11.39 49.23 -22.92
N TYR E 178 10.99 50.09 -21.97
CA TYR E 178 9.59 50.13 -21.57
C TYR E 178 8.70 50.38 -22.77
N LEU E 179 9.06 51.36 -23.59
CA LEU E 179 8.28 51.67 -24.79
C LEU E 179 8.53 50.67 -25.91
N ASP E 180 9.66 49.96 -25.89
CA ASP E 180 9.96 49.00 -26.95
C ASP E 180 9.14 47.72 -26.77
N ARG E 181 9.30 47.06 -25.63
CA ARG E 181 8.58 45.82 -25.38
C ARG E 181 7.07 45.98 -25.51
N SER E 182 6.54 47.18 -25.25
CA SER E 182 5.13 47.40 -25.42
C SER E 182 4.72 47.13 -26.86
N VAL E 183 3.54 46.53 -27.04
CA VAL E 183 3.06 46.12 -28.36
C VAL E 183 1.59 46.50 -28.47
N GLU E 184 1.18 46.95 -29.66
CA GLU E 184 -0.18 47.38 -29.90
C GLU E 184 -0.84 46.48 -30.94
N LEU E 185 -2.13 46.20 -30.74
CA LEU E 185 -2.91 45.38 -31.65
C LEU E 185 -4.17 46.13 -32.04
N LYS E 186 -4.56 45.97 -33.31
CA LYS E 186 -5.69 46.69 -33.89
C LYS E 186 -6.65 45.71 -34.54
N VAL E 187 -7.92 46.10 -34.59
CA VAL E 187 -8.96 45.22 -35.13
C VAL E 187 -8.75 45.06 -36.62
N GLY E 188 -9.00 43.85 -37.13
CA GLY E 188 -8.83 43.55 -38.53
C GLY E 188 -7.43 43.10 -38.92
N GLU E 189 -6.39 43.72 -38.36
CA GLU E 189 -5.02 43.40 -38.74
C GLU E 189 -4.71 41.94 -38.46
N GLU E 190 -4.07 41.29 -39.42
CA GLU E 190 -3.62 39.92 -39.24
C GLU E 190 -2.48 39.90 -38.23
N VAL E 191 -2.60 39.05 -37.22
CA VAL E 191 -1.56 38.90 -36.20
C VAL E 191 -1.58 37.48 -35.68
N PRO E 192 -0.46 36.76 -35.71
CA PRO E 192 -0.43 35.41 -35.13
C PRO E 192 -0.79 35.43 -33.65
N ARG E 193 -1.81 34.64 -33.29
CA ARG E 193 -2.22 34.57 -31.90
C ARG E 193 -1.11 34.02 -31.01
N ASP E 194 -0.42 32.99 -31.50
CA ASP E 194 0.68 32.42 -30.72
C ASP E 194 1.80 33.43 -30.53
N GLY E 195 2.12 34.21 -31.56
CA GLY E 195 3.08 35.28 -31.38
C GLY E 195 2.60 36.32 -30.37
N LEU E 196 1.29 36.57 -30.35
CA LEU E 196 0.74 37.47 -29.35
C LEU E 196 0.98 36.93 -27.95
N LEU E 197 0.75 35.64 -27.75
CA LEU E 197 1.02 35.04 -26.44
C LEU E 197 2.50 35.13 -26.11
N ARG E 198 3.35 34.92 -27.11
CA ARG E 198 4.79 35.02 -26.89
C ARG E 198 5.18 36.41 -26.40
N LEU E 199 4.66 37.44 -27.06
CA LEU E 199 5.00 38.80 -26.64
C LEU E 199 4.36 39.13 -25.30
N LEU E 200 3.20 38.55 -25.00
CA LEU E 200 2.62 38.72 -23.68
C LEU E 200 3.54 38.15 -22.61
N VAL E 201 4.12 36.99 -22.86
CA VAL E 201 5.09 36.42 -21.93
C VAL E 201 6.30 37.35 -21.82
N ASP E 202 6.78 37.84 -22.97
CA ASP E 202 7.98 38.67 -22.96
C ASP E 202 7.73 40.01 -22.28
N VAL E 203 6.47 40.43 -22.16
CA VAL E 203 6.14 41.69 -21.53
C VAL E 203 5.55 41.41 -20.15
N GLN E 204 5.90 40.26 -19.57
CA GLN E 204 5.53 39.90 -18.21
C GLN E 204 4.01 39.81 -18.04
N TYR E 205 3.40 38.88 -18.76
CA TYR E 205 2.00 38.54 -18.57
C TYR E 205 1.83 37.04 -18.62
N THR E 206 1.13 36.49 -17.64
CA THR E 206 1.07 35.05 -17.40
C THR E 206 -0.17 34.47 -18.03
N ARG E 207 -0.02 33.29 -18.65
CA ARG E 207 -1.15 32.55 -19.20
C ARG E 207 -1.85 31.79 -18.08
N ASN E 208 -2.55 32.57 -17.24
CA ASN E 208 -3.35 32.00 -16.16
C ASN E 208 -4.61 31.41 -16.75
N ASP E 209 -4.48 30.18 -17.26
CA ASP E 209 -5.62 29.48 -17.83
C ASP E 209 -6.61 29.02 -16.78
N MET E 210 -6.28 29.14 -15.50
CA MET E 210 -7.15 28.66 -14.43
C MET E 210 -8.16 29.73 -14.01
N SER E 211 -7.67 30.89 -13.59
CA SER E 211 -8.50 32.00 -13.16
C SER E 211 -8.07 33.28 -13.86
N PHE E 212 -8.64 34.40 -13.43
CA PHE E 212 -8.41 35.71 -14.05
C PHE E 212 -7.89 36.65 -12.98
N THR E 213 -6.68 37.18 -13.18
CA THR E 213 -6.02 38.02 -12.20
C THR E 213 -5.34 39.19 -12.89
N ARG E 214 -4.86 40.12 -12.08
CA ARG E 214 -4.23 41.32 -12.61
C ARG E 214 -2.99 40.96 -13.42
N GLY E 215 -2.79 41.66 -14.54
CA GLY E 215 -1.62 41.46 -15.35
C GLY E 215 -1.48 40.05 -15.89
N SER E 216 -2.59 39.32 -15.96
CA SER E 216 -2.56 37.92 -16.39
C SER E 216 -3.58 37.76 -17.50
N PHE E 217 -3.77 36.53 -17.97
CA PHE E 217 -4.69 36.31 -19.06
C PHE E 217 -4.90 34.82 -19.28
N ARG E 218 -5.89 34.52 -20.12
CA ARG E 218 -6.35 33.16 -20.39
C ARG E 218 -6.68 33.04 -21.86
N VAL E 219 -6.48 31.84 -22.40
CA VAL E 219 -6.73 31.52 -23.80
C VAL E 219 -7.76 30.40 -23.85
N ARG E 220 -8.82 30.60 -24.64
CA ARG E 220 -9.84 29.58 -24.86
C ARG E 220 -10.26 29.70 -26.31
N GLY E 221 -9.91 28.69 -27.12
CA GLY E 221 -10.13 28.83 -28.54
C GLY E 221 -9.39 30.04 -29.06
N ASP E 222 -9.98 30.68 -30.07
CA ASP E 222 -9.44 31.94 -30.56
C ASP E 222 -9.61 33.08 -29.57
N THR E 223 -10.43 32.91 -28.54
CA THR E 223 -10.68 33.98 -27.59
C THR E 223 -9.54 34.09 -26.60
N VAL E 224 -9.17 35.34 -26.28
CA VAL E 224 -8.13 35.61 -25.29
C VAL E 224 -8.61 36.74 -24.41
N GLU E 225 -8.54 36.55 -23.09
CA GLU E 225 -8.99 37.56 -22.13
C GLU E 225 -7.86 37.88 -21.17
N ILE E 226 -7.55 39.16 -21.02
CA ILE E 226 -6.37 39.60 -20.27
C ILE E 226 -6.74 40.77 -19.37
N ILE E 227 -6.27 40.72 -18.12
CA ILE E 227 -6.21 41.91 -17.27
C ILE E 227 -4.80 42.48 -17.39
N PRO E 228 -4.63 43.71 -17.88
CA PRO E 228 -3.30 44.33 -17.89
C PRO E 228 -2.89 44.77 -16.50
N SER E 229 -1.57 44.74 -16.27
CA SER E 229 -1.04 45.05 -14.94
C SER E 229 -1.40 46.46 -14.52
N TYR E 230 -1.28 47.43 -15.43
CA TYR E 230 -1.55 48.81 -15.07
C TYR E 230 -3.02 49.16 -15.22
N GLU E 231 -3.66 48.68 -16.29
CA GLU E 231 -5.06 48.99 -16.53
C GLU E 231 -5.93 48.13 -15.61
N GLU E 232 -6.81 48.79 -14.86
CA GLU E 232 -7.64 48.06 -13.90
C GLU E 232 -8.52 47.03 -14.58
N LEU E 233 -9.21 47.44 -15.64
CA LEU E 233 -10.16 46.58 -16.31
C LEU E 233 -9.43 45.49 -17.11
N ALA E 234 -10.21 44.69 -17.82
CA ALA E 234 -9.68 43.63 -18.67
C ALA E 234 -10.11 43.87 -20.12
N VAL E 235 -9.71 42.95 -20.99
CA VAL E 235 -10.02 43.05 -22.41
C VAL E 235 -10.20 41.64 -22.97
N ARG E 236 -11.21 41.48 -23.82
CA ARG E 236 -11.43 40.27 -24.59
C ARG E 236 -11.11 40.53 -26.05
N ILE E 237 -10.32 39.66 -26.64
CA ILE E 237 -9.97 39.73 -28.06
C ILE E 237 -10.40 38.43 -28.71
N GLU E 238 -11.19 38.56 -29.77
CA GLU E 238 -11.60 37.44 -30.60
C GLU E 238 -10.69 37.36 -31.82
N PHE E 239 -10.27 36.15 -32.15
CA PHE E 239 -9.35 35.89 -33.25
C PHE E 239 -10.07 35.16 -34.38
N PHE E 240 -9.87 35.67 -35.59
CA PHE E 240 -10.29 34.97 -36.81
C PHE E 240 -9.04 34.25 -37.32
N GLY E 241 -8.88 33.00 -36.90
CA GLY E 241 -7.64 32.30 -37.17
C GLY E 241 -6.47 33.01 -36.52
N ASP E 242 -5.49 33.42 -37.32
CA ASP E 242 -4.38 34.24 -36.85
C ASP E 242 -4.58 35.71 -37.19
N GLU E 243 -5.83 36.18 -37.16
CA GLU E 243 -6.15 37.57 -37.40
C GLU E 243 -6.87 38.15 -36.19
N ILE E 244 -6.63 39.42 -35.91
CA ILE E 244 -7.32 40.10 -34.82
C ILE E 244 -8.77 40.31 -35.26
N GLU E 245 -9.66 39.42 -34.82
CA GLU E 245 -11.06 39.55 -35.18
C GLU E 245 -11.67 40.81 -34.56
N ALA E 246 -11.49 41.00 -33.25
CA ALA E 246 -12.08 42.17 -32.61
C ALA E 246 -11.52 42.32 -31.19
N LEU E 247 -11.54 43.56 -30.71
CA LEU E 247 -11.14 43.91 -29.35
C LEU E 247 -12.33 44.47 -28.59
N TYR E 248 -12.36 44.22 -27.28
CA TYR E 248 -13.44 44.72 -26.44
C TYR E 248 -12.92 44.96 -25.03
N TYR E 249 -13.30 46.08 -24.43
CA TYR E 249 -13.10 46.26 -23.00
C TYR E 249 -13.95 45.25 -22.24
N LEU E 250 -13.61 45.06 -20.96
CA LEU E 250 -14.34 44.12 -20.12
C LEU E 250 -14.13 44.46 -18.65
N HIS E 251 -15.14 44.17 -17.85
CA HIS E 251 -14.91 43.95 -16.44
C HIS E 251 -14.10 42.66 -16.31
N PRO E 252 -13.09 42.62 -15.44
CA PRO E 252 -12.22 41.43 -15.40
C PRO E 252 -12.98 40.14 -15.17
N LEU E 253 -13.68 40.03 -14.05
CA LEU E 253 -14.33 38.78 -13.71
C LEU E 253 -15.68 38.64 -14.41
N THR E 254 -16.59 39.59 -14.21
CA THR E 254 -17.90 39.50 -14.82
C THR E 254 -17.84 39.57 -16.35
N GLY E 255 -16.82 40.22 -16.91
CA GLY E 255 -16.67 40.27 -18.34
C GLY E 255 -17.52 41.30 -19.05
N GLU E 256 -18.27 42.12 -18.31
CA GLU E 256 -19.15 43.11 -18.92
C GLU E 256 -18.37 44.00 -19.88
N VAL E 257 -18.71 43.95 -21.17
CA VAL E 257 -18.01 44.76 -22.16
C VAL E 257 -18.28 46.22 -21.86
N ILE E 258 -17.24 46.96 -21.45
CA ILE E 258 -17.39 48.39 -21.20
C ILE E 258 -17.68 49.10 -22.52
N ARG E 259 -16.91 48.80 -23.55
CA ARG E 259 -17.07 49.38 -24.88
C ARG E 259 -16.15 48.57 -25.81
N GLN E 260 -16.00 49.05 -27.04
CA GLN E 260 -15.05 48.45 -27.97
C GLN E 260 -14.28 49.54 -28.68
N VAL E 261 -12.98 49.32 -28.85
CA VAL E 261 -12.13 50.19 -29.65
C VAL E 261 -11.35 49.31 -30.61
N ASP E 262 -11.00 49.89 -31.77
CA ASP E 262 -10.30 49.11 -32.78
C ASP E 262 -8.94 48.63 -32.28
N SER E 263 -8.12 49.55 -31.76
CA SER E 263 -6.75 49.23 -31.42
C SER E 263 -6.45 49.62 -29.99
N LEU E 264 -5.40 49.02 -29.43
CA LEU E 264 -4.95 49.34 -28.08
C LEU E 264 -3.54 48.78 -27.89
N ARG E 265 -2.80 49.43 -27.02
CA ARG E 265 -1.42 49.07 -26.71
C ARG E 265 -1.36 48.34 -25.37
N ILE E 266 -0.29 47.57 -25.18
CA ILE E 266 -0.02 46.89 -23.93
C ILE E 266 1.43 47.15 -23.56
N PHE E 267 1.65 47.60 -22.32
CA PHE E 267 2.98 47.82 -21.77
C PHE E 267 3.39 46.64 -20.89
N PRO E 268 4.68 46.40 -20.72
CA PRO E 268 5.10 45.30 -19.85
C PRO E 268 4.63 45.50 -18.42
N ALA E 269 4.24 44.40 -17.78
CA ALA E 269 3.81 44.45 -16.39
C ALA E 269 4.95 44.76 -15.44
N THR E 270 6.19 44.73 -15.91
CA THR E 270 7.34 45.02 -15.08
C THR E 270 7.97 46.34 -15.50
N HIS E 271 8.56 47.03 -14.52
CA HIS E 271 9.44 48.14 -14.83
C HIS E 271 10.88 47.69 -15.03
N TYR E 272 11.16 46.41 -14.80
CA TYR E 272 12.44 45.82 -15.21
C TYR E 272 12.34 45.32 -16.64
N VAL E 273 11.84 46.19 -17.51
CA VAL E 273 11.67 45.84 -18.91
C VAL E 273 13.03 45.66 -19.55
N ALA E 274 13.16 44.65 -20.41
CA ALA E 274 14.41 44.39 -21.09
C ALA E 274 14.18 43.36 -22.17
N GLY E 275 14.57 43.67 -23.40
CA GLY E 275 14.53 42.72 -24.48
C GLY E 275 15.38 41.52 -24.15
N PRO E 276 15.25 40.45 -24.93
CA PRO E 276 16.17 39.32 -24.73
C PRO E 276 17.62 39.72 -24.89
N GLU E 277 17.89 40.62 -25.85
CA GLU E 277 19.24 41.16 -25.99
C GLU E 277 19.67 41.95 -24.77
N ARG E 278 18.73 42.70 -24.17
CA ARG E 278 19.09 43.47 -22.98
C ARG E 278 19.36 42.54 -21.81
N MET E 279 18.62 41.43 -21.72
CA MET E 279 18.93 40.42 -20.72
C MET E 279 20.31 39.82 -20.97
N ALA E 280 20.64 39.57 -22.23
CA ALA E 280 21.97 39.04 -22.55
C ALA E 280 23.06 40.00 -22.08
N HIS E 281 22.92 41.28 -22.41
CA HIS E 281 23.92 42.27 -22.01
C HIS E 281 23.98 42.41 -20.49
N ALA E 282 22.81 42.41 -19.84
CA ALA E 282 22.78 42.50 -18.39
C ALA E 282 23.48 41.31 -17.76
N VAL E 283 23.26 40.10 -18.30
CA VAL E 283 23.92 38.91 -17.77
C VAL E 283 25.43 39.01 -17.97
N SER E 284 25.85 39.47 -19.14
CA SER E 284 27.28 39.63 -19.39
C SER E 284 27.91 40.57 -18.36
N ALA E 285 27.34 41.77 -18.21
CA ALA E 285 27.90 42.73 -17.27
C ALA E 285 27.78 42.24 -15.84
N ILE E 286 26.72 41.49 -15.52
CA ILE E 286 26.57 40.91 -14.19
C ILE E 286 27.69 39.94 -13.92
N GLU E 287 28.03 39.09 -14.89
CA GLU E 287 29.12 38.15 -14.69
C GLU E 287 30.46 38.87 -14.55
N GLU E 288 30.67 39.93 -15.33
CA GLU E 288 31.93 40.66 -15.23
C GLU E 288 32.07 41.31 -13.86
N GLU E 289 31.05 42.05 -13.42
CA GLU E 289 31.12 42.67 -12.11
C GLU E 289 31.05 41.63 -11.01
N LEU E 290 30.55 40.43 -11.30
CA LEU E 290 30.60 39.34 -10.35
C LEU E 290 32.03 38.87 -10.14
N ALA E 291 32.79 38.75 -11.22
CA ALA E 291 34.21 38.47 -11.08
C ALA E 291 34.91 39.60 -10.31
N GLU E 292 34.53 40.84 -10.60
CA GLU E 292 35.10 41.98 -9.88
C GLU E 292 34.85 41.85 -8.37
N ARG E 293 33.60 41.65 -7.98
CA ARG E 293 33.25 41.54 -6.57
C ARG E 293 33.85 40.28 -5.95
N LEU E 294 33.98 39.21 -6.74
CA LEU E 294 34.63 38.00 -6.26
C LEU E 294 36.05 38.31 -5.84
N ALA E 295 36.82 38.94 -6.73
CA ALA E 295 38.20 39.30 -6.40
C ALA E 295 38.23 40.29 -5.23
N GLU E 296 37.29 41.23 -5.20
CA GLU E 296 37.28 42.24 -4.14
C GLU E 296 37.10 41.59 -2.78
N LEU E 297 36.12 40.70 -2.64
CA LEU E 297 35.89 40.07 -1.35
C LEU E 297 36.97 39.05 -1.03
N GLU E 298 37.53 38.40 -2.05
CA GLU E 298 38.66 37.50 -1.81
C GLU E 298 39.83 38.24 -1.21
N SER E 299 40.16 39.42 -1.76
CA SER E 299 41.21 40.24 -1.18
C SER E 299 40.82 40.73 0.20
N GLN E 300 39.56 41.13 0.37
CA GLN E 300 39.09 41.58 1.68
C GLN E 300 39.13 40.48 2.73
N GLY E 301 39.18 39.22 2.31
CA GLY E 301 39.13 38.13 3.26
C GLY E 301 37.73 37.79 3.73
N LYS E 302 36.71 38.43 3.15
CA LYS E 302 35.32 38.19 3.52
C LYS E 302 34.77 36.99 2.76
N LEU E 303 35.46 35.85 2.91
CA LEU E 303 35.18 34.70 2.05
C LEU E 303 33.74 34.21 2.25
N LEU E 304 33.25 34.21 3.48
CA LEU E 304 31.88 33.80 3.74
C LEU E 304 30.91 34.67 2.93
N GLU E 305 31.05 35.99 3.02
CA GLU E 305 30.17 36.89 2.28
C GLU E 305 30.34 36.70 0.77
N ALA E 306 31.58 36.54 0.33
CA ALA E 306 31.85 36.34 -1.09
C ALA E 306 31.12 35.11 -1.60
N GLN E 307 31.21 34.01 -0.87
CA GLN E 307 30.57 32.78 -1.29
C GLN E 307 29.06 32.90 -1.24
N ARG E 308 28.51 33.54 -0.21
CA ARG E 308 27.06 33.70 -0.13
C ARG E 308 26.56 34.49 -1.32
N LEU E 309 27.19 35.63 -1.61
CA LEU E 309 26.81 36.42 -2.77
C LEU E 309 26.98 35.62 -4.05
N ARG E 310 28.07 34.85 -4.15
CA ARG E 310 28.34 34.08 -5.35
C ARG E 310 27.21 33.10 -5.63
N MET E 311 26.82 32.31 -4.63
CA MET E 311 25.77 31.32 -4.85
C MET E 311 24.42 31.99 -5.07
N ARG E 312 24.11 33.06 -4.32
CA ARG E 312 22.84 33.73 -4.52
C ARG E 312 22.73 34.27 -5.94
N THR E 313 23.78 34.94 -6.43
CA THR E 313 23.75 35.47 -7.78
C THR E 313 23.85 34.36 -8.82
N ASN E 314 24.45 33.22 -8.47
CA ASN E 314 24.43 32.09 -9.38
C ASN E 314 23.01 31.59 -9.60
N TYR E 315 22.24 31.48 -8.52
CA TYR E 315 20.84 31.11 -8.67
C TYR E 315 20.10 32.20 -9.42
N ASP E 316 20.43 33.45 -9.14
CA ASP E 316 19.74 34.54 -9.79
C ASP E 316 19.96 34.49 -11.29
N ILE E 317 21.21 34.30 -11.72
CA ILE E 317 21.51 34.25 -13.14
C ILE E 317 20.96 32.99 -13.77
N GLU E 318 20.95 31.88 -13.03
CA GLU E 318 20.30 30.68 -13.56
C GLU E 318 18.85 30.98 -13.91
N MET E 319 18.12 31.64 -13.01
CA MET E 319 16.72 31.87 -13.30
C MET E 319 16.47 33.12 -14.14
N MET E 320 17.48 33.94 -14.43
CA MET E 320 17.42 34.77 -15.64
C MET E 320 17.50 33.92 -16.90
N ARG E 321 18.57 33.13 -17.03
CA ARG E 321 18.76 32.34 -18.24
C ARG E 321 17.58 31.42 -18.50
N GLN E 322 16.83 31.06 -17.46
CA GLN E 322 15.63 30.24 -17.64
C GLN E 322 14.36 31.08 -17.75
N VAL E 323 14.16 32.01 -16.82
CA VAL E 323 12.90 32.75 -16.72
C VAL E 323 13.07 34.23 -17.05
N GLY E 324 14.15 34.84 -16.57
CA GLY E 324 14.30 36.27 -16.64
C GLY E 324 13.71 37.06 -15.50
N PHE E 325 13.15 36.40 -14.48
CA PHE E 325 12.47 37.08 -13.38
C PHE E 325 12.93 36.51 -12.04
N CYS E 326 13.09 37.38 -11.04
CA CYS E 326 13.47 36.95 -9.70
C CYS E 326 13.44 38.15 -8.76
N SER E 327 13.92 37.94 -7.55
CA SER E 327 14.18 39.03 -6.61
C SER E 327 15.61 39.50 -6.80
N GLY E 328 15.86 40.76 -6.46
CA GLY E 328 17.17 41.34 -6.58
C GLY E 328 17.54 41.81 -7.97
N ILE E 329 16.59 41.75 -8.92
CA ILE E 329 16.87 42.22 -10.27
C ILE E 329 17.35 43.67 -10.25
N GLU E 330 16.76 44.50 -9.38
CA GLU E 330 17.18 45.89 -9.29
C GLU E 330 18.68 46.01 -9.04
N ASN E 331 19.25 45.08 -8.29
CA ASN E 331 20.66 45.18 -7.92
C ASN E 331 21.56 45.12 -9.15
N TYR E 332 21.00 44.68 -10.27
CA TYR E 332 21.74 44.61 -11.53
C TYR E 332 21.30 45.67 -12.52
N SER E 333 20.75 46.79 -12.04
CA SER E 333 20.24 47.82 -12.95
C SER E 333 21.36 48.37 -13.83
N ARG E 334 22.53 48.61 -13.26
CA ARG E 334 23.64 49.13 -14.06
C ARG E 334 23.94 48.19 -15.22
N HIS E 335 23.76 46.88 -15.01
CA HIS E 335 23.93 45.93 -16.09
C HIS E 335 22.75 45.95 -17.04
N ILE E 336 21.53 46.09 -16.51
CA ILE E 336 20.35 46.01 -17.36
C ILE E 336 20.20 47.30 -18.16
N ASP E 337 20.03 48.43 -17.47
CA ASP E 337 20.11 49.72 -18.15
C ASP E 337 21.37 49.82 -19.00
N GLY E 338 22.48 49.29 -18.51
CA GLY E 338 23.72 49.24 -19.26
C GLY E 338 24.63 50.43 -19.07
N ARG E 339 24.18 51.49 -18.41
CA ARG E 339 25.03 52.63 -18.13
C ARG E 339 26.15 52.20 -17.19
N GLY E 340 27.08 53.11 -16.89
CA GLY E 340 28.27 52.77 -16.15
C GLY E 340 28.06 52.81 -14.64
N PRO E 341 29.00 52.22 -13.90
CA PRO E 341 28.93 52.31 -12.43
C PRO E 341 29.04 53.76 -11.96
N GLY E 342 28.40 54.06 -10.84
CA GLY E 342 28.47 55.37 -10.23
C GLY E 342 27.68 56.45 -10.94
N THR E 343 27.21 56.18 -12.15
CA THR E 343 26.34 57.13 -12.84
C THR E 343 24.92 57.00 -12.31
N PRO E 344 24.08 58.00 -12.53
CA PRO E 344 22.68 57.88 -12.11
C PRO E 344 22.00 56.73 -12.81
N PRO E 345 21.41 55.80 -12.07
CA PRO E 345 20.64 54.73 -12.72
C PRO E 345 19.35 55.28 -13.33
N ALA E 346 18.72 54.46 -14.16
CA ALA E 346 17.49 54.88 -14.82
C ALA E 346 16.48 55.37 -13.79
N THR E 347 15.52 56.17 -14.24
CA THR E 347 14.61 56.85 -13.32
C THR E 347 13.32 57.22 -14.02
N LEU E 348 12.30 57.48 -13.21
CA LEU E 348 11.09 58.09 -13.72
C LEU E 348 11.38 59.41 -14.39
N LEU E 349 12.48 60.08 -14.00
CA LEU E 349 12.89 61.28 -14.71
C LEU E 349 13.22 60.97 -16.16
N ASP E 350 13.93 59.86 -16.41
CA ASP E 350 14.12 59.42 -17.79
C ASP E 350 12.78 59.09 -18.43
N TYR E 351 11.88 58.47 -17.66
CA TYR E 351 10.53 58.24 -18.18
C TYR E 351 9.88 59.56 -18.59
N PHE E 352 10.31 60.66 -17.98
CA PHE E 352 9.85 61.98 -18.35
C PHE E 352 10.71 62.52 -19.49
N PRO E 353 10.19 63.48 -20.25
CA PRO E 353 11.00 64.13 -21.29
C PRO E 353 12.05 65.03 -20.66
N GLU E 354 12.83 65.70 -21.53
CA GLU E 354 13.71 66.75 -21.07
C GLU E 354 12.93 68.03 -20.80
N ASP E 355 11.87 68.26 -21.56
CA ASP E 355 10.97 69.39 -21.35
C ASP E 355 9.83 69.04 -20.40
N PHE E 356 10.07 68.12 -19.47
CA PHE E 356 9.08 67.77 -18.46
C PHE E 356 8.99 68.87 -17.41
N LEU E 357 7.77 69.16 -16.97
CA LEU E 357 7.56 70.06 -15.85
C LEU E 357 7.98 69.36 -14.57
N LEU E 358 8.55 70.14 -13.64
CA LEU E 358 9.00 69.61 -12.36
C LEU E 358 8.52 70.52 -11.24
N VAL E 359 8.01 69.92 -10.17
CA VAL E 359 7.57 70.64 -8.99
C VAL E 359 8.01 69.84 -7.77
N ILE E 360 8.52 70.51 -6.74
CA ILE E 360 8.91 69.84 -5.51
C ILE E 360 8.26 70.58 -4.34
N ASP E 361 7.35 69.90 -3.64
CA ASP E 361 6.68 70.47 -2.49
C ASP E 361 7.38 70.01 -1.22
N GLU E 362 7.61 70.94 -0.30
CA GLU E 362 8.39 70.67 0.90
C GLU E 362 9.77 70.16 0.51
N SER E 363 10.35 70.75 -0.53
CA SER E 363 11.71 70.41 -0.92
C SER E 363 12.70 70.70 0.20
N HIS E 364 12.36 71.59 1.12
CA HIS E 364 13.22 71.86 2.27
C HIS E 364 13.49 70.60 3.08
N VAL E 365 12.69 69.55 2.90
CA VAL E 365 12.89 68.29 3.58
C VAL E 365 13.02 67.17 2.54
N THR E 366 12.57 67.42 1.32
CA THR E 366 12.72 66.43 0.26
C THR E 366 14.18 66.35 -0.18
N VAL E 367 14.82 67.50 -0.39
CA VAL E 367 16.23 67.50 -0.75
C VAL E 367 17.10 66.99 0.40
N PRO E 368 16.97 67.47 1.64
CA PRO E 368 17.70 66.82 2.72
C PRO E 368 17.36 65.35 2.83
N GLN E 369 16.12 64.99 2.55
CA GLN E 369 15.75 63.57 2.53
C GLN E 369 16.50 62.85 1.41
N ILE E 370 16.70 63.51 0.28
CA ILE E 370 17.40 62.87 -0.82
C ILE E 370 18.83 62.53 -0.42
N GLY E 371 19.55 63.51 0.12
CA GLY E 371 20.91 63.26 0.56
C GLY E 371 20.99 62.27 1.70
N GLY E 372 20.10 62.40 2.68
CA GLY E 372 20.11 61.46 3.80
C GLY E 372 19.78 60.05 3.38
N MET E 373 18.81 59.89 2.48
CA MET E 373 18.48 58.59 1.94
C MET E 373 19.66 58.01 1.17
N TYR E 374 20.30 58.83 0.34
CA TYR E 374 21.46 58.32 -0.37
C TYR E 374 22.55 57.89 0.59
N GLU E 375 22.79 58.67 1.64
CA GLU E 375 23.86 58.35 2.59
C GLU E 375 23.53 57.07 3.36
N GLY E 376 22.31 56.96 3.89
CA GLY E 376 21.94 55.76 4.61
C GLY E 376 21.92 54.53 3.71
N ASP E 377 21.42 54.68 2.49
CA ASP E 377 21.31 53.54 1.60
C ASP E 377 22.66 53.15 1.04
N ILE E 378 23.60 54.09 0.91
CA ILE E 378 24.96 53.71 0.51
C ILE E 378 25.70 53.13 1.70
N SER E 379 25.36 53.53 2.92
CA SER E 379 25.88 52.85 4.09
C SER E 379 25.37 51.41 4.15
N ARG E 380 24.14 51.19 3.66
CA ARG E 380 23.60 49.84 3.60
C ARG E 380 24.22 49.05 2.44
N LYS E 381 24.39 49.70 1.28
CA LYS E 381 25.12 49.08 0.18
C LYS E 381 26.55 48.78 0.59
N ARG E 382 27.05 49.49 1.58
CA ARG E 382 28.11 48.97 2.42
C ARG E 382 27.49 48.01 3.44
N ASN E 383 28.17 46.89 3.67
CA ASN E 383 27.60 45.78 4.40
C ASN E 383 26.62 44.99 3.54
N LEU E 384 26.25 45.50 2.36
CA LEU E 384 25.65 44.61 1.37
C LEU E 384 26.66 44.21 0.31
N VAL E 385 27.14 45.17 -0.48
CA VAL E 385 28.09 44.87 -1.54
C VAL E 385 29.49 44.76 -0.96
N GLU E 386 29.87 45.75 -0.16
CA GLU E 386 31.19 45.73 0.48
C GLU E 386 31.38 44.44 1.26
N TYR E 387 30.28 43.83 1.71
CA TYR E 387 30.31 42.59 2.48
C TYR E 387 29.52 41.49 1.78
N GLY E 388 29.76 41.32 0.48
CA GLY E 388 29.33 40.14 -0.26
C GLY E 388 27.86 39.74 -0.17
N PHE E 389 26.99 40.61 -0.65
CA PHE E 389 25.56 40.33 -0.82
C PHE E 389 25.10 40.60 -2.24
N ARG E 390 25.62 41.64 -2.86
CA ARG E 390 25.36 41.97 -4.25
C ARG E 390 26.63 42.61 -4.82
N LEU E 391 26.60 42.86 -6.13
CA LEU E 391 27.70 43.52 -6.78
C LEU E 391 27.57 45.03 -6.60
N PRO E 392 28.62 45.80 -6.91
CA PRO E 392 28.49 47.26 -6.89
C PRO E 392 27.38 47.77 -7.78
N SER E 393 26.88 46.95 -8.70
CA SER E 393 25.69 47.34 -9.45
C SER E 393 24.50 47.58 -8.53
N ALA E 394 24.42 46.84 -7.43
CA ALA E 394 23.46 47.19 -6.39
C ALA E 394 23.67 48.62 -5.93
N CYS E 395 24.91 48.98 -5.58
CA CYS E 395 25.20 50.35 -5.21
C CYS E 395 24.77 51.32 -6.30
N ASP E 396 24.81 50.88 -7.55
CA ASP E 396 24.36 51.72 -8.65
C ASP E 396 22.85 51.84 -8.68
N ASN E 397 22.14 50.78 -8.30
CA ASN E 397 20.68 50.78 -8.21
C ASN E 397 20.31 51.54 -6.94
N ARG E 398 20.48 52.85 -7.00
CA ARG E 398 20.46 53.70 -5.83
C ARG E 398 19.67 54.95 -6.15
N PRO E 399 19.25 55.70 -5.15
CA PRO E 399 18.82 57.08 -5.40
C PRO E 399 19.94 57.86 -6.05
N LEU E 400 19.59 58.68 -7.04
CA LEU E 400 20.58 59.54 -7.66
C LEU E 400 21.23 60.42 -6.60
N THR E 401 22.56 60.44 -6.57
CA THR E 401 23.25 61.41 -5.74
C THR E 401 22.65 62.77 -5.99
N TRP E 402 22.60 63.61 -4.96
CA TRP E 402 21.86 64.85 -5.05
C TRP E 402 22.27 65.61 -6.32
N GLU E 403 23.56 65.61 -6.62
CA GLU E 403 24.04 66.31 -7.81
C GLU E 403 23.48 65.66 -9.07
N GLU E 404 23.48 64.33 -9.12
CA GLU E 404 22.96 63.62 -10.29
C GLU E 404 21.49 63.95 -10.50
N PHE E 405 20.71 63.98 -9.41
CA PHE E 405 19.32 64.39 -9.52
C PHE E 405 19.21 65.82 -10.02
N ALA E 406 20.04 66.71 -9.46
CA ALA E 406 19.99 68.11 -9.85
C ALA E 406 20.31 68.29 -11.32
N ASP E 407 21.09 67.38 -11.90
CA ASP E 407 21.35 67.45 -13.33
C ASP E 407 20.20 66.86 -14.12
N ARG E 408 19.74 65.67 -13.74
CA ARG E 408 18.70 64.99 -14.51
C ARG E 408 17.38 65.71 -14.48
N ILE E 409 17.14 66.56 -13.48
CA ILE E 409 15.91 67.33 -13.43
C ILE E 409 15.92 68.37 -14.55
N GLY E 410 14.77 69.01 -14.74
CA GLY E 410 14.66 70.14 -15.63
C GLY E 410 14.63 71.44 -14.86
N GLN E 411 13.68 72.30 -15.21
CA GLN E 411 13.44 73.49 -14.39
C GLN E 411 12.88 73.07 -13.04
N THR E 412 13.37 73.70 -11.98
CA THR E 412 13.06 73.29 -10.61
C THR E 412 12.26 74.40 -9.93
N VAL E 413 11.13 74.02 -9.32
CA VAL E 413 10.27 74.94 -8.59
C VAL E 413 10.00 74.35 -7.22
N TYR E 414 10.48 75.03 -6.18
CA TYR E 414 10.28 74.64 -4.80
C TYR E 414 9.02 75.32 -4.28
N LEU E 415 8.20 74.58 -3.52
CA LEU E 415 6.96 75.11 -2.98
C LEU E 415 6.97 74.97 -1.45
N SER E 416 7.12 76.10 -0.76
CA SER E 416 6.99 76.12 0.69
C SER E 416 6.97 77.54 1.24
N ALA E 417 6.10 77.80 2.22
CA ALA E 417 6.17 79.05 2.95
C ALA E 417 7.49 79.22 3.69
N THR E 418 8.26 78.14 3.84
CA THR E 418 9.58 78.16 4.47
C THR E 418 10.57 77.59 3.47
N PRO E 419 11.10 78.40 2.55
CA PRO E 419 12.08 77.88 1.59
C PRO E 419 13.34 77.39 2.30
N GLY E 420 13.91 76.32 1.75
CA GLY E 420 15.08 75.71 2.31
C GLY E 420 16.30 76.59 2.14
N PRO E 421 17.34 76.37 2.96
CA PRO E 421 18.56 77.19 2.80
C PRO E 421 19.25 76.94 1.46
N TYR E 422 19.53 75.68 1.16
CA TYR E 422 20.14 75.35 -0.13
C TYR E 422 19.20 75.72 -1.28
N GLU E 423 17.89 75.60 -1.04
CA GLU E 423 16.93 75.99 -2.06
C GLU E 423 17.06 77.47 -2.40
N LEU E 424 17.11 78.32 -1.37
CA LEU E 424 17.28 79.76 -1.59
C LEU E 424 18.64 80.04 -2.22
N SER E 425 19.67 79.27 -1.86
CA SER E 425 20.97 79.44 -2.49
C SER E 425 20.88 79.16 -3.99
N GLN E 426 20.17 78.10 -4.37
CA GLN E 426 20.01 77.77 -5.78
C GLN E 426 19.20 78.84 -6.51
N THR E 427 18.13 79.32 -5.90
CA THR E 427 17.23 80.27 -6.54
C THR E 427 17.68 81.72 -6.41
N GLY E 428 18.81 81.98 -5.73
CA GLY E 428 19.28 83.33 -5.54
C GLY E 428 18.59 84.08 -4.41
N GLY E 429 17.70 83.44 -3.67
CA GLY E 429 16.98 84.06 -2.59
C GLY E 429 15.64 84.63 -2.98
N GLU E 430 15.41 84.86 -4.27
CA GLU E 430 14.13 85.38 -4.73
C GLU E 430 13.10 84.26 -4.79
N PHE E 431 11.83 84.66 -4.86
CA PHE E 431 10.73 83.69 -4.79
C PHE E 431 9.47 84.34 -5.35
N VAL E 432 8.34 83.64 -5.20
CA VAL E 432 7.04 84.14 -5.61
C VAL E 432 6.09 84.00 -4.43
N GLU E 433 5.45 85.11 -4.04
CA GLU E 433 4.63 85.13 -2.85
C GLU E 433 3.20 84.72 -3.16
N GLN E 434 2.62 83.89 -2.28
CA GLN E 434 1.19 83.63 -2.28
C GLN E 434 0.80 83.32 -0.84
N VAL E 435 0.39 84.36 -0.11
CA VAL E 435 0.05 84.20 1.31
C VAL E 435 -1.33 84.72 1.65
N ILE E 436 -1.89 85.68 0.92
CA ILE E 436 -3.23 86.17 1.18
C ILE E 436 -4.21 85.19 0.55
N ARG E 437 -4.92 84.44 1.38
CA ARG E 437 -5.95 83.56 0.86
C ARG E 437 -7.07 84.37 0.26
N PRO E 438 -7.68 83.92 -0.85
CA PRO E 438 -8.87 84.61 -1.35
C PRO E 438 -10.00 84.67 -0.33
N THR E 439 -10.05 83.72 0.60
CA THR E 439 -11.08 83.72 1.63
C THR E 439 -11.02 84.96 2.52
N GLY E 440 -9.83 85.38 2.92
CA GLY E 440 -9.66 86.51 3.80
C GLY E 440 -9.28 86.16 5.22
N LEU E 441 -8.92 84.91 5.49
CA LEU E 441 -8.50 84.53 6.84
C LEU E 441 -7.20 85.24 7.19
N VAL E 442 -7.03 85.54 8.48
CA VAL E 442 -5.90 86.32 8.97
C VAL E 442 -5.20 85.52 10.06
N ASP E 443 -3.94 85.89 10.31
CA ASP E 443 -3.10 85.18 11.24
C ASP E 443 -3.51 85.46 12.68
N PRO E 444 -3.09 84.62 13.63
CA PRO E 444 -3.56 84.77 15.01
C PRO E 444 -2.81 85.87 15.75
N LYS E 445 -3.34 86.19 16.94
CA LYS E 445 -2.71 87.16 17.82
C LYS E 445 -1.78 86.42 18.78
N VAL E 446 -0.50 86.77 18.73
CA VAL E 446 0.54 86.06 19.47
C VAL E 446 0.77 86.77 20.80
N VAL E 447 1.18 86.01 21.81
CA VAL E 447 1.49 86.51 23.14
C VAL E 447 2.66 85.71 23.68
N VAL E 448 3.56 86.36 24.43
CA VAL E 448 4.74 85.72 24.97
C VAL E 448 4.81 86.03 26.47
N LYS E 449 5.07 85.01 27.27
CA LYS E 449 5.18 85.11 28.71
C LYS E 449 6.28 84.17 29.19
N PRO E 450 6.80 84.37 30.40
CA PRO E 450 7.83 83.46 30.92
C PRO E 450 7.25 82.08 31.23
N THR E 451 8.13 81.09 31.45
CA THR E 451 7.64 79.74 31.71
C THR E 451 6.75 79.70 32.93
N LYS E 452 7.00 80.55 33.92
CA LYS E 452 6.20 80.54 35.13
C LYS E 452 4.77 80.98 34.82
N GLY E 453 3.88 80.67 35.76
CA GLY E 453 2.46 80.97 35.55
C GLY E 453 1.87 80.21 34.38
N GLN E 454 2.23 78.93 34.24
CA GLN E 454 1.83 78.14 33.09
C GLN E 454 0.63 77.25 33.39
N ILE E 455 0.63 76.57 34.55
CA ILE E 455 -0.46 75.66 34.87
C ILE E 455 -1.74 76.44 35.15
N ASP E 456 -1.63 77.49 35.96
CA ASP E 456 -2.81 78.30 36.30
C ASP E 456 -3.44 78.90 35.05
N ASP E 457 -2.63 79.55 34.21
CA ASP E 457 -3.15 80.17 33.00
C ASP E 457 -3.70 79.11 32.05
N LEU E 458 -3.02 77.95 31.99
CA LEU E 458 -3.48 76.89 31.11
C LEU E 458 -4.87 76.42 31.52
N ILE E 459 -5.08 76.19 32.81
CA ILE E 459 -6.40 75.77 33.28
C ILE E 459 -7.43 76.88 33.05
N GLY E 460 -7.04 78.12 33.32
CA GLY E 460 -7.98 79.22 33.14
C GLY E 460 -8.46 79.31 31.70
N GLU E 461 -7.53 79.26 30.75
CA GLU E 461 -7.92 79.30 29.34
C GLU E 461 -8.67 78.03 28.94
N ILE E 462 -8.33 76.89 29.55
CA ILE E 462 -9.09 75.68 29.29
C ILE E 462 -10.56 75.91 29.62
N ARG E 463 -10.83 76.45 30.81
CA ARG E 463 -12.21 76.71 31.19
C ARG E 463 -12.85 77.77 30.32
N THR E 464 -12.11 78.82 29.99
CA THR E 464 -12.66 79.88 29.15
C THR E 464 -13.11 79.34 27.81
N ARG E 465 -12.28 78.49 27.19
CA ARG E 465 -12.66 77.90 25.93
C ARG E 465 -13.77 76.86 26.09
N ALA E 466 -13.76 76.12 27.20
CA ALA E 466 -14.82 75.16 27.46
C ALA E 466 -16.17 75.83 27.65
N ASP E 467 -16.19 77.12 28.00
CA ASP E 467 -17.45 77.85 28.02
C ASP E 467 -18.16 77.75 26.67
N ALA E 468 -17.42 77.99 25.59
CA ALA E 468 -17.93 77.83 24.23
C ALA E 468 -17.57 76.48 23.64
N ASP E 469 -16.91 75.61 24.40
CA ASP E 469 -16.50 74.28 23.93
C ASP E 469 -15.61 74.40 22.68
N GLN E 470 -14.43 74.99 22.88
CA GLN E 470 -13.48 75.21 21.81
C GLN E 470 -12.19 74.43 22.07
N ARG E 471 -11.37 74.32 21.03
CA ARG E 471 -10.16 73.52 21.09
C ARG E 471 -8.96 74.36 21.55
N VAL E 472 -7.87 73.66 21.85
CA VAL E 472 -6.63 74.26 22.33
C VAL E 472 -5.52 73.24 22.08
N LEU E 473 -4.30 73.74 21.87
CA LEU E 473 -3.15 72.89 21.62
C LEU E 473 -2.02 73.25 22.58
N VAL E 474 -1.15 72.29 22.86
CA VAL E 474 0.00 72.50 23.72
C VAL E 474 1.20 71.76 23.12
N THR E 475 2.36 72.39 23.17
CA THR E 475 3.61 71.75 22.79
C THR E 475 4.47 71.52 24.04
N THR E 476 5.47 70.65 23.88
CA THR E 476 6.39 70.33 24.96
C THR E 476 7.73 69.92 24.36
N LEU E 477 8.72 69.72 25.22
CA LEU E 477 10.06 69.34 24.80
C LEU E 477 10.44 67.94 25.27
N THR E 478 10.40 67.68 26.58
CA THR E 478 10.83 66.39 27.13
C THR E 478 9.63 65.49 27.35
N LYS E 479 9.80 64.20 27.02
CA LYS E 479 8.71 63.25 27.16
C LYS E 479 8.25 63.14 28.60
N LYS E 480 9.20 63.04 29.54
CA LYS E 480 8.84 62.87 30.94
C LYS E 480 7.97 64.02 31.42
N MET E 481 8.43 65.25 31.21
CA MET E 481 7.67 66.40 31.69
C MET E 481 6.36 66.52 30.95
N ALA E 482 6.35 66.18 29.65
CA ALA E 482 5.10 66.24 28.90
C ALA E 482 4.03 65.34 29.52
N GLU E 483 4.36 64.07 29.74
CA GLU E 483 3.35 63.16 30.28
C GLU E 483 3.05 63.46 31.74
N ASP E 484 4.03 63.96 32.50
CA ASP E 484 3.74 64.39 33.88
C ASP E 484 2.75 65.54 33.89
N LEU E 485 2.94 66.52 33.01
CA LEU E 485 2.05 67.66 32.94
C LEU E 485 0.65 67.24 32.50
N THR E 486 0.56 66.35 31.50
CA THR E 486 -0.76 65.85 31.11
C THR E 486 -1.42 65.11 32.27
N ASP E 487 -0.63 64.36 33.05
CA ASP E 487 -1.20 63.65 34.19
C ASP E 487 -1.74 64.63 35.23
N TYR E 488 -0.99 65.69 35.54
CA TYR E 488 -1.52 66.70 36.45
C TYR E 488 -2.79 67.32 35.90
N LEU E 489 -2.78 67.69 34.62
CA LEU E 489 -3.96 68.32 34.04
C LEU E 489 -5.17 67.41 34.17
N LEU E 490 -4.99 66.12 33.90
CA LEU E 490 -6.06 65.16 34.16
C LEU E 490 -6.48 65.17 35.61
N GLU E 491 -5.52 65.29 36.53
CA GLU E 491 -5.86 65.35 37.95
C GLU E 491 -6.73 66.55 38.29
N MET E 492 -6.51 67.69 37.62
CA MET E 492 -7.35 68.85 37.83
C MET E 492 -8.69 68.77 37.10
N GLY E 493 -9.11 67.59 36.67
CA GLY E 493 -10.39 67.45 36.00
C GLY E 493 -10.41 68.16 34.66
N ILE E 494 -9.35 68.00 33.87
CA ILE E 494 -9.23 68.65 32.58
C ILE E 494 -9.36 67.60 31.49
N ARG E 495 -10.18 67.90 30.48
CA ARG E 495 -10.34 67.05 29.31
C ARG E 495 -9.13 67.23 28.41
N VAL E 496 -8.05 66.52 28.77
CA VAL E 496 -6.73 66.71 28.17
C VAL E 496 -6.16 65.35 27.78
N ARG E 497 -5.43 65.31 26.67
CA ARG E 497 -4.68 64.14 26.25
C ARG E 497 -3.29 64.59 25.82
N TYR E 498 -2.40 63.63 25.61
CA TYR E 498 -1.02 63.94 25.23
C TYR E 498 -0.51 62.99 24.17
N LEU E 499 0.64 63.29 23.59
CA LEU E 499 1.24 62.46 22.55
C LEU E 499 2.70 62.23 22.87
N HIS E 500 3.20 61.07 22.43
CA HIS E 500 4.59 60.69 22.65
C HIS E 500 5.19 60.31 21.30
N SER E 501 6.41 59.76 21.34
CA SER E 501 7.20 59.60 20.13
C SER E 501 6.52 58.68 19.12
N GLU E 502 6.07 57.50 19.55
CA GLU E 502 5.60 56.45 18.65
C GLU E 502 4.11 56.16 18.85
N VAL E 503 3.30 57.21 18.98
CA VAL E 503 1.86 57.02 19.08
C VAL E 503 1.33 56.49 17.75
N ASP E 504 0.22 55.76 17.80
CA ASP E 504 -0.33 55.10 16.63
C ASP E 504 -1.66 55.76 16.23
N THR E 505 -2.08 55.49 14.99
CA THR E 505 -3.14 56.26 14.36
C THR E 505 -4.45 56.23 15.17
N LEU E 506 -4.79 55.11 15.78
CA LEU E 506 -6.09 55.02 16.44
C LEU E 506 -6.26 56.11 17.49
N ARG E 507 -5.21 56.44 18.23
CA ARG E 507 -5.36 57.35 19.35
C ARG E 507 -5.77 58.74 18.87
N ARG E 508 -5.04 59.30 17.91
CA ARG E 508 -5.40 60.63 17.44
C ARG E 508 -6.61 60.62 16.51
N VAL E 509 -6.91 59.50 15.84
CA VAL E 509 -8.13 59.49 15.04
C VAL E 509 -9.37 59.49 15.93
N GLU E 510 -9.37 58.70 17.01
CA GLU E 510 -10.46 58.81 17.97
C GLU E 510 -10.44 60.18 18.64
N LEU E 511 -9.27 60.82 18.75
CA LEU E 511 -9.25 62.20 19.20
C LEU E 511 -9.99 63.12 18.24
N LEU E 512 -9.83 62.91 16.93
CA LEU E 512 -10.59 63.71 15.96
C LEU E 512 -12.09 63.47 16.13
N ARG E 513 -12.49 62.21 16.28
CA ARG E 513 -13.88 61.92 16.55
C ARG E 513 -14.37 62.68 17.78
N GLN E 514 -13.60 62.62 18.86
CA GLN E 514 -14.00 63.29 20.09
C GLN E 514 -14.15 64.78 19.89
N LEU E 515 -13.15 65.42 19.26
CA LEU E 515 -13.19 66.88 19.14
C LEU E 515 -14.35 67.32 18.26
N ARG E 516 -14.63 66.59 17.16
CA ARG E 516 -15.79 66.95 16.37
C ARG E 516 -17.09 66.61 17.08
N LEU E 517 -17.03 65.77 18.10
CA LEU E 517 -18.18 65.51 18.98
C LEU E 517 -18.13 66.35 20.26
N GLY E 518 -17.16 67.24 20.39
CA GLY E 518 -17.10 68.11 21.56
C GLY E 518 -16.84 67.41 22.87
N ASP E 519 -15.88 66.48 22.91
CA ASP E 519 -15.60 65.77 24.15
C ASP E 519 -14.50 66.47 24.95
N TYR E 520 -13.36 66.73 24.32
CA TYR E 520 -12.23 67.35 25.02
C TYR E 520 -11.88 68.68 24.36
N ASP E 521 -10.84 69.34 24.84
CA ASP E 521 -10.42 70.61 24.26
C ASP E 521 -8.95 70.68 23.92
N VAL E 522 -8.07 70.09 24.74
CA VAL E 522 -6.64 70.36 24.67
C VAL E 522 -5.88 69.06 24.42
N LEU E 523 -4.70 69.20 23.83
CA LEU E 523 -3.76 68.10 23.61
C LEU E 523 -2.36 68.58 23.93
N VAL E 524 -1.47 67.66 24.27
CA VAL E 524 -0.12 67.98 24.74
C VAL E 524 0.86 67.08 24.00
N GLY E 525 1.44 67.60 22.91
CA GLY E 525 2.43 66.87 22.14
C GLY E 525 3.78 67.53 22.23
N ILE E 526 4.77 66.90 21.58
CA ILE E 526 6.15 67.37 21.63
C ILE E 526 6.65 67.69 20.23
N ASN E 527 6.78 66.68 19.38
CA ASN E 527 7.30 66.85 18.03
C ASN E 527 6.34 66.37 16.95
N LEU E 528 5.90 65.11 17.01
CA LEU E 528 5.13 64.54 15.93
C LEU E 528 3.80 65.26 15.73
N LEU E 529 3.27 65.88 16.78
CA LEU E 529 2.04 66.66 16.61
C LEU E 529 2.19 67.66 15.48
N ARG E 530 3.39 68.20 15.28
CA ARG E 530 3.61 69.20 14.24
C ARG E 530 3.10 68.74 12.88
N GLU E 531 2.96 67.44 12.65
CA GLU E 531 2.54 66.91 11.37
C GLU E 531 1.21 66.18 11.50
N GLY E 532 0.41 66.25 10.45
CA GLY E 532 -0.84 65.51 10.37
C GLY E 532 -1.93 65.95 11.31
N LEU E 533 -2.10 67.25 11.51
CA LEU E 533 -3.22 67.78 12.28
C LEU E 533 -3.74 69.03 11.59
N ASP E 534 -5.03 69.04 11.27
CA ASP E 534 -5.73 70.22 10.75
C ASP E 534 -6.96 70.43 11.62
N LEU E 535 -6.92 71.47 12.46
CA LEU E 535 -7.93 71.69 13.50
C LEU E 535 -8.49 73.09 13.36
N PRO E 536 -9.58 73.28 12.62
CA PRO E 536 -10.14 74.62 12.47
C PRO E 536 -10.71 75.21 13.76
N GLU E 537 -10.99 74.37 14.76
CA GLU E 537 -11.73 74.85 15.93
C GLU E 537 -10.82 75.33 17.05
N VAL E 538 -9.50 75.30 16.86
CA VAL E 538 -8.59 75.75 17.90
C VAL E 538 -8.27 77.23 17.71
N SER E 539 -8.65 78.05 18.68
CA SER E 539 -8.40 79.48 18.66
C SER E 539 -7.25 79.87 19.58
N LEU E 540 -6.55 78.90 20.17
CA LEU E 540 -5.47 79.19 21.11
C LEU E 540 -4.52 78.01 21.12
N VAL E 541 -3.22 78.30 21.08
CA VAL E 541 -2.17 77.28 21.18
C VAL E 541 -1.13 77.77 22.17
N ALA E 542 -0.47 76.81 22.84
CA ALA E 542 0.57 77.09 23.80
C ALA E 542 1.86 76.38 23.39
N ILE E 543 2.97 77.09 23.52
CA ILE E 543 4.28 76.62 23.06
C ILE E 543 5.22 76.66 24.26
N LEU E 544 5.58 75.49 24.78
CA LEU E 544 6.38 75.39 25.99
C LEU E 544 7.87 75.50 25.67
N ASP E 545 8.58 76.28 26.48
CA ASP E 545 10.05 76.30 26.52
C ASP E 545 10.63 76.44 25.11
N ALA E 546 10.14 77.41 24.35
CA ALA E 546 10.73 77.75 23.07
C ALA E 546 12.08 78.43 23.21
N ASP E 547 12.45 78.83 24.43
CA ASP E 547 13.73 79.53 24.64
C ASP E 547 14.91 78.74 24.10
N LYS E 548 14.89 77.42 24.23
CA LYS E 548 16.03 76.60 23.81
C LYS E 548 16.16 76.67 22.29
N GLU E 549 17.39 76.82 21.81
CA GLU E 549 17.67 76.84 20.38
C GLU E 549 17.83 75.40 19.90
N GLY E 550 16.78 74.86 19.28
CA GLY E 550 16.80 73.48 18.84
C GLY E 550 16.41 73.35 17.38
N PHE E 551 16.92 72.28 16.77
CA PHE E 551 16.65 72.04 15.35
C PHE E 551 15.16 71.77 15.13
N LEU E 552 14.56 70.93 15.95
CA LEU E 552 13.15 70.60 15.79
C LEU E 552 12.24 71.76 16.21
N ARG E 553 12.80 72.79 16.85
CA ARG E 553 12.04 73.97 17.27
C ARG E 553 12.56 75.22 16.56
N SER E 554 12.93 75.07 15.29
CA SER E 554 13.52 76.17 14.53
C SER E 554 12.44 77.11 13.99
N SER E 555 12.90 78.11 13.23
CA SER E 555 11.96 79.06 12.65
C SER E 555 10.89 78.35 11.85
N ARG E 556 11.24 77.22 11.20
CA ARG E 556 10.25 76.42 10.51
C ARG E 556 9.21 75.91 11.50
N SER E 557 9.65 75.48 12.68
CA SER E 557 8.74 74.99 13.71
C SER E 557 7.78 76.09 14.16
N LEU E 558 8.31 77.28 14.47
CA LEU E 558 7.44 78.36 14.92
C LEU E 558 6.49 78.81 13.82
N ILE E 559 6.96 78.84 12.58
CA ILE E 559 6.06 79.20 11.48
C ILE E 559 4.97 78.16 11.31
N GLN E 560 5.30 76.88 11.52
CA GLN E 560 4.29 75.83 11.43
C GLN E 560 3.24 76.02 12.52
N THR E 561 3.67 76.32 13.75
CA THR E 561 2.70 76.58 14.81
C THR E 561 1.86 77.81 14.49
N ILE E 562 2.48 78.83 13.88
CA ILE E 562 1.72 80.01 13.50
C ILE E 562 0.63 79.64 12.50
N GLY E 563 0.98 78.85 11.50
CA GLY E 563 -0.02 78.38 10.54
C GLY E 563 -1.11 77.57 11.22
N ARG E 564 -0.72 76.73 12.18
CA ARG E 564 -1.70 75.96 12.93
C ARG E 564 -2.70 76.88 13.63
N ALA E 565 -2.20 77.89 14.34
CA ALA E 565 -3.06 78.80 15.08
C ALA E 565 -3.83 79.75 14.17
N ALA E 566 -3.40 79.90 12.91
CA ALA E 566 -4.11 80.76 11.97
C ALA E 566 -5.42 80.14 11.49
N ARG E 567 -5.69 78.89 11.82
CA ARG E 567 -6.89 78.23 11.32
C ARG E 567 -8.16 78.95 11.77
N ASN E 568 -8.26 79.23 13.07
CA ASN E 568 -9.47 79.85 13.60
C ASN E 568 -9.58 81.30 13.14
N VAL E 569 -10.82 81.81 13.14
CA VAL E 569 -11.07 83.18 12.70
C VAL E 569 -10.27 84.15 13.55
N SER E 570 -10.23 83.92 14.86
CA SER E 570 -9.51 84.76 15.81
C SER E 570 -8.54 83.93 16.63
N GLY E 571 -7.78 83.07 15.97
CA GLY E 571 -6.82 82.23 16.66
C GLY E 571 -5.82 83.04 17.46
N GLU E 572 -5.08 82.34 18.31
CA GLU E 572 -4.12 82.99 19.19
C GLU E 572 -2.96 82.04 19.47
N VAL E 573 -1.77 82.62 19.55
CA VAL E 573 -0.54 81.91 19.90
C VAL E 573 -0.09 82.40 21.28
N HIS E 574 0.47 81.49 22.08
CA HIS E 574 0.96 81.84 23.41
C HIS E 574 2.19 81.00 23.67
N MET E 575 3.37 81.60 23.54
CA MET E 575 4.63 80.91 23.76
C MET E 575 5.14 81.28 25.14
N TYR E 576 5.32 80.27 26.00
CA TYR E 576 5.78 80.44 27.37
C TYR E 576 7.24 80.01 27.44
N ALA E 577 8.14 80.98 27.57
CA ALA E 577 9.56 80.69 27.76
C ALA E 577 10.20 81.86 28.47
N ASP E 578 11.23 81.56 29.27
CA ASP E 578 11.92 82.61 30.02
C ASP E 578 12.45 83.68 29.09
N LYS E 579 13.19 83.28 28.07
CA LYS E 579 13.71 84.20 27.06
C LYS E 579 13.01 83.96 25.73
N ILE E 580 13.30 84.83 24.77
CA ILE E 580 12.66 84.81 23.46
C ILE E 580 13.74 84.54 22.42
N THR E 581 13.55 83.51 21.61
CA THR E 581 14.48 83.19 20.54
C THR E 581 14.26 84.10 19.35
N ASP E 582 15.36 84.39 18.64
CA ASP E 582 15.28 85.30 17.50
C ASP E 582 14.27 84.80 16.47
N SER E 583 14.32 83.50 16.15
CA SER E 583 13.44 82.97 15.12
C SER E 583 11.98 83.12 15.52
N MET E 584 11.66 82.83 16.77
CA MET E 584 10.27 82.87 17.20
C MET E 584 9.68 84.27 17.05
N ARG E 585 10.39 85.29 17.52
CA ARG E 585 9.79 86.62 17.49
C ARG E 585 9.89 87.25 16.11
N GLU E 586 10.93 86.96 15.32
CA GLU E 586 10.91 87.46 13.94
C GLU E 586 9.77 86.84 13.16
N ALA E 587 9.53 85.54 13.36
CA ALA E 587 8.40 84.88 12.71
C ALA E 587 7.09 85.51 13.15
N ILE E 588 6.95 85.79 14.45
CA ILE E 588 5.72 86.41 14.93
C ILE E 588 5.53 87.78 14.29
N ASP E 589 6.59 88.58 14.22
CA ASP E 589 6.47 89.93 13.66
C ASP E 589 6.08 89.88 12.20
N GLU E 590 6.75 89.04 11.40
CA GLU E 590 6.38 88.93 9.99
C GLU E 590 4.95 88.41 9.87
N THR E 591 4.57 87.49 10.75
CA THR E 591 3.20 86.98 10.73
C THR E 591 2.20 88.09 10.98
N GLU E 592 2.47 88.95 11.95
CA GLU E 592 1.51 90.00 12.30
C GLU E 592 1.44 91.06 11.21
N ARG E 593 2.58 91.39 10.59
CA ARG E 593 2.53 92.37 9.51
C ARG E 593 1.79 91.82 8.30
N ARG E 594 2.04 90.56 7.93
CA ARG E 594 1.26 90.00 6.83
C ARG E 594 -0.19 89.81 7.24
N ARG E 595 -0.46 89.63 8.53
CA ARG E 595 -1.83 89.59 9.02
C ARG E 595 -2.52 90.93 8.81
N ALA E 596 -1.83 92.02 9.12
CA ALA E 596 -2.36 93.35 8.86
C ALA E 596 -2.60 93.54 7.37
N LYS E 597 -1.69 93.03 6.54
CA LYS E 597 -1.87 93.10 5.10
C LYS E 597 -3.13 92.34 4.68
N GLN E 598 -3.33 91.14 5.22
CA GLN E 598 -4.51 90.36 4.89
C GLN E 598 -5.78 91.06 5.35
N ILE E 599 -5.76 91.65 6.53
CA ILE E 599 -6.92 92.38 7.04
C ILE E 599 -7.23 93.57 6.14
N ALA E 600 -6.18 94.28 5.71
CA ALA E 600 -6.39 95.40 4.80
C ALA E 600 -7.01 94.93 3.49
N TYR E 601 -6.53 93.82 2.95
CA TYR E 601 -7.11 93.27 1.74
C TYR E 601 -8.57 92.90 1.95
N ASN E 602 -8.87 92.23 3.07
CA ASN E 602 -10.25 91.88 3.39
C ASN E 602 -11.13 93.12 3.39
N GLU E 603 -10.80 94.09 4.23
CA GLU E 603 -11.62 95.30 4.36
C GLU E 603 -11.66 96.12 3.08
N ALA E 604 -10.65 96.04 2.23
CA ALA E 604 -10.73 96.66 0.92
C ALA E 604 -11.76 95.97 0.06
N ASN E 605 -11.84 94.63 0.15
CA ASN E 605 -12.93 93.90 -0.50
C ASN E 605 -14.27 94.16 0.15
N GLY E 606 -14.31 94.82 1.31
CA GLY E 606 -15.55 94.93 2.05
C GLY E 606 -16.02 93.61 2.60
N ILE E 607 -15.10 92.64 2.71
CA ILE E 607 -15.43 91.27 3.10
C ILE E 607 -14.65 90.95 4.37
N ASP E 608 -15.36 90.49 5.39
CA ASP E 608 -14.71 90.02 6.60
C ASP E 608 -13.97 88.72 6.29
N PRO E 609 -12.93 88.38 7.08
CA PRO E 609 -12.32 87.06 6.93
C PRO E 609 -13.37 85.95 6.84
N GLN E 610 -13.42 85.27 5.70
CA GLN E 610 -14.48 84.32 5.42
C GLN E 610 -13.99 82.90 5.70
N PRO E 611 -14.56 82.18 6.66
CA PRO E 611 -14.23 80.76 6.79
C PRO E 611 -14.67 79.99 5.55
N LEU E 612 -13.87 79.01 5.17
CA LEU E 612 -14.14 78.21 3.98
C LEU E 612 -13.85 76.73 4.24
#